data_7CWH
#
_entry.id   7CWH
#
loop_
_entity.id
_entity.type
_entity.pdbx_description
1 polymer 'Peptide from Histone H3.3'
2 polymer 'Protein kinase C-binding protein 1'
3 non-polymer 'ZINC ION'
#
loop_
_entity_poly.entity_id
_entity_poly.type
_entity_poly.pdbx_seq_one_letter_code
_entity_poly.pdbx_strand_id
1 'polypeptide(L)' STGRVKKPHRY A
2 'polypeptide(L)' QDGRNDFYCWVCHREGQVLCCELCPRVYHAKCLRLTSEPEGDWFCPECEKITVAECIETQS B
#
# COMPACT_ATOMS: atom_id res chain seq x y z
N SER A 1 -4.54 -3.24 -15.93
CA SER A 1 -5.70 -3.20 -15.01
C SER A 1 -6.08 -4.63 -14.60
N THR A 2 -7.08 -5.19 -15.23
CA THR A 2 -7.49 -6.57 -14.87
C THR A 2 -7.65 -6.69 -13.36
N GLY A 3 -7.95 -7.86 -12.87
CA GLY A 3 -8.12 -8.03 -11.40
C GLY A 3 -6.75 -8.09 -10.73
N ARG A 4 -5.90 -7.17 -11.01
CA ARG A 4 -4.55 -7.17 -10.39
C ARG A 4 -4.68 -7.23 -8.87
N VAL A 5 -5.69 -6.58 -8.33
CA VAL A 5 -5.88 -6.60 -6.85
C VAL A 5 -7.31 -7.01 -6.53
N LYS A 6 -7.58 -7.38 -5.30
CA LYS A 6 -8.96 -7.78 -4.92
C LYS A 6 -9.85 -6.54 -4.86
N LYS A 7 -11.04 -6.63 -5.40
CA LYS A 7 -11.95 -5.45 -5.38
C LYS A 7 -13.37 -5.92 -5.03
N PRO A 8 -13.55 -6.44 -3.84
CA PRO A 8 -14.88 -6.93 -3.38
C PRO A 8 -15.84 -5.79 -3.08
N HIS A 9 -15.40 -4.57 -3.22
CA HIS A 9 -16.30 -3.42 -2.95
C HIS A 9 -16.85 -3.53 -1.52
N ARG A 10 -16.11 -3.05 -0.56
CA ARG A 10 -16.59 -3.13 0.85
C ARG A 10 -17.97 -2.49 0.97
N TYR A 11 -18.18 -1.41 0.25
CA TYR A 11 -19.51 -0.72 0.32
C TYR A 11 -20.62 -1.76 0.10
N GLN B 1 -1.23 5.37 -17.34
CA GLN B 1 -1.60 6.72 -16.82
C GLN B 1 -2.09 6.58 -15.38
N ASP B 2 -2.47 5.41 -14.98
CA ASP B 2 -2.97 5.22 -13.58
C ASP B 2 -1.78 4.98 -12.65
N GLY B 3 -0.58 5.18 -13.14
CA GLY B 3 0.62 4.96 -12.28
C GLY B 3 0.99 3.48 -12.28
N ARG B 4 0.52 2.73 -13.24
CA ARG B 4 0.83 1.28 -13.29
C ARG B 4 1.02 0.76 -11.86
N ASN B 5 -0.04 0.50 -11.16
CA ASN B 5 0.09 -0.01 -9.77
C ASN B 5 0.78 -1.38 -9.79
N ASP B 6 0.77 -2.04 -10.92
CA ASP B 6 1.43 -3.38 -11.00
C ASP B 6 2.93 -3.20 -11.15
N PHE B 7 3.71 -3.87 -10.35
CA PHE B 7 5.19 -3.75 -10.46
C PHE B 7 5.87 -4.88 -9.68
N TYR B 8 6.23 -4.63 -8.45
CA TYR B 8 6.91 -5.70 -7.64
C TYR B 8 6.76 -5.41 -6.12
N CYS B 9 6.38 -6.40 -5.35
CA CYS B 9 6.26 -6.20 -3.87
C CYS B 9 7.64 -6.50 -3.29
N TRP B 10 8.23 -5.57 -2.59
CA TRP B 10 9.59 -5.80 -2.02
C TRP B 10 9.61 -7.04 -1.11
N VAL B 11 8.51 -7.40 -0.52
CA VAL B 11 8.53 -8.60 0.39
C VAL B 11 8.75 -9.88 -0.44
N CYS B 12 8.11 -10.01 -1.56
CA CYS B 12 8.28 -11.24 -2.38
C CYS B 12 9.17 -10.94 -3.59
N HIS B 13 9.33 -9.69 -3.92
CA HIS B 13 10.15 -9.37 -5.11
C HIS B 13 9.41 -9.88 -6.34
N ARG B 14 8.14 -10.16 -6.21
CA ARG B 14 7.34 -10.67 -7.35
C ARG B 14 6.13 -9.76 -7.57
N GLU B 15 5.54 -9.81 -8.74
CA GLU B 15 4.36 -8.94 -9.01
C GLU B 15 3.08 -9.75 -8.83
N GLY B 16 2.04 -9.14 -8.33
CA GLY B 16 0.76 -9.89 -8.15
C GLY B 16 0.06 -9.38 -6.87
N GLN B 17 -1.19 -9.00 -6.99
CA GLN B 17 -1.93 -8.51 -5.79
C GLN B 17 -1.12 -7.43 -5.09
N VAL B 18 -1.01 -6.27 -5.69
CA VAL B 18 -0.24 -5.17 -5.05
C VAL B 18 -1.07 -3.89 -5.05
N LEU B 19 -0.93 -3.08 -4.03
CA LEU B 19 -1.71 -1.81 -3.97
C LEU B 19 -0.77 -0.62 -4.21
N CYS B 20 -1.29 0.49 -4.64
CA CYS B 20 -0.42 1.68 -4.88
C CYS B 20 -0.38 2.59 -3.65
N CYS B 21 0.79 2.91 -3.17
CA CYS B 21 0.89 3.81 -1.98
C CYS B 21 1.34 5.20 -2.46
N GLU B 22 0.80 6.25 -1.89
CA GLU B 22 1.19 7.61 -2.35
C GLU B 22 2.31 8.17 -1.46
N LEU B 23 2.40 7.69 -0.25
CA LEU B 23 3.45 8.21 0.68
C LEU B 23 4.62 7.22 0.72
N CYS B 24 4.59 6.22 -0.13
CA CYS B 24 5.69 5.22 -0.13
C CYS B 24 5.77 4.56 -1.50
N PRO B 25 6.79 3.79 -1.72
CA PRO B 25 7.02 3.08 -3.00
C PRO B 25 5.75 3.00 -3.84
N ARG B 26 5.80 3.48 -5.05
CA ARG B 26 4.60 3.49 -5.92
C ARG B 26 3.80 2.17 -5.81
N VAL B 27 4.45 1.06 -5.61
CA VAL B 27 3.69 -0.23 -5.55
C VAL B 27 4.06 -1.01 -4.28
N TYR B 28 3.10 -1.65 -3.67
CA TYR B 28 3.41 -2.45 -2.46
C TYR B 28 2.37 -3.57 -2.29
N HIS B 29 2.71 -4.54 -1.49
CA HIS B 29 1.83 -5.73 -1.29
C HIS B 29 0.74 -5.50 -0.23
N ALA B 30 -0.39 -6.11 -0.43
CA ALA B 30 -1.50 -6.03 0.57
C ALA B 30 -1.56 -7.40 1.24
N LYS B 31 -1.11 -8.40 0.53
CA LYS B 31 -1.12 -9.80 1.07
C LYS B 31 -0.04 -9.89 2.13
N CYS B 32 1.17 -9.59 1.76
CA CYS B 32 2.30 -9.67 2.72
C CYS B 32 1.95 -8.82 3.94
N LEU B 33 1.23 -7.75 3.72
CA LEU B 33 0.83 -6.88 4.86
C LEU B 33 -0.38 -7.51 5.53
N ARG B 34 -0.96 -8.50 4.90
CA ARG B 34 -2.15 -9.19 5.47
C ARG B 34 -3.32 -8.21 5.55
N LEU B 35 -3.55 -7.47 4.49
CA LEU B 35 -4.69 -6.52 4.49
C LEU B 35 -5.94 -7.22 3.93
N THR B 36 -7.04 -7.08 4.59
CA THR B 36 -8.28 -7.76 4.12
C THR B 36 -9.24 -6.72 3.51
N SER B 37 -8.86 -5.47 3.56
CA SER B 37 -9.74 -4.41 3.00
C SER B 37 -9.07 -3.80 1.77
N GLU B 38 -9.85 -3.35 0.82
CA GLU B 38 -9.25 -2.75 -0.41
C GLU B 38 -9.65 -1.27 -0.49
N PRO B 39 -8.81 -0.41 0.03
CA PRO B 39 -9.07 1.06 0.03
C PRO B 39 -8.78 1.69 -1.35
N GLU B 40 -9.48 2.73 -1.69
CA GLU B 40 -9.24 3.38 -3.01
C GLU B 40 -8.63 4.77 -2.81
N GLY B 41 -7.83 5.21 -3.73
CA GLY B 41 -7.20 6.57 -3.59
C GLY B 41 -5.88 6.42 -2.82
N ASP B 42 -5.33 7.52 -2.37
CA ASP B 42 -4.05 7.45 -1.62
C ASP B 42 -4.23 6.61 -0.35
N TRP B 43 -3.75 5.39 -0.36
CA TRP B 43 -3.89 4.52 0.84
C TRP B 43 -2.54 4.43 1.55
N PHE B 44 -2.55 4.33 2.85
CA PHE B 44 -1.26 4.28 3.60
C PHE B 44 -1.05 2.86 4.14
N CYS B 45 -0.09 2.14 3.62
CA CYS B 45 0.16 0.76 4.14
C CYS B 45 0.55 0.85 5.61
N PRO B 46 0.19 -0.13 6.39
CA PRO B 46 0.52 -0.15 7.84
C PRO B 46 1.91 0.43 8.09
N GLU B 47 2.81 0.26 7.16
CA GLU B 47 4.19 0.79 7.35
C GLU B 47 4.13 2.32 7.44
N CYS B 48 3.45 2.98 6.53
CA CYS B 48 3.39 4.46 6.61
C CYS B 48 2.47 4.87 7.76
N GLU B 49 1.38 4.18 7.96
CA GLU B 49 0.45 4.52 9.07
C GLU B 49 1.15 4.30 10.42
N LYS B 50 1.95 3.28 10.54
CA LYS B 50 2.63 3.00 11.85
C LYS B 50 3.50 4.20 12.24
N ILE B 51 4.28 4.70 11.33
CA ILE B 51 5.16 5.86 11.66
C ILE B 51 4.33 7.13 11.76
N THR B 52 3.20 7.16 11.10
CA THR B 52 2.35 8.39 11.16
C THR B 52 1.74 8.52 12.57
N VAL B 53 1.33 7.43 13.15
CA VAL B 53 0.72 7.50 14.52
C VAL B 53 1.80 7.92 15.53
N ALA B 54 2.99 7.42 15.37
CA ALA B 54 4.08 7.79 16.32
C ALA B 54 4.41 9.28 16.17
N GLU B 55 4.09 9.86 15.04
CA GLU B 55 4.38 11.30 14.84
C GLU B 55 5.85 11.58 15.18
N CYS B 56 6.23 12.83 15.22
CA CYS B 56 7.65 13.16 15.54
C CYS B 56 8.07 12.40 16.80
N ILE B 57 8.80 11.33 16.64
CA ILE B 57 9.25 10.55 17.82
C ILE B 57 10.08 11.44 18.74
N GLU B 58 10.87 12.31 18.17
CA GLU B 58 11.72 13.21 19.01
C GLU B 58 10.96 14.52 19.27
N THR B 59 11.19 15.14 20.40
CA THR B 59 10.49 16.41 20.71
C THR B 59 11.19 17.56 19.99
N GLN B 60 10.43 18.47 19.42
CA GLN B 60 11.05 19.61 18.70
C GLN B 60 11.20 20.80 19.66
N SER B 61 12.37 21.35 19.75
CA SER B 61 12.57 22.51 20.67
C SER B 61 12.02 22.17 22.06
N SER A 1 -7.91 -5.74 -19.10
CA SER A 1 -7.13 -5.04 -18.04
C SER A 1 -7.78 -5.31 -16.68
N THR A 2 -7.34 -6.32 -15.99
CA THR A 2 -7.92 -6.63 -14.65
C THR A 2 -7.28 -5.73 -13.59
N GLY A 3 -7.90 -5.61 -12.45
CA GLY A 3 -7.32 -4.75 -11.39
C GLY A 3 -6.12 -5.44 -10.76
N ARG A 4 -5.00 -4.75 -10.66
CA ARG A 4 -3.79 -5.37 -10.07
C ARG A 4 -4.10 -5.84 -8.64
N VAL A 5 -4.92 -5.11 -7.93
CA VAL A 5 -5.26 -5.51 -6.55
C VAL A 5 -6.78 -5.45 -6.34
N LYS A 6 -7.30 -6.27 -5.47
CA LYS A 6 -8.77 -6.25 -5.23
C LYS A 6 -9.21 -4.83 -4.84
N LYS A 7 -10.49 -4.57 -4.84
CA LYS A 7 -10.97 -3.21 -4.46
C LYS A 7 -12.40 -3.32 -3.90
N PRO A 8 -13.32 -3.77 -4.71
CA PRO A 8 -14.74 -3.92 -4.29
C PRO A 8 -14.89 -4.87 -3.09
N HIS A 9 -15.66 -4.49 -2.11
CA HIS A 9 -15.84 -5.37 -0.93
C HIS A 9 -16.98 -4.83 -0.06
N ARG A 10 -17.07 -3.52 0.05
CA ARG A 10 -18.15 -2.93 0.89
C ARG A 10 -18.48 -1.53 0.38
N TYR A 11 -19.60 -0.98 0.77
CA TYR A 11 -19.98 0.38 0.31
C TYR A 11 -18.80 1.33 0.52
N GLN B 1 -4.36 3.18 -20.58
CA GLN B 1 -3.03 3.26 -19.91
C GLN B 1 -3.21 3.80 -18.48
N ASP B 2 -3.21 2.93 -17.51
CA ASP B 2 -3.38 3.40 -16.11
C ASP B 2 -2.02 3.80 -15.52
N GLY B 3 -1.00 3.83 -16.35
CA GLY B 3 0.34 4.21 -15.85
C GLY B 3 1.02 3.01 -15.19
N ARG B 4 0.54 1.82 -15.49
CA ARG B 4 1.15 0.61 -14.88
C ARG B 4 1.74 0.96 -13.51
N ASN B 5 0.91 1.03 -12.50
CA ASN B 5 1.41 1.36 -11.13
C ASN B 5 2.00 0.11 -10.49
N ASP B 6 2.01 -0.98 -11.18
CA ASP B 6 2.56 -2.24 -10.61
C ASP B 6 4.07 -2.29 -10.85
N PHE B 7 4.83 -2.61 -9.84
CA PHE B 7 6.32 -2.70 -10.03
C PHE B 7 6.86 -3.92 -9.28
N TYR B 8 7.04 -3.80 -7.98
CA TYR B 8 7.57 -4.95 -7.18
C TYR B 8 7.21 -4.81 -5.68
N CYS B 9 6.93 -5.90 -5.01
CA CYS B 9 6.61 -5.84 -3.55
C CYS B 9 7.92 -6.18 -2.82
N TRP B 10 8.36 -5.34 -1.92
CA TRP B 10 9.63 -5.62 -1.19
C TRP B 10 9.50 -6.89 -0.32
N VAL B 11 8.32 -7.24 0.09
CA VAL B 11 8.19 -8.46 0.96
C VAL B 11 8.54 -9.72 0.16
N CYS B 12 7.99 -9.87 -1.02
CA CYS B 12 8.27 -11.09 -1.84
C CYS B 12 9.17 -10.72 -3.02
N HIS B 13 9.26 -9.46 -3.33
CA HIS B 13 10.08 -9.06 -4.51
C HIS B 13 9.37 -9.56 -5.76
N ARG B 14 8.10 -9.87 -5.65
CA ARG B 14 7.32 -10.36 -6.82
C ARG B 14 6.40 -9.26 -7.33
N GLU B 15 5.79 -9.45 -8.45
CA GLU B 15 4.88 -8.40 -9.01
C GLU B 15 3.44 -8.92 -9.00
N GLY B 16 2.49 -8.06 -9.20
CA GLY B 16 1.07 -8.50 -9.22
C GLY B 16 0.49 -8.43 -7.80
N GLN B 17 -0.80 -8.23 -7.69
CA GLN B 17 -1.42 -8.14 -6.34
C GLN B 17 -0.70 -7.10 -5.49
N VAL B 18 -0.51 -5.92 -6.02
CA VAL B 18 0.19 -4.86 -5.25
C VAL B 18 -0.73 -3.65 -5.06
N LEU B 19 -0.62 -2.98 -3.95
CA LEU B 19 -1.50 -1.79 -3.70
C LEU B 19 -0.66 -0.51 -3.82
N CYS B 20 -1.24 0.53 -4.35
CA CYS B 20 -0.47 1.80 -4.50
C CYS B 20 -0.56 2.64 -3.21
N CYS B 21 0.54 3.18 -2.76
CA CYS B 21 0.50 4.02 -1.52
C CYS B 21 0.60 5.50 -1.93
N GLU B 22 0.82 6.38 -0.98
CA GLU B 22 0.93 7.82 -1.34
C GLU B 22 1.98 8.50 -0.46
N LEU B 23 2.66 7.75 0.36
CA LEU B 23 3.69 8.36 1.25
C LEU B 23 4.95 7.51 1.22
N CYS B 24 5.01 6.54 0.34
CA CYS B 24 6.21 5.67 0.26
C CYS B 24 6.26 4.97 -1.10
N PRO B 25 7.25 4.16 -1.31
CA PRO B 25 7.43 3.42 -2.57
C PRO B 25 6.17 3.43 -3.44
N ARG B 26 6.30 3.84 -4.67
CA ARG B 26 5.10 3.95 -5.56
C ARG B 26 4.13 2.78 -5.37
N VAL B 27 4.62 1.57 -5.24
CA VAL B 27 3.68 0.42 -5.10
C VAL B 27 4.11 -0.49 -3.95
N TYR B 28 3.17 -1.16 -3.33
CA TYR B 28 3.53 -2.09 -2.23
C TYR B 28 2.51 -3.23 -2.15
N HIS B 29 2.86 -4.27 -1.45
CA HIS B 29 1.99 -5.48 -1.34
C HIS B 29 0.90 -5.33 -0.27
N ALA B 30 -0.29 -5.76 -0.59
CA ALA B 30 -1.39 -5.77 0.40
C ALA B 30 -1.63 -7.24 0.76
N LYS B 31 -1.32 -8.11 -0.17
CA LYS B 31 -1.51 -9.57 0.05
C LYS B 31 -0.60 -9.98 1.21
N CYS B 32 0.63 -9.55 1.16
CA CYS B 32 1.59 -9.89 2.25
C CYS B 32 0.97 -9.46 3.58
N LEU B 33 0.18 -8.43 3.55
CA LEU B 33 -0.50 -7.98 4.80
C LEU B 33 -1.70 -8.90 5.06
N ARG B 34 -2.11 -9.62 4.05
CA ARG B 34 -3.25 -10.56 4.21
C ARG B 34 -4.49 -9.79 4.66
N LEU B 35 -4.78 -8.69 4.02
CA LEU B 35 -5.98 -7.90 4.40
C LEU B 35 -7.22 -8.55 3.79
N THR B 36 -8.38 -8.20 4.29
CA THR B 36 -9.63 -8.81 3.75
C THR B 36 -10.44 -7.75 3.00
N SER B 37 -10.12 -6.49 3.22
CA SER B 37 -10.87 -5.41 2.53
C SER B 37 -9.90 -4.32 2.09
N GLU B 38 -10.16 -3.68 0.99
CA GLU B 38 -9.24 -2.61 0.51
C GLU B 38 -9.98 -1.28 0.46
N PRO B 39 -9.92 -0.53 1.54
CA PRO B 39 -10.58 0.80 1.63
C PRO B 39 -10.13 1.75 0.50
N GLU B 40 -10.97 2.65 0.09
CA GLU B 40 -10.58 3.59 -0.99
C GLU B 40 -9.93 4.84 -0.38
N GLY B 41 -8.98 5.42 -1.06
CA GLY B 41 -8.30 6.63 -0.52
C GLY B 41 -6.80 6.38 -0.45
N ASP B 42 -6.09 7.19 0.29
CA ASP B 42 -4.61 7.00 0.40
C ASP B 42 -4.31 5.80 1.31
N TRP B 43 -3.81 4.74 0.76
CA TRP B 43 -3.48 3.55 1.58
C TRP B 43 -2.07 3.71 2.15
N PHE B 44 -1.92 3.60 3.44
CA PHE B 44 -0.58 3.79 4.06
C PHE B 44 -0.02 2.43 4.51
N CYS B 45 1.01 1.95 3.88
CA CYS B 45 1.57 0.63 4.29
C CYS B 45 1.84 0.67 5.80
N PRO B 46 1.77 -0.46 6.45
CA PRO B 46 2.00 -0.56 7.90
C PRO B 46 3.19 0.30 8.32
N GLU B 47 4.20 0.37 7.48
CA GLU B 47 5.41 1.17 7.84
C GLU B 47 5.01 2.65 7.96
N CYS B 48 4.31 3.18 7.00
CA CYS B 48 3.92 4.63 7.09
C CYS B 48 2.82 4.78 8.15
N GLU B 49 1.88 3.87 8.18
CA GLU B 49 0.78 3.96 9.20
C GLU B 49 1.36 3.85 10.61
N LYS B 50 2.41 3.09 10.79
CA LYS B 50 3.00 2.93 12.16
C LYS B 50 3.54 4.27 12.65
N ILE B 51 4.25 4.97 11.82
CA ILE B 51 4.82 6.29 12.25
C ILE B 51 3.73 7.37 12.16
N THR B 52 2.71 7.14 11.39
CA THR B 52 1.62 8.16 11.28
C THR B 52 0.85 8.25 12.59
N VAL B 53 0.57 7.14 13.22
CA VAL B 53 -0.18 7.17 14.50
C VAL B 53 0.76 7.61 15.63
N ALA B 54 2.00 7.23 15.57
CA ALA B 54 2.96 7.62 16.64
C ALA B 54 3.23 9.13 16.54
N GLU B 55 2.89 9.74 15.45
CA GLU B 55 3.12 11.21 15.30
C GLU B 55 4.59 11.51 15.64
N CYS B 56 4.88 12.74 15.98
CA CYS B 56 6.28 13.11 16.32
C CYS B 56 6.62 12.57 17.71
N ILE B 57 7.37 11.49 17.77
CA ILE B 57 7.75 10.93 19.09
C ILE B 57 8.54 11.95 19.89
N GLU B 58 9.51 12.59 19.27
CA GLU B 58 10.32 13.60 19.99
C GLU B 58 11.22 14.33 19.01
N THR B 59 10.68 15.24 18.24
CA THR B 59 11.51 15.99 17.26
C THR B 59 11.22 17.49 17.38
N GLN B 60 12.07 18.31 16.83
CA GLN B 60 11.84 19.78 16.91
C GLN B 60 12.32 20.45 15.62
N SER B 61 11.89 21.66 15.38
CA SER B 61 12.33 22.36 14.14
C SER B 61 13.85 22.57 14.17
N SER A 1 -3.57 -3.23 -16.12
CA SER A 1 -4.67 -2.96 -17.10
C SER A 1 -5.77 -4.00 -16.93
N THR A 2 -5.46 -5.10 -16.30
CA THR A 2 -6.50 -6.16 -16.10
C THR A 2 -6.27 -6.85 -14.76
N GLY A 3 -5.26 -6.44 -14.03
CA GLY A 3 -5.00 -7.07 -12.71
C GLY A 3 -4.12 -6.14 -11.87
N ARG A 4 -4.48 -5.92 -10.63
CA ARG A 4 -3.68 -5.03 -9.76
C ARG A 4 -4.18 -5.13 -8.32
N VAL A 5 -5.17 -4.37 -7.97
CA VAL A 5 -5.71 -4.42 -6.58
C VAL A 5 -7.00 -5.24 -6.55
N LYS A 6 -7.35 -5.78 -5.42
CA LYS A 6 -8.60 -6.59 -5.34
C LYS A 6 -9.80 -5.66 -5.15
N LYS A 7 -9.79 -4.53 -5.80
CA LYS A 7 -10.93 -3.57 -5.67
C LYS A 7 -12.23 -4.26 -6.10
N PRO A 8 -12.19 -4.95 -7.20
CA PRO A 8 -13.37 -5.67 -7.75
C PRO A 8 -13.93 -6.68 -6.76
N HIS A 9 -13.14 -7.13 -5.83
CA HIS A 9 -13.64 -8.12 -4.83
C HIS A 9 -14.85 -7.54 -4.11
N ARG A 10 -14.78 -6.29 -3.73
CA ARG A 10 -15.93 -5.67 -3.02
C ARG A 10 -17.16 -5.63 -3.95
N TYR A 11 -18.33 -5.77 -3.40
CA TYR A 11 -19.55 -5.73 -4.26
C TYR A 11 -19.51 -4.50 -5.16
N GLN B 1 -3.73 9.90 -16.70
CA GLN B 1 -3.62 8.44 -17.02
C GLN B 1 -3.52 7.65 -15.71
N ASP B 2 -3.61 6.36 -15.79
CA ASP B 2 -3.52 5.52 -14.56
C ASP B 2 -2.18 5.78 -13.86
N GLY B 3 -1.14 6.00 -14.62
CA GLY B 3 0.19 6.26 -14.01
C GLY B 3 0.87 4.92 -13.69
N ARG B 4 0.43 3.85 -14.31
CA ARG B 4 1.04 2.53 -14.05
C ARG B 4 1.56 2.49 -12.61
N ASN B 5 0.69 2.28 -11.66
CA ASN B 5 1.13 2.23 -10.23
C ASN B 5 1.61 0.81 -9.90
N ASP B 6 1.65 -0.05 -10.87
CA ASP B 6 2.10 -1.45 -10.61
C ASP B 6 3.60 -1.46 -10.32
N PHE B 7 4.04 -2.30 -9.43
CA PHE B 7 5.51 -2.36 -9.12
C PHE B 7 5.84 -3.70 -8.46
N TYR B 8 6.24 -3.70 -7.22
CA TYR B 8 6.59 -4.99 -6.53
C TYR B 8 6.45 -4.86 -5.00
N CYS B 9 6.03 -5.91 -4.34
CA CYS B 9 5.91 -5.86 -2.85
C CYS B 9 7.27 -6.22 -2.28
N TRP B 10 7.85 -5.37 -1.48
CA TRP B 10 9.20 -5.65 -0.90
C TRP B 10 9.16 -6.92 -0.02
N VAL B 11 8.02 -7.30 0.48
CA VAL B 11 7.98 -8.52 1.35
C VAL B 11 8.19 -9.78 0.49
N CYS B 12 7.65 -9.81 -0.70
CA CYS B 12 7.81 -11.03 -1.56
C CYS B 12 8.63 -10.68 -2.79
N HIS B 13 8.83 -9.42 -3.05
CA HIS B 13 9.60 -9.05 -4.26
C HIS B 13 8.80 -9.49 -5.49
N ARG B 14 7.52 -9.72 -5.31
CA ARG B 14 6.66 -10.15 -6.43
C ARG B 14 5.50 -9.17 -6.61
N GLU B 15 5.01 -9.02 -7.81
CA GLU B 15 3.88 -8.08 -8.03
C GLU B 15 2.56 -8.86 -8.06
N GLY B 16 1.50 -8.26 -7.57
CA GLY B 16 0.18 -8.96 -7.57
C GLY B 16 -0.61 -8.57 -6.32
N GLN B 17 -1.81 -8.10 -6.49
CA GLN B 17 -2.63 -7.70 -5.31
C GLN B 17 -1.88 -6.70 -4.46
N VAL B 18 -1.77 -5.47 -4.92
CA VAL B 18 -1.03 -4.45 -4.13
C VAL B 18 -1.85 -3.15 -4.08
N LEU B 19 -1.74 -2.41 -3.00
CA LEU B 19 -2.50 -1.14 -2.90
C LEU B 19 -1.56 0.04 -3.12
N CYS B 20 -2.07 1.17 -3.53
CA CYS B 20 -1.19 2.35 -3.77
C CYS B 20 -1.10 3.22 -2.51
N CYS B 21 0.09 3.47 -2.02
CA CYS B 21 0.23 4.33 -0.80
C CYS B 21 0.50 5.77 -1.29
N GLU B 22 -0.02 6.77 -0.63
CA GLU B 22 0.22 8.16 -1.10
C GLU B 22 1.31 8.82 -0.27
N LEU B 23 1.94 8.08 0.60
CA LEU B 23 3.01 8.68 1.44
C LEU B 23 4.23 7.76 1.44
N CYS B 24 4.22 6.76 0.61
CA CYS B 24 5.37 5.81 0.56
C CYS B 24 5.37 5.06 -0.76
N PRO B 25 6.35 4.23 -0.97
CA PRO B 25 6.50 3.42 -2.21
C PRO B 25 5.18 3.37 -3.00
N ARG B 26 5.23 3.75 -4.25
CA ARG B 26 3.99 3.79 -5.07
C ARG B 26 3.12 2.54 -4.85
N VAL B 27 3.70 1.38 -4.72
CA VAL B 27 2.86 0.16 -4.56
C VAL B 27 3.34 -0.68 -3.37
N TYR B 28 2.43 -1.31 -2.68
CA TYR B 28 2.85 -2.18 -1.54
C TYR B 28 1.84 -3.31 -1.35
N HIS B 29 2.22 -4.31 -0.61
CA HIS B 29 1.39 -5.52 -0.41
C HIS B 29 0.32 -5.34 0.68
N ALA B 30 -0.84 -5.88 0.46
CA ALA B 30 -1.91 -5.87 1.50
C ALA B 30 -2.05 -7.31 1.99
N LYS B 31 -1.65 -8.24 1.16
CA LYS B 31 -1.72 -9.68 1.52
C LYS B 31 -0.72 -9.94 2.63
N CYS B 32 0.51 -9.57 2.40
CA CYS B 32 1.56 -9.76 3.42
C CYS B 32 1.10 -9.11 4.72
N LEU B 33 0.37 -8.03 4.61
CA LEU B 33 -0.17 -7.35 5.81
C LEU B 33 -1.41 -8.12 6.28
N ARG B 34 -1.88 -9.02 5.46
CA ARG B 34 -3.09 -9.81 5.81
C ARG B 34 -4.33 -8.90 5.78
N LEU B 35 -4.45 -8.09 4.76
CA LEU B 35 -5.63 -7.18 4.67
C LEU B 35 -6.69 -7.85 3.79
N THR B 36 -7.91 -7.89 4.25
CA THR B 36 -8.99 -8.55 3.46
C THR B 36 -9.96 -7.49 2.94
N SER B 37 -9.88 -6.30 3.47
CA SER B 37 -10.82 -5.22 3.01
C SER B 37 -10.03 -4.17 2.22
N GLU B 38 -10.62 -3.64 1.19
CA GLU B 38 -9.90 -2.61 0.38
C GLU B 38 -10.21 -1.22 0.92
N PRO B 39 -9.19 -0.47 1.24
CA PRO B 39 -9.34 0.90 1.79
C PRO B 39 -9.70 1.92 0.70
N GLU B 40 -10.42 2.96 1.04
CA GLU B 40 -10.79 3.97 0.03
C GLU B 40 -10.04 5.28 0.31
N GLY B 41 -9.60 5.96 -0.73
CA GLY B 41 -8.87 7.23 -0.53
C GLY B 41 -7.40 6.92 -0.21
N ASP B 42 -6.69 7.89 0.30
CA ASP B 42 -5.25 7.65 0.62
C ASP B 42 -5.13 6.65 1.78
N TRP B 43 -4.36 5.60 1.59
CA TRP B 43 -4.21 4.59 2.67
C TRP B 43 -2.76 4.62 3.18
N PHE B 44 -2.56 4.37 4.44
CA PHE B 44 -1.18 4.41 4.99
C PHE B 44 -0.76 3.01 5.47
N CYS B 45 0.16 2.38 4.79
CA CYS B 45 0.59 1.03 5.23
C CYS B 45 1.19 1.14 6.63
N PRO B 46 1.04 0.12 7.43
CA PRO B 46 1.56 0.11 8.81
C PRO B 46 2.91 0.82 8.90
N GLU B 47 3.69 0.75 7.84
CA GLU B 47 5.02 1.41 7.86
C GLU B 47 4.84 2.92 8.01
N CYS B 48 3.97 3.52 7.23
CA CYS B 48 3.79 5.00 7.38
C CYS B 48 3.02 5.28 8.66
N GLU B 49 2.02 4.50 8.97
CA GLU B 49 1.23 4.73 10.21
C GLU B 49 2.13 4.55 11.45
N LYS B 50 3.04 3.62 11.41
CA LYS B 50 3.93 3.39 12.59
C LYS B 50 4.73 4.66 12.90
N ILE B 51 5.30 5.26 11.90
CA ILE B 51 6.10 6.50 12.13
C ILE B 51 5.17 7.70 12.33
N THR B 52 3.95 7.60 11.85
CA THR B 52 3.00 8.73 12.01
C THR B 52 2.61 8.87 13.48
N VAL B 53 2.39 7.79 14.16
CA VAL B 53 2.02 7.87 15.60
C VAL B 53 3.29 8.03 16.45
N ALA B 54 4.35 7.36 16.09
CA ALA B 54 5.61 7.48 16.87
C ALA B 54 6.57 8.42 16.15
N GLU B 55 6.04 9.35 15.40
CA GLU B 55 6.92 10.30 14.66
C GLU B 55 8.00 10.84 15.61
N CYS B 56 7.71 10.88 16.89
CA CYS B 56 8.72 11.38 17.86
C CYS B 56 10.07 10.72 17.59
N ILE B 57 10.06 9.52 17.10
CA ILE B 57 11.35 8.83 16.81
C ILE B 57 12.19 9.67 15.85
N GLU B 58 11.55 10.35 14.93
CA GLU B 58 12.30 11.19 13.97
C GLU B 58 11.78 12.63 14.03
N THR B 59 12.61 13.59 13.69
CA THR B 59 12.17 15.01 13.74
C THR B 59 11.40 15.33 12.46
N GLN B 60 10.63 16.40 12.48
CA GLN B 60 9.86 16.77 11.26
C GLN B 60 10.81 17.01 10.09
N SER B 61 11.98 17.53 10.38
CA SER B 61 12.96 17.79 9.28
C SER B 61 13.66 16.48 8.90
N SER A 1 -0.65 -3.70 -16.60
CA SER A 1 -1.92 -3.19 -17.19
C SER A 1 -3.11 -3.82 -16.47
N THR A 2 -3.52 -4.99 -16.89
CA THR A 2 -4.68 -5.64 -16.22
C THR A 2 -4.20 -6.35 -14.96
N GLY A 3 -5.10 -6.66 -14.06
CA GLY A 3 -4.70 -7.36 -12.82
C GLY A 3 -3.71 -6.49 -12.04
N ARG A 4 -4.09 -6.02 -10.88
CA ARG A 4 -3.17 -5.16 -10.08
C ARG A 4 -3.60 -5.19 -8.61
N VAL A 5 -4.71 -4.57 -8.30
CA VAL A 5 -5.17 -4.55 -6.89
C VAL A 5 -6.61 -5.10 -6.81
N LYS A 6 -6.94 -5.76 -5.74
CA LYS A 6 -8.33 -6.32 -5.61
C LYS A 6 -9.29 -5.19 -5.23
N LYS A 7 -10.46 -5.19 -5.80
CA LYS A 7 -11.45 -4.12 -5.48
C LYS A 7 -12.80 -4.47 -6.09
N PRO A 8 -13.30 -5.65 -5.81
CA PRO A 8 -14.61 -6.11 -6.35
C PRO A 8 -15.78 -5.29 -5.81
N HIS A 9 -15.75 -4.95 -4.55
CA HIS A 9 -16.86 -4.15 -3.97
C HIS A 9 -16.29 -3.16 -2.95
N ARG A 10 -16.80 -1.96 -2.93
CA ARG A 10 -16.29 -0.95 -1.97
C ARG A 10 -16.82 -1.25 -0.57
N TYR A 11 -16.03 -1.08 0.45
CA TYR A 11 -16.50 -1.36 1.83
C TYR A 11 -15.46 -0.86 2.83
N GLN B 1 -2.25 9.01 -18.48
CA GLN B 1 -1.98 7.66 -17.90
C GLN B 1 -2.34 7.66 -16.42
N ASP B 2 -2.45 6.50 -15.83
CA ASP B 2 -2.80 6.43 -14.38
C ASP B 2 -1.53 6.53 -13.54
N GLY B 3 -0.43 6.83 -14.16
CA GLY B 3 0.85 6.94 -13.39
C GLY B 3 1.46 5.55 -13.21
N ARG B 4 1.05 4.60 -14.02
CA ARG B 4 1.61 3.22 -13.88
C ARG B 4 1.98 2.96 -12.42
N ASN B 5 1.03 2.61 -11.60
CA ASN B 5 1.32 2.36 -10.17
C ASN B 5 1.86 0.93 -10.02
N ASP B 6 2.01 0.22 -11.11
CA ASP B 6 2.52 -1.18 -11.01
C ASP B 6 4.00 -1.16 -10.64
N PHE B 7 4.43 -2.10 -9.84
CA PHE B 7 5.86 -2.14 -9.44
C PHE B 7 6.21 -3.53 -8.87
N TYR B 8 6.52 -3.61 -7.60
CA TYR B 8 6.88 -4.94 -7.00
C TYR B 8 6.68 -4.92 -5.47
N CYS B 9 6.35 -6.05 -4.88
CA CYS B 9 6.18 -6.12 -3.40
C CYS B 9 7.55 -6.47 -2.82
N TRP B 10 8.07 -5.67 -1.94
CA TRP B 10 9.40 -5.96 -1.34
C TRP B 10 9.38 -7.28 -0.56
N VAL B 11 8.24 -7.72 -0.11
CA VAL B 11 8.22 -9.01 0.67
C VAL B 11 8.48 -10.20 -0.26
N CYS B 12 7.96 -10.17 -1.47
CA CYS B 12 8.18 -11.32 -2.39
C CYS B 12 8.99 -10.86 -3.59
N HIS B 13 9.10 -9.58 -3.79
CA HIS B 13 9.85 -9.09 -4.99
C HIS B 13 9.06 -9.50 -6.23
N ARG B 14 7.78 -9.66 -6.08
CA ARG B 14 6.92 -10.05 -7.24
C ARG B 14 5.78 -9.04 -7.41
N GLU B 15 5.32 -8.84 -8.61
CA GLU B 15 4.22 -7.87 -8.84
C GLU B 15 2.89 -8.62 -8.99
N GLY B 16 1.82 -8.06 -8.52
CA GLY B 16 0.50 -8.75 -8.64
C GLY B 16 -0.29 -8.59 -7.33
N GLN B 17 -1.53 -8.23 -7.43
CA GLN B 17 -2.36 -8.07 -6.19
C GLN B 17 -1.63 -7.15 -5.21
N VAL B 18 -1.32 -5.95 -5.62
CA VAL B 18 -0.60 -5.01 -4.71
C VAL B 18 -1.48 -3.80 -4.43
N LEU B 19 -1.35 -3.21 -3.28
CA LEU B 19 -2.17 -2.01 -2.95
C LEU B 19 -1.35 -0.74 -3.21
N CYS B 20 -1.99 0.37 -3.43
CA CYS B 20 -1.24 1.63 -3.69
C CYS B 20 -1.16 2.48 -2.43
N CYS B 21 0.02 2.79 -1.96
CA CYS B 21 0.15 3.66 -0.75
C CYS B 21 0.41 5.09 -1.25
N GLU B 22 -0.04 6.10 -0.57
CA GLU B 22 0.18 7.49 -1.04
C GLU B 22 1.34 8.14 -0.27
N LEU B 23 1.60 7.67 0.92
CA LEU B 23 2.68 8.28 1.74
C LEU B 23 3.93 7.40 1.68
N CYS B 24 3.94 6.42 0.81
CA CYS B 24 5.11 5.51 0.72
C CYS B 24 5.12 4.82 -0.65
N PRO B 25 6.11 4.03 -0.90
CA PRO B 25 6.28 3.29 -2.17
C PRO B 25 4.95 3.21 -2.95
N ARG B 26 4.99 3.59 -4.19
CA ARG B 26 3.74 3.61 -5.02
C ARG B 26 2.96 2.30 -4.91
N VAL B 27 3.62 1.17 -4.87
CA VAL B 27 2.86 -0.11 -4.81
C VAL B 27 3.38 -1.00 -3.66
N TYR B 28 2.50 -1.69 -3.01
CA TYR B 28 2.95 -2.63 -1.93
C TYR B 28 1.92 -3.75 -1.74
N HIS B 29 2.41 -4.91 -1.39
CA HIS B 29 1.54 -6.11 -1.25
C HIS B 29 0.43 -5.93 -0.21
N ALA B 30 -0.72 -6.51 -0.48
CA ALA B 30 -1.83 -6.50 0.51
C ALA B 30 -1.92 -7.91 1.08
N LYS B 31 -1.42 -8.87 0.33
CA LYS B 31 -1.44 -10.28 0.77
C LYS B 31 -0.42 -10.43 1.89
N CYS B 32 0.80 -10.09 1.61
CA CYS B 32 1.86 -10.17 2.65
C CYS B 32 1.40 -9.40 3.87
N LEU B 33 0.65 -8.35 3.66
CA LEU B 33 0.12 -7.56 4.81
C LEU B 33 -1.05 -8.34 5.42
N ARG B 34 -1.55 -9.31 4.70
CA ARG B 34 -2.67 -10.12 5.21
C ARG B 34 -3.95 -9.27 5.26
N LEU B 35 -4.21 -8.53 4.23
CA LEU B 35 -5.44 -7.70 4.19
C LEU B 35 -6.50 -8.40 3.33
N THR B 36 -7.70 -8.49 3.82
CA THR B 36 -8.78 -9.17 3.03
C THR B 36 -9.80 -8.13 2.58
N SER B 37 -9.72 -6.94 3.09
CA SER B 37 -10.70 -5.89 2.70
C SER B 37 -9.96 -4.78 1.93
N GLU B 38 -10.63 -4.16 0.99
CA GLU B 38 -9.96 -3.08 0.21
C GLU B 38 -10.32 -1.73 0.82
N PRO B 39 -9.32 -0.96 1.17
CA PRO B 39 -9.52 0.39 1.78
C PRO B 39 -9.90 1.44 0.74
N GLU B 40 -10.65 2.42 1.13
CA GLU B 40 -11.06 3.47 0.15
C GLU B 40 -10.22 4.73 0.37
N GLY B 41 -9.79 5.36 -0.69
CA GLY B 41 -8.96 6.58 -0.54
C GLY B 41 -7.50 6.19 -0.28
N ASP B 42 -6.70 7.11 0.17
CA ASP B 42 -5.27 6.78 0.44
C ASP B 42 -5.17 5.80 1.61
N TRP B 43 -4.39 4.76 1.46
CA TRP B 43 -4.25 3.78 2.55
C TRP B 43 -2.82 3.85 3.12
N PHE B 44 -2.67 3.61 4.39
CA PHE B 44 -1.31 3.70 5.00
C PHE B 44 -0.86 2.32 5.50
N CYS B 45 0.09 1.71 4.83
CA CYS B 45 0.56 0.38 5.31
C CYS B 45 1.11 0.53 6.72
N PRO B 46 1.05 -0.51 7.50
CA PRO B 46 1.53 -0.49 8.90
C PRO B 46 2.86 0.27 9.02
N GLU B 47 3.65 0.23 7.98
CA GLU B 47 4.95 0.94 8.03
C GLU B 47 4.71 2.45 8.16
N CYS B 48 3.84 3.01 7.36
CA CYS B 48 3.58 4.48 7.49
C CYS B 48 2.76 4.75 8.75
N GLU B 49 1.80 3.91 9.04
CA GLU B 49 0.97 4.11 10.27
C GLU B 49 1.85 3.97 11.53
N LYS B 50 2.79 3.07 11.52
CA LYS B 50 3.65 2.88 12.73
C LYS B 50 4.39 4.18 13.05
N ILE B 51 4.99 4.80 12.07
CA ILE B 51 5.74 6.05 12.32
C ILE B 51 4.75 7.21 12.53
N THR B 52 3.55 7.08 12.04
CA THR B 52 2.56 8.17 12.22
C THR B 52 2.15 8.27 13.69
N VAL B 53 1.97 7.15 14.35
CA VAL B 53 1.60 7.20 15.79
C VAL B 53 2.81 7.61 16.63
N ALA B 54 3.97 7.13 16.28
CA ALA B 54 5.19 7.50 17.07
C ALA B 54 6.02 8.51 16.25
N GLU B 55 5.38 9.31 15.45
CA GLU B 55 6.13 10.31 14.64
C GLU B 55 7.15 11.02 15.53
N CYS B 56 6.89 11.10 16.81
CA CYS B 56 7.84 11.78 17.73
C CYS B 56 9.26 11.29 17.44
N ILE B 57 9.40 10.09 16.96
CA ILE B 57 10.76 9.56 16.66
C ILE B 57 11.49 10.52 15.71
N GLU B 58 10.78 11.11 14.79
CA GLU B 58 11.43 12.05 13.85
C GLU B 58 10.81 13.45 14.01
N THR B 59 11.56 14.48 13.71
CA THR B 59 11.02 15.85 13.85
C THR B 59 10.20 16.21 12.61
N GLN B 60 9.08 16.85 12.79
CA GLN B 60 8.23 17.22 11.62
C GLN B 60 8.61 18.62 11.15
N SER B 61 8.89 18.78 9.88
CA SER B 61 9.27 20.13 9.36
C SER B 61 8.15 21.13 9.67
N SER A 1 -8.93 -1.68 -16.64
CA SER A 1 -8.92 -2.41 -15.35
C SER A 1 -7.97 -3.60 -15.44
N THR A 2 -6.69 -3.38 -15.29
CA THR A 2 -5.72 -4.50 -15.36
C THR A 2 -6.08 -5.57 -14.32
N GLY A 3 -6.52 -5.15 -13.17
CA GLY A 3 -6.89 -6.14 -12.12
C GLY A 3 -5.62 -6.61 -11.39
N ARG A 4 -4.59 -5.82 -11.40
CA ARG A 4 -3.33 -6.23 -10.71
C ARG A 4 -3.64 -6.55 -9.24
N VAL A 5 -4.53 -5.82 -8.64
CA VAL A 5 -4.87 -6.08 -7.21
C VAL A 5 -6.39 -6.09 -7.04
N LYS A 6 -6.89 -6.92 -6.15
CA LYS A 6 -8.37 -6.97 -5.94
C LYS A 6 -8.88 -5.58 -5.59
N LYS A 7 -10.05 -5.23 -6.07
CA LYS A 7 -10.61 -3.88 -5.75
C LYS A 7 -12.14 -3.94 -5.81
N PRO A 8 -12.73 -4.85 -5.08
CA PRO A 8 -14.21 -5.02 -5.05
C PRO A 8 -14.91 -3.80 -4.46
N HIS A 9 -16.10 -3.51 -4.90
CA HIS A 9 -16.84 -2.32 -4.35
C HIS A 9 -17.77 -2.78 -3.24
N ARG A 10 -17.87 -2.04 -2.18
CA ARG A 10 -18.77 -2.44 -1.06
C ARG A 10 -20.20 -2.60 -1.59
N TYR A 11 -20.58 -1.79 -2.53
CA TYR A 11 -21.96 -1.89 -3.09
C TYR A 11 -22.03 -3.04 -4.09
N GLN B 1 -5.07 4.96 -18.44
CA GLN B 1 -5.24 6.09 -17.48
C GLN B 1 -5.02 5.59 -16.05
N ASP B 2 -5.15 4.30 -15.84
CA ASP B 2 -4.94 3.75 -14.47
C ASP B 2 -3.52 4.09 -14.00
N GLY B 3 -2.57 4.08 -14.89
CA GLY B 3 -1.17 4.40 -14.48
C GLY B 3 -0.44 3.11 -14.08
N ARG B 4 -1.08 1.98 -14.27
CA ARG B 4 -0.44 0.70 -13.88
C ARG B 4 0.54 0.93 -12.72
N ASN B 5 0.05 0.92 -11.52
CA ASN B 5 0.93 1.15 -10.35
C ASN B 5 1.59 -0.18 -9.94
N ASP B 6 1.44 -1.20 -10.74
CA ASP B 6 2.06 -2.50 -10.40
C ASP B 6 3.58 -2.42 -10.53
N PHE B 7 4.30 -2.98 -9.61
CA PHE B 7 5.79 -2.93 -9.69
C PHE B 7 6.39 -4.17 -9.02
N TYR B 8 6.70 -4.10 -7.76
CA TYR B 8 7.30 -5.29 -7.05
C TYR B 8 7.07 -5.20 -5.53
N CYS B 9 6.77 -6.31 -4.89
CA CYS B 9 6.56 -6.31 -3.42
C CYS B 9 7.91 -6.69 -2.79
N TRP B 10 8.43 -5.87 -1.92
CA TRP B 10 9.74 -6.17 -1.28
C TRP B 10 9.69 -7.48 -0.49
N VAL B 11 8.55 -7.85 0.04
CA VAL B 11 8.50 -9.12 0.83
C VAL B 11 8.78 -10.32 -0.07
N CYS B 12 8.26 -10.33 -1.27
CA CYS B 12 8.50 -11.48 -2.18
C CYS B 12 9.50 -11.09 -3.26
N HIS B 13 9.71 -9.82 -3.46
CA HIS B 13 10.65 -9.41 -4.53
C HIS B 13 10.01 -9.75 -5.87
N ARG B 14 8.72 -9.99 -5.87
CA ARG B 14 8.01 -10.36 -7.13
C ARG B 14 6.79 -9.46 -7.30
N GLU B 15 6.29 -9.32 -8.50
CA GLU B 15 5.10 -8.47 -8.73
C GLU B 15 3.82 -9.32 -8.64
N GLY B 16 2.76 -8.78 -8.11
CA GLY B 16 1.50 -9.56 -8.02
C GLY B 16 0.66 -9.03 -6.85
N GLN B 17 -0.54 -8.59 -7.13
CA GLN B 17 -1.42 -8.08 -6.04
C GLN B 17 -0.63 -7.10 -5.16
N VAL B 18 -0.65 -5.84 -5.50
CA VAL B 18 0.10 -4.84 -4.69
C VAL B 18 -0.72 -3.55 -4.58
N LEU B 19 -0.55 -2.81 -3.51
CA LEU B 19 -1.30 -1.54 -3.36
C LEU B 19 -0.32 -0.36 -3.33
N CYS B 20 -0.78 0.81 -3.66
CA CYS B 20 0.13 1.99 -3.67
C CYS B 20 0.06 2.74 -2.33
N CYS B 21 1.17 3.00 -1.70
CA CYS B 21 1.15 3.75 -0.41
C CYS B 21 1.44 5.24 -0.70
N GLU B 22 0.69 6.14 -0.11
CA GLU B 22 0.93 7.58 -0.39
C GLU B 22 1.88 8.16 0.68
N LEU B 23 2.53 7.31 1.42
CA LEU B 23 3.47 7.82 2.47
C LEU B 23 4.68 6.89 2.57
N CYS B 24 4.87 6.05 1.58
CA CYS B 24 6.02 5.11 1.62
C CYS B 24 6.19 4.44 0.26
N PRO B 25 7.17 3.60 0.13
CA PRO B 25 7.46 2.87 -1.13
C PRO B 25 6.26 2.91 -2.09
N ARG B 26 6.46 3.50 -3.25
CA ARG B 26 5.34 3.65 -4.21
C ARG B 26 4.47 2.37 -4.29
N VAL B 27 5.05 1.21 -4.22
CA VAL B 27 4.23 -0.03 -4.36
C VAL B 27 4.53 -1.01 -3.23
N TYR B 28 3.53 -1.70 -2.76
CA TYR B 28 3.78 -2.71 -1.70
C TYR B 28 2.70 -3.80 -1.75
N HIS B 29 2.98 -4.91 -1.12
CA HIS B 29 2.05 -6.09 -1.16
C HIS B 29 0.86 -5.94 -0.21
N ALA B 30 -0.26 -6.49 -0.60
CA ALA B 30 -1.46 -6.50 0.29
C ALA B 30 -1.59 -7.92 0.83
N LYS B 31 -1.08 -8.86 0.09
CA LYS B 31 -1.12 -10.29 0.50
C LYS B 31 -0.15 -10.45 1.66
N CYS B 32 1.09 -10.13 1.44
CA CYS B 32 2.11 -10.23 2.51
C CYS B 32 1.62 -9.39 3.70
N LEU B 33 0.84 -8.38 3.44
CA LEU B 33 0.31 -7.54 4.54
C LEU B 33 -0.89 -8.26 5.15
N ARG B 34 -1.35 -9.30 4.49
CA ARG B 34 -2.51 -10.07 5.02
C ARG B 34 -3.78 -9.21 4.94
N LEU B 35 -3.99 -8.56 3.83
CA LEU B 35 -5.20 -7.72 3.69
C LEU B 35 -6.31 -8.52 3.02
N THR B 36 -7.51 -8.45 3.54
CA THR B 36 -8.64 -9.21 2.93
C THR B 36 -9.62 -8.25 2.26
N SER B 37 -9.64 -7.02 2.71
CA SER B 37 -10.58 -6.04 2.11
C SER B 37 -9.78 -4.95 1.39
N GLU B 38 -10.36 -4.31 0.41
CA GLU B 38 -9.61 -3.26 -0.33
C GLU B 38 -10.32 -1.91 -0.13
N PRO B 39 -9.89 -1.15 0.85
CA PRO B 39 -10.47 0.19 1.14
C PRO B 39 -9.99 1.25 0.15
N GLU B 40 -10.79 2.25 -0.10
CA GLU B 40 -10.37 3.31 -1.06
C GLU B 40 -9.73 4.47 -0.30
N GLY B 41 -8.79 5.14 -0.90
CA GLY B 41 -8.13 6.29 -0.21
C GLY B 41 -6.65 5.96 0.00
N ASP B 42 -5.91 6.87 0.58
CA ASP B 42 -4.46 6.62 0.82
C ASP B 42 -4.28 5.35 1.66
N TRP B 43 -3.43 4.46 1.23
CA TRP B 43 -3.21 3.21 2.00
C TRP B 43 -1.98 3.38 2.89
N PHE B 44 -2.07 3.02 4.14
CA PHE B 44 -0.91 3.18 5.06
C PHE B 44 -0.46 1.81 5.58
N CYS B 45 0.63 1.29 5.07
CA CYS B 45 1.10 -0.02 5.58
C CYS B 45 1.56 0.15 7.03
N PRO B 46 1.42 -0.88 7.83
CA PRO B 46 1.80 -0.82 9.26
C PRO B 46 3.07 0.01 9.45
N GLU B 47 3.92 0.05 8.47
CA GLU B 47 5.17 0.84 8.60
C GLU B 47 4.82 2.32 8.75
N CYS B 48 3.97 2.84 7.90
CA CYS B 48 3.61 4.29 8.04
C CYS B 48 2.70 4.47 9.25
N GLU B 49 1.74 3.60 9.42
CA GLU B 49 0.81 3.73 10.59
C GLU B 49 1.60 3.64 11.91
N LYS B 50 2.60 2.80 11.95
CA LYS B 50 3.39 2.66 13.21
C LYS B 50 4.03 4.00 13.60
N ILE B 51 4.63 4.67 12.66
CA ILE B 51 5.27 5.98 12.98
C ILE B 51 4.19 7.07 13.05
N THR B 52 3.06 6.85 12.46
CA THR B 52 1.98 7.88 12.50
C THR B 52 1.43 7.99 13.92
N VAL B 53 1.24 6.88 14.59
CA VAL B 53 0.71 6.94 15.98
C VAL B 53 1.80 7.41 16.94
N ALA B 54 3.04 7.08 16.64
CA ALA B 54 4.15 7.51 17.55
C ALA B 54 4.19 9.03 17.62
N GLU B 55 3.85 9.71 16.55
CA GLU B 55 3.86 11.19 16.57
C GLU B 55 5.26 11.68 16.92
N CYS B 56 5.61 12.89 16.52
CA CYS B 56 6.96 13.42 16.83
C CYS B 56 8.03 12.44 16.34
N ILE B 57 7.92 12.01 15.11
CA ILE B 57 8.92 11.04 14.56
C ILE B 57 10.32 11.66 14.66
N GLU B 58 10.43 12.94 14.45
CA GLU B 58 11.77 13.61 14.52
C GLU B 58 11.64 14.92 15.30
N THR B 59 12.61 15.25 16.10
CA THR B 59 12.53 16.52 16.88
C THR B 59 12.95 17.69 15.97
N GLN B 60 12.25 18.78 16.05
CA GLN B 60 12.60 19.95 15.20
C GLN B 60 14.00 20.44 15.55
N SER B 61 14.74 20.90 14.58
CA SER B 61 16.13 21.38 14.86
C SER B 61 16.05 22.60 15.78
N SER A 1 -11.09 -2.72 -15.60
CA SER A 1 -10.20 -3.15 -14.48
C SER A 1 -9.49 -4.44 -14.86
N THR A 2 -8.19 -4.42 -14.94
CA THR A 2 -7.44 -5.65 -15.29
C THR A 2 -7.53 -6.66 -14.15
N GLY A 3 -7.94 -6.22 -12.99
CA GLY A 3 -8.05 -7.16 -11.84
C GLY A 3 -6.71 -7.23 -11.11
N ARG A 4 -5.81 -6.34 -11.40
CA ARG A 4 -4.48 -6.35 -10.72
C ARG A 4 -4.69 -6.30 -9.21
N VAL A 5 -5.70 -5.60 -8.76
CA VAL A 5 -5.95 -5.52 -7.29
C VAL A 5 -7.42 -5.84 -7.01
N LYS A 6 -7.73 -6.16 -5.78
CA LYS A 6 -9.15 -6.49 -5.43
C LYS A 6 -9.93 -5.20 -5.18
N LYS A 7 -11.23 -5.27 -5.19
CA LYS A 7 -12.04 -4.05 -4.94
C LYS A 7 -13.43 -4.46 -4.41
N PRO A 8 -14.17 -5.18 -5.20
CA PRO A 8 -15.54 -5.65 -4.81
C PRO A 8 -15.50 -6.50 -3.54
N HIS A 9 -16.48 -6.35 -2.69
CA HIS A 9 -16.50 -7.16 -1.44
C HIS A 9 -17.85 -6.97 -0.74
N ARG A 10 -18.14 -5.75 -0.34
CA ARG A 10 -19.44 -5.51 0.35
C ARG A 10 -20.59 -5.99 -0.53
N TYR A 11 -20.49 -5.82 -1.81
CA TYR A 11 -21.58 -6.27 -2.71
C TYR A 11 -21.46 -7.78 -2.92
N GLN B 1 -3.87 6.65 -17.26
CA GLN B 1 -4.42 5.27 -17.20
C GLN B 1 -4.65 4.87 -15.74
N ASP B 2 -4.28 3.68 -15.37
CA ASP B 2 -4.48 3.23 -13.96
C ASP B 2 -3.26 3.64 -13.13
N GLY B 3 -2.40 4.45 -13.67
CA GLY B 3 -1.19 4.88 -12.92
C GLY B 3 -0.08 3.84 -13.07
N ARG B 4 -0.17 3.01 -14.08
CA ARG B 4 0.87 1.97 -14.28
C ARG B 4 1.45 1.56 -12.93
N ASN B 5 0.77 0.73 -12.20
CA ASN B 5 1.29 0.29 -10.87
C ASN B 5 1.83 -1.13 -10.98
N ASP B 6 2.85 -1.32 -11.76
CA ASP B 6 3.43 -2.68 -11.92
C ASP B 6 4.87 -2.70 -11.37
N PHE B 7 5.17 -3.63 -10.52
CA PHE B 7 6.56 -3.70 -9.96
C PHE B 7 6.73 -5.00 -9.16
N TYR B 8 7.07 -4.89 -7.89
CA TYR B 8 7.26 -6.13 -7.06
C TYR B 8 7.02 -5.82 -5.57
N CYS B 9 6.47 -6.76 -4.83
CA CYS B 9 6.24 -6.55 -3.36
C CYS B 9 7.53 -6.98 -2.66
N TRP B 10 8.13 -6.10 -1.92
CA TRP B 10 9.40 -6.44 -1.22
C TRP B 10 9.19 -7.62 -0.25
N VAL B 11 7.99 -7.85 0.22
CA VAL B 11 7.79 -8.99 1.17
C VAL B 11 7.93 -10.33 0.45
N CYS B 12 7.45 -10.44 -0.76
CA CYS B 12 7.56 -11.73 -1.50
C CYS B 12 8.48 -11.56 -2.70
N HIS B 13 8.74 -10.35 -3.11
CA HIS B 13 9.61 -10.15 -4.30
C HIS B 13 8.82 -10.61 -5.53
N ARG B 14 7.53 -10.73 -5.39
CA ARG B 14 6.69 -11.18 -6.53
C ARG B 14 5.67 -10.09 -6.89
N GLU B 15 5.22 -10.04 -8.11
CA GLU B 15 4.23 -9.00 -8.51
C GLU B 15 2.84 -9.63 -8.56
N GLY B 16 1.83 -8.87 -8.21
CA GLY B 16 0.44 -9.41 -8.24
C GLY B 16 -0.32 -8.95 -6.99
N GLN B 17 -1.53 -8.50 -7.16
CA GLN B 17 -2.33 -8.04 -5.99
C GLN B 17 -1.53 -7.02 -5.19
N VAL B 18 -1.10 -5.96 -5.82
CA VAL B 18 -0.30 -4.94 -5.08
C VAL B 18 -1.07 -3.62 -5.03
N LEU B 19 -0.92 -2.86 -3.98
CA LEU B 19 -1.63 -1.56 -3.89
C LEU B 19 -0.62 -0.41 -4.06
N CYS B 20 -1.05 0.68 -4.61
CA CYS B 20 -0.10 1.83 -4.82
C CYS B 20 -0.09 2.74 -3.58
N CYS B 21 1.07 3.18 -3.17
CA CYS B 21 1.13 4.08 -1.97
C CYS B 21 1.12 5.54 -2.45
N GLU B 22 1.47 6.48 -1.61
CA GLU B 22 1.43 7.90 -2.05
C GLU B 22 2.81 8.54 -1.86
N LEU B 23 3.43 8.33 -0.73
CA LEU B 23 4.75 8.95 -0.47
C LEU B 23 5.81 7.87 -0.29
N CYS B 24 5.67 6.77 -0.99
CA CYS B 24 6.67 5.68 -0.88
C CYS B 24 6.58 4.77 -2.10
N PRO B 25 7.45 3.81 -2.19
CA PRO B 25 7.48 2.83 -3.30
C PRO B 25 6.17 2.81 -4.08
N ARG B 26 6.21 3.15 -5.34
CA ARG B 26 4.97 3.22 -6.16
C ARG B 26 4.08 1.99 -5.96
N VAL B 27 4.65 0.83 -5.81
CA VAL B 27 3.80 -0.39 -5.68
C VAL B 27 4.13 -1.16 -4.40
N TYR B 28 3.15 -1.72 -3.75
CA TYR B 28 3.42 -2.51 -2.52
C TYR B 28 2.31 -3.55 -2.31
N HIS B 29 2.57 -4.49 -1.44
CA HIS B 29 1.62 -5.61 -1.18
C HIS B 29 0.56 -5.27 -0.14
N ALA B 30 -0.66 -5.68 -0.41
CA ALA B 30 -1.76 -5.48 0.58
C ALA B 30 -2.08 -6.87 1.14
N LYS B 31 -1.74 -7.89 0.38
CA LYS B 31 -1.99 -9.29 0.81
C LYS B 31 -1.07 -9.58 1.98
N CYS B 32 0.20 -9.32 1.81
CA CYS B 32 1.18 -9.57 2.90
C CYS B 32 0.70 -8.84 4.15
N LEU B 33 0.02 -7.74 3.97
CA LEU B 33 -0.51 -6.99 5.14
C LEU B 33 -1.75 -7.72 5.65
N ARG B 34 -2.27 -8.62 4.85
CA ARG B 34 -3.47 -9.40 5.27
C ARG B 34 -4.68 -8.47 5.35
N LEU B 35 -4.87 -7.64 4.36
CA LEU B 35 -6.04 -6.72 4.37
C LEU B 35 -7.21 -7.39 3.66
N THR B 36 -8.40 -7.28 4.20
CA THR B 36 -9.57 -7.92 3.55
C THR B 36 -10.38 -6.85 2.79
N SER B 37 -10.14 -5.60 3.09
CA SER B 37 -10.88 -4.52 2.39
C SER B 37 -9.89 -3.60 1.68
N GLU B 38 -10.31 -2.95 0.64
CA GLU B 38 -9.39 -2.04 -0.10
C GLU B 38 -9.95 -0.61 -0.08
N PRO B 39 -9.61 0.14 0.93
CA PRO B 39 -10.04 1.56 1.07
C PRO B 39 -9.61 2.40 -0.14
N GLU B 40 -10.36 3.42 -0.46
CA GLU B 40 -9.99 4.28 -1.62
C GLU B 40 -9.24 5.52 -1.12
N GLY B 41 -8.29 6.00 -1.86
CA GLY B 41 -7.53 7.19 -1.44
C GLY B 41 -6.05 6.84 -1.28
N ASP B 42 -5.26 7.75 -0.79
CA ASP B 42 -3.81 7.46 -0.62
C ASP B 42 -3.62 6.35 0.42
N TRP B 43 -3.01 5.26 0.02
CA TRP B 43 -2.79 4.14 0.98
C TRP B 43 -1.42 4.32 1.63
N PHE B 44 -1.36 4.21 2.94
CA PHE B 44 -0.05 4.40 3.64
C PHE B 44 0.50 3.05 4.11
N CYS B 45 1.45 2.49 3.42
CA CYS B 45 2.00 1.18 3.87
C CYS B 45 2.56 1.34 5.28
N PRO B 46 2.48 0.32 6.08
CA PRO B 46 2.98 0.35 7.48
C PRO B 46 4.28 1.15 7.57
N GLU B 47 5.07 1.14 6.52
CA GLU B 47 6.35 1.89 6.55
C GLU B 47 6.07 3.38 6.70
N CYS B 48 5.17 3.93 5.90
CA CYS B 48 4.89 5.39 6.02
C CYS B 48 4.08 5.63 7.31
N GLU B 49 3.14 4.77 7.62
CA GLU B 49 2.32 4.96 8.85
C GLU B 49 3.22 4.83 10.10
N LYS B 50 4.17 3.94 10.08
CA LYS B 50 5.05 3.76 11.27
C LYS B 50 5.76 5.07 11.59
N ILE B 51 6.33 5.70 10.61
CA ILE B 51 7.06 6.98 10.85
C ILE B 51 6.05 8.10 11.11
N THR B 52 4.85 7.97 10.60
CA THR B 52 3.83 9.03 10.82
C THR B 52 3.41 9.06 12.28
N VAL B 53 3.26 7.91 12.89
CA VAL B 53 2.84 7.87 14.32
C VAL B 53 3.97 8.44 15.19
N ALA B 54 5.20 8.14 14.87
CA ALA B 54 6.34 8.67 15.67
C ALA B 54 6.41 10.19 15.52
N GLU B 55 5.85 10.71 14.47
CA GLU B 55 5.90 12.18 14.25
C GLU B 55 7.22 12.74 14.79
N CYS B 56 7.21 13.94 15.31
CA CYS B 56 8.46 14.53 15.85
C CYS B 56 9.12 13.53 16.80
N ILE B 57 10.06 12.75 16.31
CA ILE B 57 10.74 11.76 17.20
C ILE B 57 11.39 12.49 18.38
N GLU B 58 11.92 13.66 18.15
CA GLU B 58 12.57 14.40 19.26
C GLU B 58 11.54 15.32 19.92
N THR B 59 11.57 15.41 21.23
CA THR B 59 10.58 16.28 21.94
C THR B 59 11.33 17.27 22.84
N GLN B 60 10.69 18.32 23.25
CA GLN B 60 11.37 19.32 24.13
C GLN B 60 10.36 19.89 25.12
N SER B 61 10.83 20.50 26.17
CA SER B 61 9.90 21.09 27.18
C SER B 61 8.86 21.97 26.47
N SER A 1 -4.90 -5.52 -20.40
CA SER A 1 -5.04 -4.19 -19.74
C SER A 1 -6.00 -4.32 -18.54
N THR A 2 -5.99 -5.45 -17.89
CA THR A 2 -6.90 -5.63 -16.72
C THR A 2 -6.26 -5.00 -15.48
N GLY A 3 -7.04 -4.73 -14.47
CA GLY A 3 -6.48 -4.11 -13.24
C GLY A 3 -5.66 -5.15 -12.47
N ARG A 4 -4.50 -4.79 -12.02
CA ARG A 4 -3.65 -5.76 -11.27
C ARG A 4 -3.92 -5.61 -9.77
N VAL A 5 -4.98 -4.94 -9.42
CA VAL A 5 -5.29 -4.75 -7.97
C VAL A 5 -6.70 -5.27 -7.67
N LYS A 6 -6.97 -5.63 -6.44
CA LYS A 6 -8.32 -6.14 -6.10
C LYS A 6 -9.24 -4.96 -5.74
N LYS A 7 -10.49 -5.03 -6.11
CA LYS A 7 -11.42 -3.92 -5.78
C LYS A 7 -12.76 -4.50 -5.32
N PRO A 8 -12.78 -5.06 -4.15
CA PRO A 8 -14.01 -5.66 -3.56
C PRO A 8 -15.17 -4.65 -3.51
N HIS A 9 -16.37 -5.11 -3.69
CA HIS A 9 -17.53 -4.19 -3.65
C HIS A 9 -17.98 -4.00 -2.19
N ARG A 10 -18.15 -2.77 -1.77
CA ARG A 10 -18.58 -2.53 -0.36
C ARG A 10 -20.04 -2.94 -0.19
N TYR A 11 -20.39 -3.44 0.96
CA TYR A 11 -21.80 -3.87 1.18
C TYR A 11 -22.26 -4.77 0.03
N GLN B 1 1.35 -4.23 -18.88
CA GLN B 1 2.17 -3.09 -18.41
C GLN B 1 1.42 -1.78 -18.66
N ASP B 2 0.34 -1.56 -17.95
CA ASP B 2 -0.43 -0.30 -18.15
C ASP B 2 0.45 0.90 -17.82
N GLY B 3 1.32 0.75 -16.84
CA GLY B 3 2.20 1.89 -16.47
C GLY B 3 1.55 2.69 -15.34
N ARG B 4 0.40 2.26 -14.89
CA ARG B 4 -0.28 3.00 -13.79
C ARG B 4 -0.17 2.20 -12.48
N ASN B 5 0.44 2.76 -11.48
CA ASN B 5 0.58 2.03 -10.19
C ASN B 5 1.18 0.65 -10.45
N ASP B 6 2.18 0.57 -11.28
CA ASP B 6 2.81 -0.74 -11.57
C ASP B 6 4.25 -0.76 -11.05
N PHE B 7 4.63 -1.80 -10.36
CA PHE B 7 6.02 -1.86 -9.83
C PHE B 7 6.30 -3.26 -9.26
N TYR B 8 6.70 -3.35 -8.01
CA TYR B 8 7.00 -4.69 -7.41
C TYR B 8 6.84 -4.65 -5.88
N CYS B 9 6.44 -5.74 -5.27
CA CYS B 9 6.31 -5.79 -3.79
C CYS B 9 7.69 -6.16 -3.24
N TRP B 10 8.24 -5.33 -2.39
CA TRP B 10 9.60 -5.62 -1.82
C TRP B 10 9.59 -6.94 -1.05
N VAL B 11 8.46 -7.40 -0.59
CA VAL B 11 8.46 -8.68 0.20
C VAL B 11 8.70 -9.88 -0.74
N CYS B 12 8.15 -9.86 -1.92
CA CYS B 12 8.33 -11.01 -2.85
C CYS B 12 9.17 -10.57 -4.05
N HIS B 13 9.32 -9.29 -4.24
CA HIS B 13 10.08 -8.82 -5.43
C HIS B 13 9.30 -9.23 -6.68
N ARG B 14 8.04 -9.55 -6.52
CA ARG B 14 7.21 -9.95 -7.67
C ARG B 14 5.98 -9.03 -7.77
N GLU B 15 5.53 -8.75 -8.96
CA GLU B 15 4.35 -7.85 -9.12
C GLU B 15 3.08 -8.70 -9.19
N GLY B 16 2.00 -8.21 -8.64
CA GLY B 16 0.73 -8.99 -8.68
C GLY B 16 -0.13 -8.63 -7.47
N GLN B 17 -1.34 -8.19 -7.70
CA GLN B 17 -2.24 -7.83 -6.55
C GLN B 17 -1.51 -6.87 -5.62
N VAL B 18 -1.38 -5.63 -6.00
CA VAL B 18 -0.69 -4.64 -5.13
C VAL B 18 -1.56 -3.41 -4.94
N LEU B 19 -1.47 -2.78 -3.81
CA LEU B 19 -2.29 -1.55 -3.56
C LEU B 19 -1.41 -0.31 -3.73
N CYS B 20 -1.99 0.80 -4.09
CA CYS B 20 -1.18 2.05 -4.27
C CYS B 20 -1.20 2.90 -3.00
N CYS B 21 -0.05 3.20 -2.46
CA CYS B 21 -0.02 4.04 -1.22
C CYS B 21 0.31 5.49 -1.63
N GLU B 22 0.59 6.34 -0.68
CA GLU B 22 0.90 7.75 -1.05
C GLU B 22 2.12 8.25 -0.25
N LEU B 23 2.35 7.67 0.90
CA LEU B 23 3.51 8.11 1.72
C LEU B 23 4.66 7.11 1.56
N CYS B 24 4.52 6.16 0.67
CA CYS B 24 5.59 5.16 0.47
C CYS B 24 5.54 4.62 -0.97
N PRO B 25 6.54 3.89 -1.35
CA PRO B 25 6.65 3.31 -2.71
C PRO B 25 5.28 3.29 -3.43
N ARG B 26 5.23 3.82 -4.60
CA ARG B 26 3.94 3.90 -5.35
C ARG B 26 3.14 2.60 -5.24
N VAL B 27 3.77 1.47 -5.24
CA VAL B 27 3.00 0.19 -5.19
C VAL B 27 3.50 -0.69 -4.05
N TYR B 28 2.61 -1.39 -3.39
CA TYR B 28 3.04 -2.30 -2.31
C TYR B 28 2.04 -3.45 -2.14
N HIS B 29 2.49 -4.54 -1.58
CA HIS B 29 1.65 -5.77 -1.45
C HIS B 29 0.56 -5.63 -0.39
N ALA B 30 -0.57 -6.25 -0.63
CA ALA B 30 -1.66 -6.29 0.38
C ALA B 30 -1.68 -7.71 0.94
N LYS B 31 -1.21 -8.64 0.15
CA LYS B 31 -1.17 -10.06 0.57
C LYS B 31 -0.10 -10.19 1.66
N CYS B 32 1.11 -9.83 1.33
CA CYS B 32 2.20 -9.89 2.33
C CYS B 32 1.78 -9.08 3.56
N LEU B 33 1.03 -8.04 3.36
CA LEU B 33 0.54 -7.23 4.50
C LEU B 33 -0.60 -7.99 5.17
N ARG B 34 -1.07 -9.03 4.53
CA ARG B 34 -2.18 -9.84 5.11
C ARG B 34 -3.46 -9.00 5.11
N LEU B 35 -3.72 -8.29 4.05
CA LEU B 35 -4.97 -7.49 3.99
C LEU B 35 -5.87 -8.02 2.86
N THR B 36 -7.14 -8.17 3.12
CA THR B 36 -8.06 -8.69 2.07
C THR B 36 -8.97 -7.56 1.58
N SER B 37 -8.83 -6.39 2.16
CA SER B 37 -9.70 -5.25 1.73
C SER B 37 -8.84 -4.18 1.07
N GLU B 38 -9.37 -3.49 0.11
CA GLU B 38 -8.58 -2.43 -0.58
C GLU B 38 -9.25 -1.06 -0.37
N PRO B 39 -8.86 -0.37 0.65
CA PRO B 39 -9.43 0.98 0.97
C PRO B 39 -9.34 1.94 -0.21
N GLU B 40 -10.20 2.91 -0.27
CA GLU B 40 -10.16 3.88 -1.41
C GLU B 40 -9.47 5.16 -0.97
N GLY B 41 -8.82 5.85 -1.87
CA GLY B 41 -8.13 7.12 -1.50
C GLY B 41 -6.69 6.80 -1.08
N ASP B 42 -6.04 7.73 -0.43
CA ASP B 42 -4.63 7.49 0.00
C ASP B 42 -4.61 6.51 1.17
N TRP B 43 -4.25 5.29 0.93
CA TRP B 43 -4.19 4.28 2.03
C TRP B 43 -2.76 4.21 2.57
N PHE B 44 -2.60 4.17 3.86
CA PHE B 44 -1.23 4.14 4.44
C PHE B 44 -0.92 2.74 4.97
N CYS B 45 0.03 2.05 4.38
CA CYS B 45 0.39 0.69 4.90
C CYS B 45 0.69 0.80 6.39
N PRO B 46 0.23 -0.14 7.16
CA PRO B 46 0.46 -0.15 8.63
C PRO B 46 1.85 0.37 8.97
N GLU B 47 2.78 0.19 8.08
CA GLU B 47 4.16 0.69 8.35
C GLU B 47 4.16 2.22 8.37
N CYS B 48 3.55 2.85 7.39
CA CYS B 48 3.54 4.34 7.40
C CYS B 48 2.61 4.83 8.52
N GLU B 49 1.50 4.17 8.72
CA GLU B 49 0.57 4.59 9.81
C GLU B 49 1.28 4.56 11.17
N LYS B 50 2.14 3.59 11.39
CA LYS B 50 2.85 3.52 12.69
C LYS B 50 3.70 4.76 12.91
N ILE B 51 4.41 5.19 11.90
CA ILE B 51 5.26 6.41 12.04
C ILE B 51 4.39 7.61 12.40
N THR B 52 3.20 7.68 11.88
CA THR B 52 2.30 8.84 12.19
C THR B 52 1.86 8.75 13.65
N VAL B 53 1.55 7.57 14.13
CA VAL B 53 1.11 7.44 15.55
C VAL B 53 2.27 7.80 16.48
N ALA B 54 3.46 7.37 16.16
CA ALA B 54 4.63 7.69 17.03
C ALA B 54 5.11 9.12 16.74
N GLU B 55 4.49 9.78 15.78
CA GLU B 55 4.92 11.17 15.45
C GLU B 55 6.44 11.20 15.22
N CYS B 56 7.07 12.31 15.51
CA CYS B 56 8.54 12.40 15.30
C CYS B 56 9.26 11.77 16.50
N ILE B 57 10.07 10.77 16.26
CA ILE B 57 10.80 10.11 17.37
C ILE B 57 11.66 11.15 18.10
N GLU B 58 12.25 12.06 17.37
CA GLU B 58 13.10 13.10 18.02
C GLU B 58 12.78 14.47 17.43
N THR B 59 12.76 15.48 18.25
CA THR B 59 12.45 16.85 17.73
C THR B 59 13.34 17.88 18.43
N GLN B 60 13.53 19.02 17.83
CA GLN B 60 14.39 20.06 18.46
C GLN B 60 13.52 21.01 19.29
N SER B 61 14.06 21.51 20.38
CA SER B 61 13.25 22.44 21.23
C SER B 61 12.64 23.54 20.36
N SER A 1 -7.92 -2.12 -15.39
CA SER A 1 -8.69 -3.34 -15.01
C SER A 1 -7.86 -4.59 -15.32
N THR A 2 -6.57 -4.51 -15.12
CA THR A 2 -5.70 -5.69 -15.41
C THR A 2 -5.99 -6.78 -14.38
N GLY A 3 -6.54 -6.42 -13.25
CA GLY A 3 -6.85 -7.45 -12.22
C GLY A 3 -5.59 -7.75 -11.41
N ARG A 4 -4.66 -6.83 -11.38
CA ARG A 4 -3.40 -7.06 -10.60
C ARG A 4 -3.76 -7.37 -9.15
N VAL A 5 -4.80 -6.76 -8.63
CA VAL A 5 -5.19 -7.03 -7.22
C VAL A 5 -6.71 -7.10 -7.12
N LYS A 6 -7.22 -7.85 -6.18
CA LYS A 6 -8.70 -7.96 -6.03
C LYS A 6 -9.31 -6.55 -5.95
N LYS A 7 -10.47 -6.37 -6.52
CA LYS A 7 -11.12 -5.03 -6.48
C LYS A 7 -12.47 -5.10 -7.20
N PRO A 8 -12.50 -5.73 -8.34
CA PRO A 8 -13.75 -5.86 -9.15
C PRO A 8 -14.86 -6.61 -8.40
N HIS A 9 -16.09 -6.28 -8.63
CA HIS A 9 -17.20 -6.97 -7.92
C HIS A 9 -16.92 -6.96 -6.42
N ARG A 10 -16.37 -5.89 -5.91
CA ARG A 10 -16.07 -5.83 -4.45
C ARG A 10 -17.36 -6.09 -3.66
N TYR A 11 -18.47 -5.61 -4.14
CA TYR A 11 -19.76 -5.84 -3.42
C TYR A 11 -20.06 -7.33 -3.37
N GLN B 1 -5.86 6.92 -17.89
CA GLN B 1 -5.94 5.43 -17.86
C GLN B 1 -5.78 4.94 -16.42
N ASP B 2 -5.84 3.65 -16.21
CA ASP B 2 -5.70 3.11 -14.84
C ASP B 2 -4.33 3.52 -14.26
N GLY B 3 -3.33 3.57 -15.09
CA GLY B 3 -1.97 3.96 -14.60
C GLY B 3 -1.22 2.70 -14.14
N ARG B 4 -1.76 1.55 -14.40
CA ARG B 4 -1.08 0.29 -13.96
C ARG B 4 -0.26 0.57 -12.70
N ASN B 5 -0.86 0.51 -11.56
CA ASN B 5 -0.11 0.77 -10.29
C ASN B 5 0.63 -0.50 -9.87
N ASP B 6 0.87 -1.39 -10.79
CA ASP B 6 1.58 -2.66 -10.44
C ASP B 6 3.09 -2.43 -10.54
N PHE B 7 3.83 -2.84 -9.54
CA PHE B 7 5.31 -2.65 -9.58
C PHE B 7 6.00 -3.73 -8.74
N TYR B 8 6.17 -3.49 -7.45
CA TYR B 8 6.82 -4.51 -6.57
C TYR B 8 6.49 -4.25 -5.08
N CYS B 9 6.21 -5.29 -4.34
CA CYS B 9 5.92 -5.12 -2.88
C CYS B 9 7.24 -5.31 -2.14
N TRP B 10 7.66 -4.34 -1.39
CA TRP B 10 8.96 -4.46 -0.65
C TRP B 10 8.96 -5.69 0.29
N VAL B 11 7.82 -6.10 0.77
CA VAL B 11 7.80 -7.28 1.70
C VAL B 11 8.23 -8.55 0.94
N CYS B 12 7.79 -8.72 -0.27
CA CYS B 12 8.17 -9.94 -1.04
C CYS B 12 9.18 -9.57 -2.13
N HIS B 13 9.27 -8.32 -2.48
CA HIS B 13 10.20 -7.93 -3.55
C HIS B 13 9.71 -8.56 -4.86
N ARG B 14 8.46 -8.99 -4.87
CA ARG B 14 7.90 -9.61 -6.10
C ARG B 14 6.52 -9.02 -6.38
N GLU B 15 6.00 -9.23 -7.57
CA GLU B 15 4.66 -8.67 -7.90
C GLU B 15 3.57 -9.68 -7.48
N GLY B 16 2.41 -9.20 -7.15
CA GLY B 16 1.31 -10.11 -6.75
C GLY B 16 0.32 -9.38 -5.84
N GLN B 17 -0.78 -8.92 -6.39
CA GLN B 17 -1.79 -8.19 -5.57
C GLN B 17 -1.10 -7.06 -4.80
N VAL B 18 -1.17 -5.85 -5.30
CA VAL B 18 -0.52 -4.72 -4.60
C VAL B 18 -1.45 -3.50 -4.62
N LEU B 19 -1.39 -2.68 -3.61
CA LEU B 19 -2.26 -1.47 -3.58
C LEU B 19 -1.37 -0.22 -3.67
N CYS B 20 -1.95 0.92 -3.90
CA CYS B 20 -1.14 2.17 -4.01
C CYS B 20 -1.24 2.99 -2.73
N CYS B 21 -0.13 3.50 -2.23
CA CYS B 21 -0.17 4.33 -0.99
C CYS B 21 -0.31 5.81 -1.40
N GLU B 22 -0.08 6.74 -0.51
CA GLU B 22 -0.23 8.17 -0.90
C GLU B 22 1.05 8.94 -0.57
N LEU B 23 1.60 8.72 0.58
CA LEU B 23 2.83 9.47 0.96
C LEU B 23 4.01 8.50 1.05
N CYS B 24 3.97 7.44 0.29
CA CYS B 24 5.10 6.46 0.31
C CYS B 24 5.11 5.67 -1.00
N PRO B 25 6.12 4.87 -1.18
CA PRO B 25 6.28 4.04 -2.39
C PRO B 25 4.97 3.88 -3.16
N ARG B 26 4.92 4.38 -4.36
CA ARG B 26 3.66 4.33 -5.15
C ARG B 26 2.97 2.96 -5.06
N VAL B 27 3.71 1.90 -4.93
CA VAL B 27 3.06 0.56 -4.89
C VAL B 27 3.36 -0.15 -3.57
N TYR B 28 2.40 -0.88 -3.05
CA TYR B 28 2.65 -1.63 -1.78
C TYR B 28 1.71 -2.84 -1.71
N HIS B 29 2.05 -3.77 -0.85
CA HIS B 29 1.28 -5.04 -0.71
C HIS B 29 0.11 -4.92 0.27
N ALA B 30 -0.99 -5.56 -0.06
CA ALA B 30 -2.14 -5.61 0.87
C ALA B 30 -2.24 -7.06 1.36
N LYS B 31 -1.69 -7.96 0.58
CA LYS B 31 -1.71 -9.40 0.94
C LYS B 31 -0.78 -9.59 2.13
N CYS B 32 0.41 -9.09 2.03
CA CYS B 32 1.39 -9.20 3.15
C CYS B 32 0.73 -8.64 4.41
N LEU B 33 -0.15 -7.69 4.25
CA LEU B 33 -0.85 -7.11 5.41
C LEU B 33 -2.02 -8.03 5.77
N ARG B 34 -2.30 -8.98 4.91
CA ARG B 34 -3.40 -9.94 5.19
C ARG B 34 -4.74 -9.19 5.21
N LEU B 35 -4.96 -8.33 4.26
CA LEU B 35 -6.25 -7.59 4.21
C LEU B 35 -7.26 -8.36 3.35
N THR B 36 -8.51 -8.28 3.67
CA THR B 36 -9.54 -9.01 2.87
C THR B 36 -10.31 -8.01 2.02
N SER B 37 -10.15 -6.75 2.27
CA SER B 37 -10.89 -5.73 1.46
C SER B 37 -9.96 -4.53 1.21
N GLU B 38 -10.08 -3.90 0.08
CA GLU B 38 -9.21 -2.73 -0.21
C GLU B 38 -10.07 -1.49 -0.44
N PRO B 39 -10.32 -0.75 0.62
CA PRO B 39 -11.13 0.49 0.55
C PRO B 39 -10.57 1.49 -0.48
N GLU B 40 -11.41 2.31 -1.04
CA GLU B 40 -10.92 3.30 -2.05
C GLU B 40 -10.48 4.59 -1.33
N GLY B 41 -9.32 5.09 -1.67
CA GLY B 41 -8.82 6.33 -1.01
C GLY B 41 -7.34 6.20 -0.71
N ASP B 42 -6.77 7.16 -0.03
CA ASP B 42 -5.32 7.09 0.30
C ASP B 42 -5.07 5.95 1.29
N TRP B 43 -4.40 4.91 0.87
CA TRP B 43 -4.13 3.77 1.79
C TRP B 43 -2.79 4.04 2.52
N PHE B 44 -2.76 3.83 3.81
CA PHE B 44 -1.51 4.11 4.57
C PHE B 44 -0.85 2.79 4.99
N CYS B 45 0.22 2.39 4.32
CA CYS B 45 0.88 1.12 4.72
C CYS B 45 1.41 1.27 6.15
N PRO B 46 1.44 0.20 6.89
CA PRO B 46 1.90 0.22 8.29
C PRO B 46 3.09 1.17 8.46
N GLU B 47 3.87 1.34 7.42
CA GLU B 47 5.04 2.25 7.52
C GLU B 47 4.56 3.68 7.77
N CYS B 48 3.61 4.15 7.01
CA CYS B 48 3.12 5.54 7.25
C CYS B 48 2.28 5.58 8.52
N GLU B 49 1.44 4.60 8.73
CA GLU B 49 0.59 4.58 9.97
C GLU B 49 1.49 4.50 11.21
N LYS B 50 2.58 3.78 11.15
CA LYS B 50 3.46 3.66 12.34
C LYS B 50 3.98 5.04 12.75
N ILE B 51 4.47 5.80 11.81
CA ILE B 51 4.99 7.16 12.15
C ILE B 51 3.83 8.12 12.40
N THR B 52 2.68 7.83 11.86
CA THR B 52 1.51 8.74 12.07
C THR B 52 1.05 8.66 13.53
N VAL B 53 1.05 7.49 14.10
CA VAL B 53 0.62 7.36 15.52
C VAL B 53 1.66 8.02 16.43
N ALA B 54 2.92 7.83 16.14
CA ALA B 54 3.98 8.45 16.98
C ALA B 54 4.23 9.89 16.52
N GLU B 55 3.47 10.36 15.57
CA GLU B 55 3.68 11.75 15.07
C GLU B 55 5.11 11.91 14.57
N CYS B 56 5.86 12.82 15.15
CA CYS B 56 7.27 13.00 14.72
C CYS B 56 8.20 12.95 15.93
N ILE B 57 9.26 12.19 15.85
CA ILE B 57 10.19 12.10 17.00
C ILE B 57 11.43 12.94 16.73
N GLU B 58 11.85 13.72 17.68
CA GLU B 58 13.06 14.58 17.48
C GLU B 58 13.88 14.62 18.76
N THR B 59 15.19 14.66 18.64
CA THR B 59 16.04 14.70 19.86
C THR B 59 17.23 15.62 19.61
N GLN B 60 17.84 16.11 20.65
CA GLN B 60 19.01 17.02 20.47
C GLN B 60 20.31 16.20 20.49
N SER B 61 21.14 16.37 19.51
CA SER B 61 22.42 15.60 19.47
C SER B 61 23.13 15.76 20.81
N SER A 1 -6.21 -5.56 -20.40
CA SER A 1 -7.38 -5.33 -19.51
C SER A 1 -7.41 -6.41 -18.42
N THR A 2 -6.27 -6.92 -18.05
CA THR A 2 -6.24 -7.98 -17.00
C THR A 2 -6.26 -7.32 -15.62
N GLY A 3 -6.71 -8.03 -14.62
CA GLY A 3 -6.75 -7.46 -13.25
C GLY A 3 -5.39 -7.60 -12.59
N ARG A 4 -5.26 -7.16 -11.36
CA ARG A 4 -3.95 -7.27 -10.66
C ARG A 4 -4.17 -7.14 -9.14
N VAL A 5 -5.21 -6.46 -8.74
CA VAL A 5 -5.47 -6.30 -7.29
C VAL A 5 -6.95 -6.61 -7.00
N LYS A 6 -7.29 -6.80 -5.75
CA LYS A 6 -8.70 -7.10 -5.40
C LYS A 6 -9.49 -5.80 -5.30
N LYS A 7 -10.72 -5.80 -5.75
CA LYS A 7 -11.53 -4.55 -5.68
C LYS A 7 -12.96 -4.91 -5.22
N PRO A 8 -13.12 -5.26 -3.98
CA PRO A 8 -14.45 -5.62 -3.41
C PRO A 8 -15.48 -4.52 -3.63
N HIS A 9 -16.73 -4.89 -3.81
CA HIS A 9 -17.78 -3.86 -4.03
C HIS A 9 -18.50 -3.59 -2.71
N ARG A 10 -18.81 -2.35 -2.44
CA ARG A 10 -19.51 -2.04 -1.16
C ARG A 10 -20.79 -2.87 -1.06
N TYR A 11 -21.47 -3.07 -2.15
CA TYR A 11 -22.72 -3.88 -2.11
C TYR A 11 -23.04 -4.38 -3.52
N GLN B 1 -7.56 4.40 -13.71
CA GLN B 1 -8.38 3.62 -14.68
C GLN B 1 -7.75 2.25 -14.92
N ASP B 2 -6.70 2.19 -15.69
CA ASP B 2 -6.04 0.89 -15.96
C ASP B 2 -5.57 0.28 -14.65
N GLY B 3 -5.16 1.09 -13.71
CA GLY B 3 -4.67 0.55 -12.41
C GLY B 3 -3.18 0.26 -12.50
N ARG B 4 -2.50 0.87 -13.44
CA ARG B 4 -1.03 0.61 -13.57
C ARG B 4 -0.38 0.64 -12.19
N ASN B 5 -0.22 -0.50 -11.57
CA ASN B 5 0.40 -0.54 -10.22
C ASN B 5 1.13 -1.87 -10.04
N ASP B 6 1.23 -2.65 -11.08
CA ASP B 6 1.92 -3.97 -10.97
C ASP B 6 3.43 -3.77 -11.07
N PHE B 7 4.18 -4.31 -10.14
CA PHE B 7 5.66 -4.16 -10.20
C PHE B 7 6.32 -5.23 -9.34
N TYR B 8 6.64 -4.91 -8.10
CA TYR B 8 7.29 -5.92 -7.20
C TYR B 8 7.08 -5.56 -5.72
N CYS B 9 6.66 -6.50 -4.91
CA CYS B 9 6.46 -6.21 -3.45
C CYS B 9 7.80 -6.51 -2.77
N TRP B 10 8.35 -5.56 -2.08
CA TRP B 10 9.68 -5.78 -1.40
C TRP B 10 9.59 -6.96 -0.42
N VAL B 11 8.45 -7.22 0.16
CA VAL B 11 8.38 -8.35 1.14
C VAL B 11 8.62 -9.69 0.43
N CYS B 12 8.04 -9.89 -0.73
CA CYS B 12 8.25 -11.18 -1.46
C CYS B 12 9.22 -10.97 -2.61
N HIS B 13 9.43 -9.75 -3.01
CA HIS B 13 10.34 -9.51 -4.16
C HIS B 13 9.67 -10.08 -5.41
N ARG B 14 8.38 -10.30 -5.34
CA ARG B 14 7.64 -10.86 -6.51
C ARG B 14 6.49 -9.93 -6.87
N GLU B 15 5.88 -10.12 -8.00
CA GLU B 15 4.74 -9.25 -8.41
C GLU B 15 3.43 -10.01 -8.25
N GLY B 16 2.38 -9.33 -7.87
CA GLY B 16 1.06 -10.03 -7.71
C GLY B 16 0.29 -9.37 -6.57
N GLN B 17 -0.92 -8.97 -6.82
CA GLN B 17 -1.74 -8.34 -5.74
C GLN B 17 -0.92 -7.26 -5.04
N VAL B 18 -0.81 -6.10 -5.64
CA VAL B 18 -0.02 -5.01 -4.99
C VAL B 18 -0.78 -3.68 -5.13
N LEU B 19 -0.66 -2.83 -4.15
CA LEU B 19 -1.37 -1.51 -4.22
C LEU B 19 -0.34 -0.39 -4.33
N CYS B 20 -0.73 0.74 -4.86
CA CYS B 20 0.23 1.87 -5.00
C CYS B 20 0.16 2.79 -3.77
N CYS B 21 1.30 3.18 -3.25
CA CYS B 21 1.28 4.09 -2.05
C CYS B 21 1.23 5.54 -2.56
N GLU B 22 1.48 6.51 -1.74
CA GLU B 22 1.40 7.92 -2.21
C GLU B 22 2.73 8.64 -1.95
N LEU B 23 3.30 8.45 -0.79
CA LEU B 23 4.58 9.14 -0.47
C LEU B 23 5.68 8.11 -0.25
N CYS B 24 5.66 7.03 -0.98
CA CYS B 24 6.71 5.99 -0.84
C CYS B 24 6.68 5.06 -2.06
N PRO B 25 7.60 4.14 -2.10
CA PRO B 25 7.72 3.15 -3.20
C PRO B 25 6.41 3.06 -4.00
N ARG B 26 6.49 3.37 -5.27
CA ARG B 26 5.27 3.39 -6.12
C ARG B 26 4.42 2.12 -5.92
N VAL B 27 5.02 0.99 -5.69
CA VAL B 27 4.21 -0.26 -5.56
C VAL B 27 4.51 -0.95 -4.22
N TYR B 28 3.50 -1.54 -3.62
CA TYR B 28 3.73 -2.28 -2.35
C TYR B 28 2.68 -3.36 -2.17
N HIS B 29 2.94 -4.29 -1.28
CA HIS B 29 2.04 -5.45 -1.05
C HIS B 29 0.94 -5.16 -0.03
N ALA B 30 -0.25 -5.67 -0.28
CA ALA B 30 -1.35 -5.54 0.71
C ALA B 30 -1.59 -6.94 1.27
N LYS B 31 -1.18 -7.93 0.52
CA LYS B 31 -1.36 -9.35 0.95
C LYS B 31 -0.41 -9.59 2.12
N CYS B 32 0.84 -9.23 1.93
CA CYS B 32 1.84 -9.43 3.01
C CYS B 32 1.33 -8.74 4.28
N LEU B 33 0.56 -7.70 4.11
CA LEU B 33 -0.01 -6.99 5.28
C LEU B 33 -1.23 -7.78 5.77
N ARG B 34 -1.70 -8.69 4.96
CA ARG B 34 -2.86 -9.52 5.35
C ARG B 34 -4.12 -8.65 5.41
N LEU B 35 -4.32 -7.82 4.43
CA LEU B 35 -5.54 -6.95 4.43
C LEU B 35 -6.67 -7.67 3.70
N THR B 36 -7.85 -7.66 4.27
CA THR B 36 -9.00 -8.34 3.60
C THR B 36 -9.71 -7.33 2.69
N SER B 37 -9.67 -6.08 3.04
CA SER B 37 -10.35 -5.06 2.18
C SER B 37 -9.50 -3.78 2.16
N GLU B 38 -9.37 -3.16 1.02
CA GLU B 38 -8.55 -1.92 0.95
C GLU B 38 -9.43 -0.74 0.53
N PRO B 39 -9.30 0.36 1.21
CA PRO B 39 -10.08 1.59 0.91
C PRO B 39 -9.54 2.32 -0.32
N GLU B 40 -10.35 3.11 -0.96
CA GLU B 40 -9.88 3.84 -2.17
C GLU B 40 -9.26 5.17 -1.75
N GLY B 41 -8.13 5.52 -2.31
CA GLY B 41 -7.48 6.81 -1.93
C GLY B 41 -5.98 6.58 -1.70
N ASP B 42 -5.33 7.48 -1.02
CA ASP B 42 -3.87 7.30 -0.76
C ASP B 42 -3.66 6.22 0.31
N TRP B 43 -3.01 5.15 -0.06
CA TRP B 43 -2.75 4.06 0.93
C TRP B 43 -1.40 4.31 1.59
N PHE B 44 -1.32 4.18 2.89
CA PHE B 44 -0.04 4.43 3.60
C PHE B 44 0.58 3.11 4.06
N CYS B 45 1.54 2.60 3.35
CA CYS B 45 2.16 1.31 3.77
C CYS B 45 2.72 1.49 5.19
N PRO B 46 2.70 0.44 5.97
CA PRO B 46 3.19 0.49 7.36
C PRO B 46 4.43 1.38 7.49
N GLU B 47 5.21 1.45 6.43
CA GLU B 47 6.44 2.28 6.48
C GLU B 47 6.06 3.74 6.67
N CYS B 48 5.14 4.25 5.90
CA CYS B 48 4.75 5.68 6.07
C CYS B 48 3.94 5.83 7.37
N GLU B 49 3.06 4.91 7.65
CA GLU B 49 2.25 5.00 8.90
C GLU B 49 3.15 4.93 10.13
N LYS B 50 4.19 4.14 10.08
CA LYS B 50 5.10 4.02 11.26
C LYS B 50 5.72 5.38 11.59
N ILE B 51 6.16 6.09 10.59
CA ILE B 51 6.79 7.43 10.85
C ILE B 51 5.69 8.48 11.04
N THR B 52 4.51 8.22 10.55
CA THR B 52 3.41 9.21 10.71
C THR B 52 2.97 9.27 12.17
N VAL B 53 2.88 8.15 12.82
CA VAL B 53 2.45 8.15 14.25
C VAL B 53 3.60 8.64 15.13
N ALA B 54 4.81 8.35 14.75
CA ALA B 54 5.98 8.80 15.57
C ALA B 54 6.02 10.33 15.58
N GLU B 55 5.50 10.96 14.55
CA GLU B 55 5.52 12.44 14.51
C GLU B 55 6.91 12.95 14.90
N CYS B 56 7.04 13.53 16.07
CA CYS B 56 8.37 14.04 16.51
C CYS B 56 9.21 12.88 17.04
N ILE B 57 10.25 12.53 16.33
CA ILE B 57 11.12 11.41 16.78
C ILE B 57 11.69 11.73 18.17
N GLU B 58 12.01 12.97 18.41
CA GLU B 58 12.56 13.34 19.75
C GLU B 58 11.69 14.43 20.38
N THR B 59 11.66 14.50 21.68
CA THR B 59 10.84 15.54 22.36
C THR B 59 11.59 16.07 23.58
N GLN B 60 11.23 17.24 24.05
CA GLN B 60 11.93 17.81 25.23
C GLN B 60 10.92 18.61 26.07
N SER B 61 11.25 18.88 27.30
CA SER B 61 10.33 19.65 28.17
C SER B 61 9.86 20.91 27.44
N SER A 1 -5.52 -6.50 -20.11
CA SER A 1 -6.59 -6.25 -19.09
C SER A 1 -6.55 -7.35 -18.03
N THR A 2 -5.39 -7.90 -17.79
CA THR A 2 -5.28 -8.98 -16.76
C THR A 2 -5.50 -8.38 -15.36
N GLY A 3 -5.32 -7.10 -15.23
CA GLY A 3 -5.52 -6.46 -13.90
C GLY A 3 -4.23 -6.59 -13.08
N ARG A 4 -4.30 -6.34 -11.80
CA ARG A 4 -3.09 -6.45 -10.95
C ARG A 4 -3.51 -6.69 -9.49
N VAL A 5 -4.49 -5.96 -9.02
CA VAL A 5 -4.94 -6.16 -7.60
C VAL A 5 -6.47 -6.23 -7.58
N LYS A 6 -7.01 -7.01 -6.67
CA LYS A 6 -8.50 -7.13 -6.59
C LYS A 6 -9.12 -5.73 -6.59
N LYS A 7 -10.36 -5.63 -6.95
CA LYS A 7 -11.03 -4.30 -6.97
C LYS A 7 -12.53 -4.47 -7.23
N PRO A 8 -12.87 -5.35 -8.14
CA PRO A 8 -14.30 -5.62 -8.50
C PRO A 8 -15.05 -6.33 -7.36
N HIS A 9 -16.32 -6.08 -7.24
CA HIS A 9 -17.11 -6.74 -6.16
C HIS A 9 -16.44 -6.45 -4.82
N ARG A 10 -15.80 -5.32 -4.68
CA ARG A 10 -15.14 -5.00 -3.39
C ARG A 10 -16.15 -5.11 -2.24
N TYR A 11 -17.37 -4.70 -2.48
CA TYR A 11 -18.40 -4.77 -1.41
C TYR A 11 -18.93 -6.21 -1.31
N GLN B 1 -4.49 4.84 -17.63
CA GLN B 1 -5.86 4.67 -18.20
C GLN B 1 -6.71 3.84 -17.24
N ASP B 2 -6.35 2.61 -17.01
CA ASP B 2 -7.14 1.75 -16.09
C ASP B 2 -6.66 1.97 -14.66
N GLY B 3 -5.83 2.95 -14.44
CA GLY B 3 -5.32 3.21 -13.06
C GLY B 3 -4.10 2.33 -12.80
N ARG B 4 -3.45 1.88 -13.83
CA ARG B 4 -2.26 1.00 -13.64
C ARG B 4 -1.37 1.58 -12.54
N ASN B 5 -0.80 0.75 -11.71
CA ASN B 5 0.07 1.25 -10.61
C ASN B 5 0.76 0.08 -9.93
N ASP B 6 1.17 -0.91 -10.68
CA ASP B 6 1.84 -2.09 -10.07
C ASP B 6 3.35 -1.93 -10.19
N PHE B 7 4.10 -2.63 -9.37
CA PHE B 7 5.59 -2.51 -9.44
C PHE B 7 6.23 -3.64 -8.62
N TYR B 8 6.44 -3.42 -7.35
CA TYR B 8 7.08 -4.48 -6.50
C TYR B 8 6.73 -4.27 -5.01
N CYS B 9 6.47 -5.33 -4.29
CA CYS B 9 6.15 -5.21 -2.83
C CYS B 9 7.45 -5.45 -2.07
N TRP B 10 7.85 -4.52 -1.26
CA TRP B 10 9.12 -4.67 -0.49
C TRP B 10 9.07 -5.91 0.43
N VAL B 11 7.92 -6.31 0.88
CA VAL B 11 7.85 -7.50 1.79
C VAL B 11 8.28 -8.76 1.02
N CYS B 12 7.85 -8.91 -0.20
CA CYS B 12 8.23 -10.14 -0.97
C CYS B 12 9.32 -9.79 -1.99
N HIS B 13 9.49 -8.53 -2.28
CA HIS B 13 10.51 -8.16 -3.28
C HIS B 13 10.03 -8.65 -4.65
N ARG B 14 8.75 -8.94 -4.74
CA ARG B 14 8.20 -9.44 -6.04
C ARG B 14 6.94 -8.62 -6.39
N GLU B 15 6.45 -8.79 -7.59
CA GLU B 15 5.23 -8.02 -7.99
C GLU B 15 4.01 -8.95 -7.96
N GLY B 16 2.87 -8.43 -7.60
CA GLY B 16 1.64 -9.28 -7.55
C GLY B 16 0.66 -8.71 -6.52
N GLN B 17 -0.51 -8.35 -6.95
CA GLN B 17 -1.52 -7.80 -6.00
C GLN B 17 -0.86 -6.74 -5.11
N VAL B 18 -0.93 -5.50 -5.51
CA VAL B 18 -0.30 -4.43 -4.68
C VAL B 18 -1.19 -3.17 -4.71
N LEU B 19 -1.18 -2.42 -3.65
CA LEU B 19 -2.00 -1.17 -3.62
C LEU B 19 -1.07 0.04 -3.67
N CYS B 20 -1.62 1.21 -3.89
CA CYS B 20 -0.75 2.43 -3.98
C CYS B 20 -0.78 3.21 -2.67
N CYS B 21 0.37 3.47 -2.09
CA CYS B 21 0.41 4.27 -0.83
C CYS B 21 0.67 5.72 -1.28
N GLU B 22 0.01 6.70 -0.72
CA GLU B 22 0.25 8.10 -1.19
C GLU B 22 1.30 8.78 -0.32
N LEU B 23 1.50 8.30 0.88
CA LEU B 23 2.50 8.95 1.78
C LEU B 23 3.78 8.12 1.78
N CYS B 24 3.89 7.16 0.91
CA CYS B 24 5.11 6.32 0.87
C CYS B 24 5.20 5.62 -0.49
N PRO B 25 6.25 4.87 -0.69
CA PRO B 25 6.49 4.12 -1.94
C PRO B 25 5.21 3.99 -2.78
N ARG B 26 5.24 4.50 -3.99
CA ARG B 26 4.03 4.49 -4.84
C ARG B 26 3.35 3.11 -4.83
N VAL B 27 4.08 2.05 -4.68
CA VAL B 27 3.43 0.70 -4.73
C VAL B 27 3.71 -0.08 -3.44
N TYR B 28 2.74 -0.80 -2.95
CA TYR B 28 2.98 -1.62 -1.73
C TYR B 28 2.00 -2.80 -1.69
N HIS B 29 2.30 -3.77 -0.89
CA HIS B 29 1.48 -5.01 -0.80
C HIS B 29 0.28 -4.89 0.15
N ALA B 30 -0.81 -5.50 -0.21
CA ALA B 30 -2.01 -5.53 0.68
C ALA B 30 -2.15 -6.98 1.14
N LYS B 31 -1.61 -7.88 0.37
CA LYS B 31 -1.68 -9.33 0.72
C LYS B 31 -0.80 -9.56 1.93
N CYS B 32 0.43 -9.10 1.86
CA CYS B 32 1.36 -9.26 2.99
C CYS B 32 0.70 -8.69 4.25
N LEU B 33 -0.15 -7.73 4.08
CA LEU B 33 -0.86 -7.14 5.23
C LEU B 33 -2.07 -8.02 5.56
N ARG B 34 -2.38 -8.92 4.65
CA ARG B 34 -3.52 -9.84 4.88
C ARG B 34 -4.84 -9.06 4.85
N LEU B 35 -4.99 -8.19 3.88
CA LEU B 35 -6.25 -7.40 3.78
C LEU B 35 -7.19 -8.07 2.77
N THR B 36 -8.46 -8.13 3.08
CA THR B 36 -9.43 -8.77 2.13
C THR B 36 -10.16 -7.69 1.35
N SER B 37 -10.21 -6.49 1.87
CA SER B 37 -10.91 -5.39 1.16
C SER B 37 -9.96 -4.21 0.99
N GLU B 38 -10.05 -3.51 -0.10
CA GLU B 38 -9.15 -2.34 -0.31
C GLU B 38 -9.98 -1.07 -0.46
N PRO B 39 -10.20 -0.39 0.63
CA PRO B 39 -10.99 0.88 0.64
C PRO B 39 -10.44 1.90 -0.36
N GLU B 40 -11.28 2.78 -0.84
CA GLU B 40 -10.80 3.80 -1.81
C GLU B 40 -10.29 5.03 -1.06
N GLY B 41 -9.26 5.66 -1.56
CA GLY B 41 -8.70 6.86 -0.87
C GLY B 41 -7.22 6.64 -0.57
N ASP B 42 -6.65 7.46 0.27
CA ASP B 42 -5.21 7.30 0.61
C ASP B 42 -5.01 6.07 1.51
N TRP B 43 -4.18 5.15 1.10
CA TRP B 43 -3.94 3.94 1.93
C TRP B 43 -2.61 4.12 2.68
N PHE B 44 -2.62 3.95 3.97
CA PHE B 44 -1.36 4.13 4.75
C PHE B 44 -0.88 2.78 5.27
N CYS B 45 0.16 2.22 4.68
CA CYS B 45 0.66 0.91 5.18
C CYS B 45 1.09 1.08 6.63
N PRO B 46 0.93 0.05 7.42
CA PRO B 46 1.30 0.09 8.85
C PRO B 46 2.59 0.89 9.06
N GLU B 47 3.46 0.89 8.09
CA GLU B 47 4.73 1.65 8.23
C GLU B 47 4.41 3.15 8.35
N CYS B 48 3.60 3.69 7.49
CA CYS B 48 3.28 5.14 7.60
C CYS B 48 2.38 5.38 8.81
N GLU B 49 1.43 4.51 9.05
CA GLU B 49 0.53 4.68 10.23
C GLU B 49 1.35 4.70 11.52
N LYS B 50 2.39 3.92 11.59
CA LYS B 50 3.22 3.89 12.83
C LYS B 50 3.84 5.28 13.08
N ILE B 51 4.37 5.90 12.07
CA ILE B 51 4.97 7.25 12.25
C ILE B 51 3.92 8.23 12.77
N THR B 52 2.70 8.08 12.33
CA THR B 52 1.63 9.02 12.79
C THR B 52 1.34 8.76 14.27
N VAL B 53 1.33 7.53 14.69
CA VAL B 53 1.05 7.23 16.13
C VAL B 53 2.17 7.79 16.99
N ALA B 54 3.40 7.66 16.56
CA ALA B 54 4.54 8.20 17.36
C ALA B 54 4.91 9.59 16.85
N GLU B 55 4.07 10.18 16.05
CA GLU B 55 4.38 11.54 15.52
C GLU B 55 5.79 11.55 14.92
N CYS B 56 6.25 12.68 14.48
CA CYS B 56 7.61 12.75 13.88
C CYS B 56 8.65 12.90 15.01
N ILE B 57 9.64 12.06 15.02
CA ILE B 57 10.68 12.15 16.09
C ILE B 57 11.92 12.85 15.52
N GLU B 58 12.48 13.78 16.26
CA GLU B 58 13.68 14.50 15.77
C GLU B 58 14.68 14.67 16.91
N THR B 59 15.95 14.52 16.63
CA THR B 59 16.97 14.68 17.71
C THR B 59 17.23 16.17 17.96
N GLN B 60 17.35 16.57 19.20
CA GLN B 60 17.61 18.00 19.50
C GLN B 60 18.90 18.44 18.82
N SER B 61 19.88 17.57 18.74
CA SER B 61 21.16 17.94 18.09
C SER B 61 22.11 16.74 18.13
N SER A 1 -7.51 -2.06 -18.72
CA SER A 1 -6.62 -3.14 -19.25
C SER A 1 -6.75 -4.39 -18.37
N THR A 2 -5.64 -4.99 -18.03
CA THR A 2 -5.70 -6.21 -17.17
C THR A 2 -5.84 -5.80 -15.70
N GLY A 3 -6.27 -6.70 -14.87
CA GLY A 3 -6.42 -6.37 -13.42
C GLY A 3 -5.07 -6.50 -12.71
N ARG A 4 -5.04 -6.27 -11.43
CA ARG A 4 -3.76 -6.38 -10.68
C ARG A 4 -4.05 -6.61 -9.20
N VAL A 5 -5.04 -5.95 -8.67
CA VAL A 5 -5.37 -6.12 -7.23
C VAL A 5 -6.83 -6.57 -7.09
N LYS A 6 -7.20 -7.08 -5.95
CA LYS A 6 -8.60 -7.53 -5.75
C LYS A 6 -9.50 -6.31 -5.47
N LYS A 7 -10.67 -6.29 -6.03
CA LYS A 7 -11.58 -5.13 -5.79
C LYS A 7 -13.02 -5.62 -5.69
N PRO A 8 -13.37 -6.21 -4.58
CA PRO A 8 -14.74 -6.74 -4.33
C PRO A 8 -15.82 -5.68 -4.58
N HIS A 9 -16.96 -6.08 -5.05
CA HIS A 9 -18.05 -5.08 -5.31
C HIS A 9 -18.33 -4.31 -4.01
N ARG A 10 -17.69 -3.19 -3.84
CA ARG A 10 -17.92 -2.39 -2.59
C ARG A 10 -19.41 -2.09 -2.46
N TYR A 11 -20.07 -1.82 -3.54
CA TYR A 11 -21.53 -1.51 -3.48
C TYR A 11 -22.27 -2.69 -2.85
N GLN B 1 -5.14 7.04 -16.59
CA GLN B 1 -6.09 6.20 -17.39
C GLN B 1 -6.55 5.02 -16.54
N ASP B 2 -6.11 3.83 -16.87
CA ASP B 2 -6.52 2.63 -16.08
C ASP B 2 -6.08 2.80 -14.63
N GLY B 3 -4.99 3.47 -14.41
CA GLY B 3 -4.50 3.67 -13.02
C GLY B 3 -3.48 2.58 -12.67
N ARG B 4 -2.87 1.99 -13.65
CA ARG B 4 -1.87 0.92 -13.38
C ARG B 4 -0.94 1.37 -12.25
N ASN B 5 -0.54 0.46 -11.41
CA ASN B 5 0.37 0.83 -10.29
C ASN B 5 1.09 -0.41 -9.77
N ASP B 6 1.49 -1.29 -10.66
CA ASP B 6 2.19 -2.53 -10.21
C ASP B 6 3.70 -2.30 -10.23
N PHE B 7 4.41 -2.91 -9.32
CA PHE B 7 5.89 -2.74 -9.30
C PHE B 7 6.53 -3.88 -8.49
N TYR B 8 6.74 -3.68 -7.21
CA TYR B 8 7.36 -4.75 -6.37
C TYR B 8 7.04 -4.55 -4.88
N CYS B 9 6.60 -5.59 -4.20
CA CYS B 9 6.30 -5.47 -2.74
C CYS B 9 7.61 -5.73 -2.01
N TRP B 10 8.07 -4.81 -1.21
CA TRP B 10 9.36 -5.00 -0.47
C TRP B 10 9.31 -6.26 0.41
N VAL B 11 8.15 -6.68 0.84
CA VAL B 11 8.11 -7.90 1.71
C VAL B 11 8.49 -9.14 0.91
N CYS B 12 8.05 -9.25 -0.31
CA CYS B 12 8.39 -10.46 -1.13
C CYS B 12 9.37 -10.07 -2.23
N HIS B 13 9.48 -8.81 -2.53
CA HIS B 13 10.39 -8.40 -3.64
C HIS B 13 9.80 -8.92 -4.95
N ARG B 14 8.53 -9.25 -4.94
CA ARG B 14 7.88 -9.77 -6.16
C ARG B 14 6.70 -8.87 -6.54
N GLU B 15 6.22 -8.96 -7.75
CA GLU B 15 5.08 -8.10 -8.18
C GLU B 15 3.81 -8.94 -8.27
N GLY B 16 2.67 -8.38 -7.95
CA GLY B 16 1.40 -9.16 -8.04
C GLY B 16 0.51 -8.81 -6.84
N GLN B 17 -0.72 -8.45 -7.10
CA GLN B 17 -1.64 -8.10 -5.98
C GLN B 17 -0.97 -7.07 -5.06
N VAL B 18 -0.64 -5.92 -5.58
CA VAL B 18 0.02 -4.89 -4.73
C VAL B 18 -0.84 -3.63 -4.68
N LEU B 19 -0.85 -2.95 -3.57
CA LEU B 19 -1.67 -1.71 -3.46
C LEU B 19 -0.75 -0.50 -3.45
N CYS B 20 -1.28 0.69 -3.60
CA CYS B 20 -0.42 1.91 -3.62
C CYS B 20 -0.60 2.70 -2.32
N CYS B 21 0.47 3.23 -1.76
CA CYS B 21 0.34 4.04 -0.52
C CYS B 21 0.23 5.53 -0.87
N GLU B 22 0.51 6.42 0.05
CA GLU B 22 0.39 7.87 -0.28
C GLU B 22 1.68 8.59 0.07
N LEU B 23 2.23 8.34 1.23
CA LEU B 23 3.47 9.05 1.63
C LEU B 23 4.63 8.04 1.69
N CYS B 24 4.52 6.95 0.99
CA CYS B 24 5.62 5.94 0.98
C CYS B 24 5.64 5.22 -0.37
N PRO B 25 6.65 4.42 -0.58
CA PRO B 25 6.83 3.65 -1.84
C PRO B 25 5.52 3.56 -2.63
N ARG B 26 5.50 4.14 -3.79
CA ARG B 26 4.25 4.16 -4.62
C ARG B 26 3.54 2.80 -4.60
N VAL B 27 4.25 1.71 -4.50
CA VAL B 27 3.57 0.39 -4.53
C VAL B 27 3.83 -0.39 -3.25
N TYR B 28 2.86 -1.13 -2.77
CA TYR B 28 3.07 -1.94 -1.54
C TYR B 28 2.12 -3.14 -1.53
N HIS B 29 2.41 -4.10 -0.69
CA HIS B 29 1.62 -5.35 -0.62
C HIS B 29 0.43 -5.25 0.36
N ALA B 30 -0.66 -5.87 0.00
CA ALA B 30 -1.83 -5.93 0.91
C ALA B 30 -1.96 -7.38 1.36
N LYS B 31 -1.42 -8.28 0.56
CA LYS B 31 -1.46 -9.73 0.89
C LYS B 31 -0.54 -9.97 2.08
N CYS B 32 0.66 -9.50 1.97
CA CYS B 32 1.63 -9.67 3.10
C CYS B 32 1.00 -9.11 4.36
N LEU B 33 0.19 -8.10 4.22
CA LEU B 33 -0.50 -7.51 5.40
C LEU B 33 -1.70 -8.39 5.74
N ARG B 34 -2.03 -9.31 4.87
CA ARG B 34 -3.18 -10.22 5.12
C ARG B 34 -4.48 -9.40 5.16
N LEU B 35 -4.66 -8.51 4.22
CA LEU B 35 -5.90 -7.71 4.19
C LEU B 35 -6.97 -8.47 3.40
N THR B 36 -8.22 -8.35 3.81
CA THR B 36 -9.30 -9.07 3.09
C THR B 36 -10.16 -8.05 2.33
N SER B 37 -9.96 -6.79 2.58
CA SER B 37 -10.77 -5.76 1.87
C SER B 37 -9.84 -4.80 1.14
N GLU B 38 -10.26 -4.28 0.02
CA GLU B 38 -9.39 -3.33 -0.73
C GLU B 38 -9.57 -1.92 -0.19
N PRO B 39 -8.48 -1.25 0.10
CA PRO B 39 -8.51 0.14 0.61
C PRO B 39 -8.84 1.17 -0.48
N GLU B 40 -9.42 2.27 -0.11
CA GLU B 40 -9.76 3.31 -1.15
C GLU B 40 -9.15 4.64 -0.74
N GLY B 41 -8.59 5.37 -1.68
CA GLY B 41 -7.98 6.69 -1.35
C GLY B 41 -6.58 6.46 -0.78
N ASP B 42 -6.03 7.46 -0.15
CA ASP B 42 -4.66 7.31 0.44
C ASP B 42 -4.68 6.23 1.52
N TRP B 43 -3.83 5.24 1.39
CA TRP B 43 -3.78 4.17 2.42
C TRP B 43 -2.45 4.24 3.17
N PHE B 44 -2.43 3.93 4.43
CA PHE B 44 -1.17 4.00 5.21
C PHE B 44 -0.68 2.59 5.55
N CYS B 45 0.39 2.15 4.94
CA CYS B 45 0.90 0.79 5.28
C CYS B 45 1.48 0.82 6.69
N PRO B 46 1.39 -0.28 7.39
CA PRO B 46 1.91 -0.37 8.78
C PRO B 46 3.18 0.45 8.95
N GLU B 47 3.95 0.58 7.90
CA GLU B 47 5.22 1.36 8.00
C GLU B 47 4.88 2.83 8.30
N CYS B 48 3.98 3.43 7.57
CA CYS B 48 3.64 4.85 7.86
C CYS B 48 2.83 4.93 9.16
N GLU B 49 1.90 4.03 9.35
CA GLU B 49 1.08 4.04 10.59
C GLU B 49 1.98 3.86 11.82
N LYS B 50 3.00 3.05 11.72
CA LYS B 50 3.90 2.82 12.89
C LYS B 50 4.55 4.14 13.33
N ILE B 51 5.10 4.87 12.40
CA ILE B 51 5.76 6.15 12.76
C ILE B 51 4.69 7.22 13.03
N THR B 52 3.52 7.05 12.50
CA THR B 52 2.44 8.06 12.73
C THR B 52 1.98 8.00 14.20
N VAL B 53 1.86 6.83 14.74
CA VAL B 53 1.43 6.71 16.17
C VAL B 53 2.53 7.26 17.08
N ALA B 54 3.76 6.97 16.78
CA ALA B 54 4.87 7.48 17.63
C ALA B 54 5.23 8.91 17.21
N GLU B 55 4.51 9.45 16.27
CA GLU B 55 4.80 10.85 15.82
C GLU B 55 6.29 10.97 15.47
N CYS B 56 6.81 10.02 14.74
CA CYS B 56 8.26 10.09 14.37
C CYS B 56 9.11 10.16 15.64
N ILE B 57 10.41 10.24 15.48
CA ILE B 57 11.30 10.30 16.68
C ILE B 57 12.00 11.65 16.71
N GLU B 58 12.09 12.26 17.87
CA GLU B 58 12.77 13.58 17.96
C GLU B 58 12.21 14.52 16.88
N THR B 59 11.26 15.35 17.22
CA THR B 59 10.69 16.28 16.21
C THR B 59 11.82 17.14 15.62
N GLN B 60 12.75 17.56 16.44
CA GLN B 60 13.86 18.40 15.92
C GLN B 60 13.30 19.62 15.21
N SER B 61 12.47 20.38 15.87
CA SER B 61 11.88 21.59 15.24
C SER B 61 11.25 21.21 13.90
N SER A 1 -7.14 -5.02 -18.69
CA SER A 1 -7.42 -3.63 -18.23
C SER A 1 -7.13 -3.50 -16.74
N THR A 2 -7.69 -4.38 -15.94
CA THR A 2 -7.44 -4.32 -14.47
C THR A 2 -7.32 -5.73 -13.91
N GLY A 3 -6.72 -5.89 -12.77
CA GLY A 3 -6.57 -7.24 -12.18
C GLY A 3 -5.35 -7.27 -11.26
N ARG A 4 -4.43 -6.35 -11.44
CA ARG A 4 -3.21 -6.32 -10.58
C ARG A 4 -3.63 -6.22 -9.12
N VAL A 5 -4.64 -5.44 -8.83
CA VAL A 5 -5.10 -5.30 -7.42
C VAL A 5 -6.54 -5.79 -7.28
N LYS A 6 -6.93 -6.19 -6.10
CA LYS A 6 -8.32 -6.68 -5.90
C LYS A 6 -9.23 -5.51 -5.51
N LYS A 7 -10.42 -5.47 -6.05
CA LYS A 7 -11.36 -4.36 -5.70
C LYS A 7 -12.78 -4.90 -5.61
N PRO A 8 -13.08 -5.59 -4.54
CA PRO A 8 -14.43 -6.17 -4.31
C PRO A 8 -15.55 -5.11 -4.43
N HIS A 9 -16.68 -5.50 -4.94
CA HIS A 9 -17.80 -4.52 -5.08
C HIS A 9 -18.32 -4.16 -3.69
N ARG A 10 -17.62 -3.31 -2.98
CA ARG A 10 -18.09 -2.92 -1.62
C ARG A 10 -19.50 -2.33 -1.72
N TYR A 11 -19.78 -1.61 -2.75
CA TYR A 11 -21.14 -1.01 -2.90
C TYR A 11 -22.11 -2.07 -3.41
N GLN B 1 -3.91 8.26 -18.41
CA GLN B 1 -4.00 6.78 -18.47
C GLN B 1 -4.13 6.21 -17.05
N ASP B 2 -4.25 4.92 -16.92
CA ASP B 2 -4.36 4.31 -15.57
C ASP B 2 -3.13 4.67 -14.74
N GLY B 3 -1.98 4.70 -15.36
CA GLY B 3 -0.74 5.04 -14.61
C GLY B 3 -0.10 3.76 -14.08
N ARG B 4 -0.67 2.63 -14.39
CA ARG B 4 -0.09 1.34 -13.90
C ARG B 4 0.62 1.58 -12.56
N ASN B 5 -0.11 1.53 -11.48
CA ASN B 5 0.53 1.76 -10.16
C ASN B 5 1.20 0.46 -9.69
N ASP B 6 1.19 -0.55 -10.50
CA ASP B 6 1.82 -1.84 -10.10
C ASP B 6 3.33 -1.68 -10.07
N PHE B 7 3.99 -2.26 -9.10
CA PHE B 7 5.47 -2.14 -9.03
C PHE B 7 6.07 -3.43 -8.44
N TYR B 8 6.35 -3.45 -7.16
CA TYR B 8 6.93 -4.67 -6.52
C TYR B 8 6.70 -4.67 -5.00
N CYS B 9 6.40 -5.82 -4.43
CA CYS B 9 6.20 -5.89 -2.94
C CYS B 9 7.57 -6.25 -2.34
N TRP B 10 8.08 -5.43 -1.45
CA TRP B 10 9.41 -5.72 -0.84
C TRP B 10 9.37 -7.05 -0.07
N VAL B 11 8.25 -7.44 0.48
CA VAL B 11 8.23 -8.72 1.24
C VAL B 11 8.56 -9.91 0.33
N CYS B 12 8.05 -9.91 -0.87
CA CYS B 12 8.35 -11.05 -1.81
C CYS B 12 9.28 -10.59 -2.91
N HIS B 13 9.41 -9.30 -3.10
CA HIS B 13 10.28 -8.82 -4.19
C HIS B 13 9.65 -9.22 -5.52
N ARG B 14 8.38 -9.56 -5.49
CA ARG B 14 7.68 -9.98 -6.74
C ARG B 14 6.40 -9.15 -6.90
N GLU B 15 5.77 -9.26 -8.04
CA GLU B 15 4.53 -8.47 -8.26
C GLU B 15 3.31 -9.39 -8.16
N GLY B 16 2.18 -8.86 -7.77
CA GLY B 16 0.97 -9.71 -7.65
C GLY B 16 0.11 -9.24 -6.47
N GLN B 17 -1.08 -8.78 -6.75
CA GLN B 17 -1.96 -8.30 -5.64
C GLN B 17 -1.23 -7.25 -4.82
N VAL B 18 -1.29 -6.00 -5.22
CA VAL B 18 -0.59 -4.93 -4.45
C VAL B 18 -1.51 -3.71 -4.32
N LEU B 19 -1.16 -2.79 -3.45
CA LEU B 19 -2.01 -1.58 -3.27
C LEU B 19 -1.11 -0.34 -3.28
N CYS B 20 -1.68 0.82 -3.50
CA CYS B 20 -0.85 2.06 -3.51
C CYS B 20 -0.86 2.74 -2.14
N CYS B 21 0.29 3.08 -1.61
CA CYS B 21 0.31 3.78 -0.28
C CYS B 21 0.27 5.29 -0.51
N GLU B 22 0.75 6.09 0.40
CA GLU B 22 0.68 7.56 0.21
C GLU B 22 2.07 8.18 0.45
N LEU B 23 2.72 7.80 1.51
CA LEU B 23 4.05 8.40 1.81
C LEU B 23 5.10 7.30 1.83
N CYS B 24 5.01 6.35 0.95
CA CYS B 24 6.01 5.25 0.90
C CYS B 24 5.95 4.55 -0.46
N PRO B 25 6.85 3.64 -0.69
CA PRO B 25 6.91 2.87 -1.95
C PRO B 25 5.59 2.94 -2.74
N ARG B 26 5.66 3.41 -3.95
CA ARG B 26 4.43 3.58 -4.76
C ARG B 26 3.44 2.41 -4.57
N VAL B 27 3.92 1.21 -4.49
CA VAL B 27 2.98 0.06 -4.35
C VAL B 27 3.42 -0.87 -3.22
N TYR B 28 2.49 -1.53 -2.58
CA TYR B 28 2.87 -2.49 -1.50
C TYR B 28 1.89 -3.68 -1.48
N HIS B 29 2.30 -4.73 -0.85
CA HIS B 29 1.49 -5.99 -0.82
C HIS B 29 0.32 -5.92 0.17
N ALA B 30 -0.77 -6.55 -0.18
CA ALA B 30 -1.94 -6.65 0.75
C ALA B 30 -1.98 -8.08 1.25
N LYS B 31 -1.42 -8.98 0.47
CA LYS B 31 -1.39 -10.42 0.85
C LYS B 31 -0.41 -10.57 2.01
N CYS B 32 0.82 -10.16 1.80
CA CYS B 32 1.83 -10.25 2.87
C CYS B 32 1.27 -9.57 4.12
N LEU B 33 0.48 -8.55 3.94
CA LEU B 33 -0.13 -7.85 5.10
C LEU B 33 -1.35 -8.65 5.54
N ARG B 34 -1.79 -9.57 4.71
CA ARG B 34 -2.97 -10.41 5.07
C ARG B 34 -4.23 -9.55 5.07
N LEU B 35 -4.39 -8.71 4.08
CA LEU B 35 -5.60 -7.85 4.01
C LEU B 35 -6.63 -8.51 3.09
N THR B 36 -7.86 -8.61 3.54
CA THR B 36 -8.91 -9.26 2.70
C THR B 36 -9.78 -8.18 2.05
N SER B 37 -9.72 -6.98 2.54
CA SER B 37 -10.55 -5.89 1.96
C SER B 37 -9.64 -4.87 1.26
N GLU B 38 -10.14 -4.20 0.28
CA GLU B 38 -9.30 -3.18 -0.43
C GLU B 38 -9.48 -1.81 0.22
N PRO B 39 -8.40 -1.19 0.59
CA PRO B 39 -8.44 0.16 1.24
C PRO B 39 -8.67 1.27 0.22
N GLU B 40 -9.30 2.35 0.63
CA GLU B 40 -9.57 3.46 -0.32
C GLU B 40 -8.92 4.74 0.21
N GLY B 41 -8.38 5.55 -0.67
CA GLY B 41 -7.73 6.81 -0.21
C GLY B 41 -6.29 6.54 0.18
N ASP B 42 -5.68 7.43 0.92
CA ASP B 42 -4.27 7.22 1.34
C ASP B 42 -4.20 6.09 2.38
N TRP B 43 -3.64 4.97 2.01
CA TRP B 43 -3.53 3.84 2.97
C TRP B 43 -2.12 3.85 3.58
N PHE B 44 -2.00 3.49 4.82
CA PHE B 44 -0.66 3.50 5.47
C PHE B 44 -0.18 2.06 5.71
N CYS B 45 0.81 1.61 4.97
CA CYS B 45 1.31 0.23 5.21
C CYS B 45 2.02 0.19 6.56
N PRO B 46 1.98 -0.93 7.23
CA PRO B 46 2.62 -1.09 8.56
C PRO B 46 3.92 -0.30 8.64
N GLU B 47 4.61 -0.16 7.53
CA GLU B 47 5.89 0.59 7.54
C GLU B 47 5.63 2.03 7.94
N CYS B 48 4.68 2.69 7.33
CA CYS B 48 4.40 4.10 7.70
C CYS B 48 3.71 4.14 9.07
N GLU B 49 2.78 3.27 9.29
CA GLU B 49 2.07 3.26 10.62
C GLU B 49 3.06 2.96 11.74
N LYS B 50 4.01 2.09 11.51
CA LYS B 50 4.99 1.76 12.59
C LYS B 50 5.74 3.01 13.03
N ILE B 51 6.24 3.78 12.10
CA ILE B 51 6.98 5.02 12.48
C ILE B 51 6.00 6.09 12.96
N THR B 52 4.78 6.03 12.51
CA THR B 52 3.78 7.05 12.95
C THR B 52 3.44 6.85 14.43
N VAL B 53 3.31 5.62 14.85
CA VAL B 53 2.98 5.36 16.28
C VAL B 53 4.15 5.81 17.16
N ALA B 54 5.35 5.58 16.74
CA ALA B 54 6.52 6.00 17.56
C ALA B 54 6.53 7.52 17.71
N GLU B 55 6.02 8.22 16.73
CA GLU B 55 6.00 9.71 16.82
C GLU B 55 7.37 10.22 17.27
N CYS B 56 8.24 10.52 16.35
CA CYS B 56 9.59 11.02 16.74
C CYS B 56 10.18 11.83 15.59
N ILE B 57 9.71 11.61 14.39
CA ILE B 57 10.24 12.37 13.22
C ILE B 57 10.00 13.86 13.43
N GLU B 58 8.87 14.22 13.98
CA GLU B 58 8.57 15.66 14.20
C GLU B 58 9.66 16.27 15.09
N THR B 59 10.02 17.49 14.84
CA THR B 59 11.07 18.15 15.67
C THR B 59 10.70 19.62 15.90
N GLN B 60 11.26 20.22 16.91
CA GLN B 60 10.93 21.65 17.18
C GLN B 60 11.32 22.50 15.97
N SER B 61 12.37 22.15 15.29
CA SER B 61 12.80 22.94 14.11
C SER B 61 13.92 22.19 13.38
N SER A 1 -8.38 -6.89 -19.94
CA SER A 1 -7.39 -6.48 -18.90
C SER A 1 -7.94 -6.80 -17.52
N THR A 2 -7.29 -7.69 -16.80
CA THR A 2 -7.77 -8.04 -15.43
C THR A 2 -7.30 -6.98 -14.44
N GLY A 3 -7.93 -6.92 -13.29
CA GLY A 3 -7.51 -5.90 -12.28
C GLY A 3 -6.27 -6.40 -11.53
N ARG A 4 -5.16 -5.74 -11.70
CA ARG A 4 -3.92 -6.17 -11.01
C ARG A 4 -4.16 -6.21 -9.50
N VAL A 5 -5.00 -5.33 -9.00
CA VAL A 5 -5.27 -5.32 -7.54
C VAL A 5 -6.71 -5.80 -7.29
N LYS A 6 -6.99 -6.26 -6.11
CA LYS A 6 -8.37 -6.74 -5.80
C LYS A 6 -9.28 -5.54 -5.53
N LYS A 7 -10.52 -5.65 -5.89
CA LYS A 7 -11.46 -4.51 -5.65
C LYS A 7 -12.81 -5.05 -5.19
N PRO A 8 -12.87 -5.57 -4.00
CA PRO A 8 -14.12 -6.14 -3.42
C PRO A 8 -15.26 -5.11 -3.43
N HIS A 9 -16.48 -5.57 -3.55
CA HIS A 9 -17.63 -4.63 -3.56
C HIS A 9 -18.00 -4.27 -2.12
N ARG A 10 -18.22 -3.02 -1.85
CA ARG A 10 -18.58 -2.61 -0.46
C ARG A 10 -19.91 -3.28 -0.06
N TYR A 11 -20.05 -3.63 1.19
CA TYR A 11 -21.31 -4.29 1.64
C TYR A 11 -22.51 -3.46 1.19
N GLN B 1 -0.71 -2.97 -22.35
CA GLN B 1 -0.54 -2.02 -21.21
C GLN B 1 -1.75 -2.08 -20.30
N ASP B 2 -1.60 -2.63 -19.12
CA ASP B 2 -2.76 -2.72 -18.19
C ASP B 2 -3.29 -1.33 -17.89
N GLY B 3 -2.42 -0.36 -17.76
CA GLY B 3 -2.88 1.03 -17.46
C GLY B 3 -2.94 1.24 -15.95
N ARG B 4 -2.55 0.25 -15.19
CA ARG B 4 -2.59 0.40 -13.70
C ARG B 4 -1.17 0.54 -13.17
N ASN B 5 -1.02 0.99 -11.95
CA ASN B 5 0.34 1.14 -11.36
C ASN B 5 1.09 -0.18 -11.48
N ASP B 6 2.23 -0.18 -12.13
CA ASP B 6 3.01 -1.44 -12.28
C ASP B 6 4.40 -1.25 -11.67
N PHE B 7 4.85 -2.20 -10.90
CA PHE B 7 6.21 -2.09 -10.30
C PHE B 7 6.59 -3.40 -9.59
N TYR B 8 6.93 -3.34 -8.33
CA TYR B 8 7.31 -4.60 -7.60
C TYR B 8 7.10 -4.43 -6.07
N CYS B 9 6.81 -5.51 -5.38
CA CYS B 9 6.62 -5.44 -3.90
C CYS B 9 7.98 -5.80 -3.27
N TRP B 10 8.51 -4.93 -2.46
CA TRP B 10 9.84 -5.20 -1.82
C TRP B 10 9.79 -6.47 -0.97
N VAL B 11 8.66 -6.84 -0.43
CA VAL B 11 8.61 -8.06 0.43
C VAL B 11 8.86 -9.32 -0.41
N CYS B 12 8.29 -9.40 -1.59
CA CYS B 12 8.52 -10.61 -2.44
C CYS B 12 9.43 -10.26 -3.60
N HIS B 13 9.59 -9.01 -3.88
CA HIS B 13 10.45 -8.62 -5.04
C HIS B 13 9.73 -9.06 -6.32
N ARG B 14 8.45 -9.32 -6.22
CA ARG B 14 7.67 -9.76 -7.40
C ARG B 14 6.51 -8.79 -7.64
N GLU B 15 6.05 -8.68 -8.85
CA GLU B 15 4.92 -7.74 -9.14
C GLU B 15 3.61 -8.52 -9.15
N GLY B 16 2.55 -7.93 -8.68
CA GLY B 16 1.23 -8.64 -8.68
C GLY B 16 0.45 -8.27 -7.41
N GLN B 17 -0.79 -7.87 -7.56
CA GLN B 17 -1.61 -7.51 -6.36
C GLN B 17 -0.85 -6.49 -5.51
N VAL B 18 -0.57 -5.34 -6.06
CA VAL B 18 0.14 -4.29 -5.28
C VAL B 18 -0.70 -3.01 -5.23
N LEU B 19 -0.64 -2.29 -4.14
CA LEU B 19 -1.44 -1.04 -4.04
C LEU B 19 -0.49 0.16 -3.98
N CYS B 20 -0.85 1.26 -4.58
CA CYS B 20 0.05 2.46 -4.57
C CYS B 20 -0.16 3.27 -3.28
N CYS B 21 0.90 3.70 -2.66
CA CYS B 21 0.76 4.51 -1.41
C CYS B 21 0.72 6.00 -1.77
N GLU B 22 0.63 6.86 -0.80
CA GLU B 22 0.53 8.32 -1.13
C GLU B 22 1.80 9.04 -0.70
N LEU B 23 2.30 8.76 0.47
CA LEU B 23 3.51 9.46 0.95
C LEU B 23 4.63 8.47 1.21
N CYS B 24 4.71 7.43 0.41
CA CYS B 24 5.81 6.45 0.56
C CYS B 24 5.99 5.67 -0.75
N PRO B 25 6.97 4.81 -0.80
CA PRO B 25 7.27 3.98 -1.98
C PRO B 25 6.09 3.93 -2.96
N ARG B 26 6.30 4.39 -4.15
CA ARG B 26 5.19 4.46 -5.15
C ARG B 26 4.34 3.18 -5.14
N VAL B 27 4.94 2.02 -5.00
CA VAL B 27 4.12 0.77 -5.04
C VAL B 27 4.51 -0.16 -3.89
N TYR B 28 3.54 -0.83 -3.32
CA TYR B 28 3.87 -1.79 -2.24
C TYR B 28 2.78 -2.89 -2.15
N HIS B 29 3.09 -3.95 -1.48
CA HIS B 29 2.17 -5.12 -1.38
C HIS B 29 1.08 -4.92 -0.32
N ALA B 30 -0.09 -5.44 -0.58
CA ALA B 30 -1.20 -5.40 0.41
C ALA B 30 -1.37 -6.83 0.92
N LYS B 31 -0.97 -7.78 0.11
CA LYS B 31 -1.08 -9.21 0.48
C LYS B 31 -0.05 -9.49 1.57
N CYS B 32 1.17 -9.11 1.33
CA CYS B 32 2.24 -9.31 2.34
C CYS B 32 1.78 -8.70 3.65
N LEU B 33 1.03 -7.64 3.58
CA LEU B 33 0.53 -7.00 4.81
C LEU B 33 -0.72 -7.75 5.27
N ARG B 34 -1.20 -8.65 4.45
CA ARG B 34 -2.40 -9.45 4.81
C ARG B 34 -3.63 -8.54 4.83
N LEU B 35 -3.80 -7.71 3.83
CA LEU B 35 -4.98 -6.82 3.79
C LEU B 35 -6.16 -7.57 3.16
N THR B 36 -7.29 -7.55 3.80
CA THR B 36 -8.48 -8.26 3.24
C THR B 36 -9.40 -7.26 2.56
N SER B 37 -9.40 -6.03 3.01
CA SER B 37 -10.29 -5.01 2.40
C SER B 37 -9.43 -3.96 1.70
N GLU B 38 -9.94 -3.35 0.67
CA GLU B 38 -9.15 -2.32 -0.07
C GLU B 38 -9.86 -0.97 0.02
N PRO B 39 -9.52 -0.19 1.01
CA PRO B 39 -10.11 1.16 1.21
C PRO B 39 -9.95 2.05 -0.03
N GLU B 40 -10.85 2.98 -0.23
CA GLU B 40 -10.74 3.86 -1.42
C GLU B 40 -9.98 5.13 -1.05
N GLY B 41 -9.26 5.69 -1.97
CA GLY B 41 -8.50 6.94 -1.67
C GLY B 41 -7.07 6.59 -1.29
N ASP B 42 -6.32 7.54 -0.80
CA ASP B 42 -4.91 7.26 -0.42
C ASP B 42 -4.86 6.28 0.75
N TRP B 43 -4.14 5.21 0.61
CA TRP B 43 -4.04 4.23 1.73
C TRP B 43 -2.65 4.36 2.39
N PHE B 44 -2.59 4.26 3.69
CA PHE B 44 -1.28 4.41 4.38
C PHE B 44 -0.75 3.06 4.85
N CYS B 45 0.34 2.60 4.30
CA CYS B 45 0.89 1.29 4.77
C CYS B 45 1.36 1.44 6.22
N PRO B 46 1.28 0.39 6.99
CA PRO B 46 1.71 0.41 8.40
C PRO B 46 2.96 1.28 8.59
N GLU B 47 3.77 1.36 7.57
CA GLU B 47 5.01 2.18 7.68
C GLU B 47 4.63 3.66 7.82
N CYS B 48 3.75 4.15 6.99
CA CYS B 48 3.36 5.59 7.12
C CYS B 48 2.47 5.77 8.35
N GLU B 49 1.58 4.84 8.60
CA GLU B 49 0.69 4.95 9.79
C GLU B 49 1.51 4.88 11.07
N LYS B 50 2.53 4.06 11.11
CA LYS B 50 3.35 3.95 12.35
C LYS B 50 3.96 5.31 12.71
N ILE B 51 4.54 5.97 11.76
CA ILE B 51 5.16 7.30 12.04
C ILE B 51 4.06 8.35 12.23
N THR B 52 2.91 8.14 11.66
CA THR B 52 1.81 9.13 11.81
C THR B 52 1.29 9.13 13.25
N VAL B 53 1.19 7.97 13.84
CA VAL B 53 0.69 7.90 15.25
C VAL B 53 1.71 8.54 16.18
N ALA B 54 2.97 8.32 15.93
CA ALA B 54 4.02 8.92 16.81
C ALA B 54 4.42 10.29 16.27
N GLU B 55 3.73 10.76 15.26
CA GLU B 55 4.07 12.09 14.68
C GLU B 55 5.56 12.15 14.35
N CYS B 56 6.11 13.32 14.18
CA CYS B 56 7.55 13.43 13.86
C CYS B 56 8.37 13.39 15.15
N ILE B 57 9.37 12.55 15.21
CA ILE B 57 10.20 12.45 16.45
C ILE B 57 11.53 13.17 16.21
N GLU B 58 11.99 13.92 17.18
CA GLU B 58 13.29 14.63 17.01
C GLU B 58 13.89 14.93 18.39
N THR B 59 13.39 15.94 19.06
CA THR B 59 13.93 16.27 20.39
C THR B 59 13.28 15.37 21.45
N GLN B 60 13.87 15.26 22.61
CA GLN B 60 13.28 14.41 23.67
C GLN B 60 13.54 15.04 25.05
N SER B 61 12.83 14.61 26.05
CA SER B 61 13.04 15.20 27.41
C SER B 61 14.27 14.56 28.05
N SER A 1 -2.87 -4.95 -16.83
CA SER A 1 -3.90 -3.87 -16.72
C SER A 1 -4.99 -4.31 -15.75
N THR A 2 -6.00 -4.98 -16.24
CA THR A 2 -7.10 -5.43 -15.34
C THR A 2 -6.67 -6.70 -14.61
N GLY A 3 -7.13 -6.88 -13.39
CA GLY A 3 -6.74 -8.10 -12.62
C GLY A 3 -5.47 -7.81 -11.82
N ARG A 4 -4.98 -6.60 -11.88
CA ARG A 4 -3.75 -6.26 -11.11
C ARG A 4 -3.97 -6.55 -9.63
N VAL A 5 -5.09 -6.14 -9.09
CA VAL A 5 -5.36 -6.40 -7.65
C VAL A 5 -6.86 -6.61 -7.44
N LYS A 6 -7.23 -7.39 -6.47
CA LYS A 6 -8.68 -7.63 -6.22
C LYS A 6 -9.38 -6.29 -5.98
N LYS A 7 -10.58 -6.16 -6.49
CA LYS A 7 -11.31 -4.87 -6.30
C LYS A 7 -12.82 -5.16 -6.21
N PRO A 8 -13.21 -5.96 -5.26
CA PRO A 8 -14.64 -6.33 -5.06
C PRO A 8 -15.48 -5.12 -4.60
N HIS A 9 -16.72 -5.07 -4.99
CA HIS A 9 -17.59 -3.93 -4.56
C HIS A 9 -18.40 -4.35 -3.34
N ARG A 10 -18.56 -3.46 -2.39
CA ARG A 10 -19.34 -3.81 -1.17
C ARG A 10 -20.76 -4.22 -1.58
N TYR A 11 -21.29 -3.62 -2.60
CA TYR A 11 -22.67 -3.98 -3.05
C TYR A 11 -22.61 -5.26 -3.87
N GLN B 1 -4.05 8.97 -15.81
CA GLN B 1 -3.94 7.57 -16.32
C GLN B 1 -3.92 6.59 -15.15
N ASP B 2 -3.76 5.32 -15.41
CA ASP B 2 -3.73 4.33 -14.31
C ASP B 2 -2.59 4.67 -13.35
N GLY B 3 -1.51 5.19 -13.85
CA GLY B 3 -0.36 5.54 -12.96
C GLY B 3 0.55 4.33 -12.82
N ARG B 4 0.46 3.39 -13.73
CA ARG B 4 1.33 2.18 -13.64
C ARG B 4 1.64 1.89 -12.17
N ASN B 5 0.72 1.29 -11.46
CA ASN B 5 0.97 0.97 -10.03
C ASN B 5 1.66 -0.38 -9.92
N ASP B 6 2.06 -0.95 -11.03
CA ASP B 6 2.73 -2.29 -10.99
C ASP B 6 4.20 -2.11 -10.58
N PHE B 7 4.67 -2.89 -9.65
CA PHE B 7 6.09 -2.77 -9.22
C PHE B 7 6.52 -4.05 -8.49
N TYR B 8 6.72 -3.97 -7.19
CA TYR B 8 7.15 -5.19 -6.43
C TYR B 8 6.79 -5.04 -4.93
N CYS B 9 6.36 -6.12 -4.31
CA CYS B 9 6.03 -6.07 -2.85
C CYS B 9 7.33 -6.40 -2.12
N TRP B 10 7.81 -5.53 -1.26
CA TRP B 10 9.09 -5.81 -0.54
C TRP B 10 9.00 -7.12 0.27
N VAL B 11 7.83 -7.52 0.69
CA VAL B 11 7.74 -8.78 1.49
C VAL B 11 8.11 -10.00 0.63
N CYS B 12 7.67 -10.02 -0.61
CA CYS B 12 7.99 -11.19 -1.48
C CYS B 12 8.96 -10.77 -2.57
N HIS B 13 9.09 -9.50 -2.81
CA HIS B 13 10.01 -9.05 -3.89
C HIS B 13 9.39 -9.48 -5.23
N ARG B 14 8.12 -9.80 -5.22
CA ARG B 14 7.45 -10.23 -6.47
C ARG B 14 6.27 -9.30 -6.76
N GLU B 15 5.90 -9.17 -8.00
CA GLU B 15 4.75 -8.27 -8.34
C GLU B 15 3.47 -9.11 -8.44
N GLY B 16 2.36 -8.55 -8.01
CA GLY B 16 1.08 -9.30 -8.07
C GLY B 16 0.22 -8.96 -6.85
N GLN B 17 -1.05 -8.71 -7.06
CA GLN B 17 -1.94 -8.37 -5.92
C GLN B 17 -1.28 -7.29 -5.06
N VAL B 18 -1.27 -6.07 -5.52
CA VAL B 18 -0.63 -4.98 -4.72
C VAL B 18 -1.50 -3.72 -4.78
N LEU B 19 -1.36 -2.85 -3.81
CA LEU B 19 -2.17 -1.60 -3.83
C LEU B 19 -1.23 -0.39 -3.77
N CYS B 20 -1.72 0.77 -4.10
CA CYS B 20 -0.84 1.98 -4.08
C CYS B 20 -0.93 2.67 -2.70
N CYS B 21 0.19 3.02 -2.12
CA CYS B 21 0.16 3.72 -0.80
C CYS B 21 0.12 5.23 -1.05
N GLU B 22 0.55 6.04 -0.12
CA GLU B 22 0.50 7.51 -0.33
C GLU B 22 1.87 8.13 -0.10
N LEU B 23 2.52 7.78 0.96
CA LEU B 23 3.85 8.38 1.25
C LEU B 23 4.91 7.28 1.36
N CYS B 24 4.82 6.28 0.52
CA CYS B 24 5.82 5.18 0.55
C CYS B 24 5.81 4.45 -0.80
N PRO B 25 6.70 3.51 -0.96
CA PRO B 25 6.82 2.70 -2.19
C PRO B 25 5.55 2.78 -3.05
N ARG B 26 5.69 3.18 -4.27
CA ARG B 26 4.51 3.34 -5.16
C ARG B 26 3.48 2.23 -4.95
N VAL B 27 3.90 0.99 -4.79
CA VAL B 27 2.91 -0.10 -4.62
C VAL B 27 3.28 -1.00 -3.45
N TYR B 28 2.31 -1.64 -2.85
CA TYR B 28 2.63 -2.56 -1.73
C TYR B 28 1.65 -3.74 -1.72
N HIS B 29 2.00 -4.77 -1.00
CA HIS B 29 1.18 -6.02 -0.96
C HIS B 29 -0.03 -5.90 -0.03
N ALA B 30 -1.12 -6.53 -0.42
CA ALA B 30 -2.33 -6.58 0.45
C ALA B 30 -2.44 -8.01 0.97
N LYS B 31 -1.84 -8.92 0.24
CA LYS B 31 -1.87 -10.36 0.62
C LYS B 31 -0.96 -10.52 1.84
N CYS B 32 0.27 -10.12 1.70
CA CYS B 32 1.23 -10.24 2.83
C CYS B 32 0.62 -9.56 4.05
N LEU B 33 -0.10 -8.48 3.84
CA LEU B 33 -0.76 -7.80 4.98
C LEU B 33 -2.00 -8.62 5.37
N ARG B 34 -2.38 -9.54 4.53
CA ARG B 34 -3.56 -10.38 4.84
C ARG B 34 -4.82 -9.53 4.85
N LEU B 35 -4.98 -8.68 3.87
CA LEU B 35 -6.20 -7.82 3.82
C LEU B 35 -7.27 -8.52 2.98
N THR B 36 -8.49 -8.49 3.43
CA THR B 36 -9.58 -9.15 2.66
C THR B 36 -10.42 -8.09 1.95
N SER B 37 -10.21 -6.84 2.28
CA SER B 37 -11.00 -5.75 1.62
C SER B 37 -10.07 -4.91 0.75
N GLU B 38 -10.61 -4.01 -0.02
CA GLU B 38 -9.76 -3.17 -0.90
C GLU B 38 -9.91 -1.69 -0.48
N PRO B 39 -9.05 -1.24 0.38
CA PRO B 39 -9.06 0.17 0.86
C PRO B 39 -9.06 1.17 -0.29
N GLU B 40 -9.64 2.33 -0.10
CA GLU B 40 -9.66 3.34 -1.18
C GLU B 40 -9.07 4.66 -0.67
N GLY B 41 -8.43 5.40 -1.53
CA GLY B 41 -7.83 6.70 -1.09
C GLY B 41 -6.39 6.46 -0.64
N ASP B 42 -5.85 7.34 0.16
CA ASP B 42 -4.45 7.17 0.63
C ASP B 42 -4.40 6.11 1.73
N TRP B 43 -3.92 4.93 1.40
CA TRP B 43 -3.82 3.86 2.43
C TRP B 43 -2.43 3.91 3.06
N PHE B 44 -2.33 3.61 4.33
CA PHE B 44 -1.00 3.67 5.01
C PHE B 44 -0.54 2.26 5.39
N CYS B 45 0.50 1.76 4.76
CA CYS B 45 1.01 0.42 5.15
C CYS B 45 1.71 0.53 6.50
N PRO B 46 1.69 -0.51 7.28
CA PRO B 46 2.31 -0.52 8.62
C PRO B 46 3.62 0.29 8.63
N GLU B 47 4.28 0.32 7.51
CA GLU B 47 5.56 1.09 7.44
C GLU B 47 5.29 2.57 7.68
N CYS B 48 4.33 3.14 6.97
CA CYS B 48 4.05 4.59 7.19
C CYS B 48 3.35 4.78 8.54
N GLU B 49 2.45 3.90 8.89
CA GLU B 49 1.74 4.04 10.21
C GLU B 49 2.77 4.09 11.34
N LYS B 50 3.81 3.32 11.27
CA LYS B 50 4.83 3.32 12.36
C LYS B 50 5.48 4.71 12.47
N ILE B 51 5.83 5.30 11.36
CA ILE B 51 6.46 6.65 11.40
C ILE B 51 5.48 7.67 11.99
N THR B 52 4.21 7.49 11.74
CA THR B 52 3.21 8.45 12.28
C THR B 52 3.12 8.31 13.80
N VAL B 53 3.20 7.10 14.30
CA VAL B 53 3.12 6.89 15.76
C VAL B 53 4.30 7.58 16.45
N ALA B 54 5.46 7.52 15.85
CA ALA B 54 6.65 8.16 16.47
C ALA B 54 6.44 9.68 16.52
N GLU B 55 5.71 10.22 15.58
CA GLU B 55 5.46 11.69 15.58
C GLU B 55 6.78 12.42 15.78
N CYS B 56 7.57 12.56 14.74
CA CYS B 56 8.87 13.28 14.88
C CYS B 56 9.66 12.67 16.03
N ILE B 57 10.59 11.79 15.73
CA ILE B 57 11.39 11.16 16.81
C ILE B 57 12.13 12.25 17.60
N GLU B 58 12.58 13.28 16.94
CA GLU B 58 13.29 14.38 17.66
C GLU B 58 12.63 15.71 17.34
N THR B 59 12.53 16.58 18.31
CA THR B 59 11.90 17.91 18.05
C THR B 59 12.93 18.86 17.44
N GLN B 60 12.48 19.93 16.83
CA GLN B 60 13.44 20.88 16.22
C GLN B 60 12.88 22.31 16.36
N SER B 61 13.72 23.30 16.20
CA SER B 61 13.24 24.70 16.31
C SER B 61 12.31 25.02 15.15
N SER A 1 -4.42 -1.62 -19.35
CA SER A 1 -5.76 -1.24 -18.85
C SER A 1 -6.36 -2.42 -18.07
N THR A 2 -5.62 -3.48 -17.92
CA THR A 2 -6.14 -4.65 -17.15
C THR A 2 -5.96 -4.40 -15.66
N GLY A 3 -6.66 -5.14 -14.84
CA GLY A 3 -6.52 -4.95 -13.37
C GLY A 3 -5.31 -5.74 -12.86
N ARG A 4 -5.06 -5.71 -11.59
CA ARG A 4 -3.89 -6.44 -11.03
C ARG A 4 -4.12 -6.73 -9.55
N VAL A 5 -5.09 -6.08 -8.95
CA VAL A 5 -5.36 -6.32 -7.51
C VAL A 5 -6.87 -6.46 -7.29
N LYS A 6 -7.27 -7.27 -6.34
CA LYS A 6 -8.72 -7.46 -6.08
C LYS A 6 -9.37 -6.11 -5.76
N LYS A 7 -10.60 -5.92 -6.13
CA LYS A 7 -11.28 -4.63 -5.85
C LYS A 7 -12.75 -4.87 -5.50
N PRO A 8 -12.99 -5.57 -4.42
CA PRO A 8 -14.37 -5.89 -3.97
C PRO A 8 -15.11 -4.66 -3.43
N HIS A 9 -16.40 -4.59 -3.62
CA HIS A 9 -17.16 -3.41 -3.13
C HIS A 9 -17.80 -3.75 -1.78
N ARG A 10 -17.78 -2.83 -0.85
CA ARG A 10 -18.38 -3.10 0.48
C ARG A 10 -19.84 -3.54 0.30
N TYR A 11 -20.54 -2.95 -0.63
CA TYR A 11 -21.96 -3.33 -0.85
C TYR A 11 -22.02 -4.62 -1.66
N GLN B 1 -2.11 7.85 -17.57
CA GLN B 1 -2.81 6.54 -17.51
C GLN B 1 -3.32 6.29 -16.09
N ASP B 2 -3.19 5.08 -15.61
CA ASP B 2 -3.67 4.78 -14.23
C ASP B 2 -2.55 5.09 -13.22
N GLY B 3 -1.51 5.73 -13.67
CA GLY B 3 -0.39 6.06 -12.74
C GLY B 3 0.59 4.90 -12.70
N ARG B 4 0.57 4.05 -13.69
CA ARG B 4 1.50 2.89 -13.70
C ARG B 4 1.81 2.46 -12.27
N ASN B 5 0.91 1.74 -11.65
CA ASN B 5 1.14 1.30 -10.25
C ASN B 5 1.91 -0.03 -10.26
N ASP B 6 2.35 -0.47 -11.41
CA ASP B 6 3.08 -1.76 -11.48
C ASP B 6 4.47 -1.59 -10.85
N PHE B 7 4.88 -2.53 -10.05
CA PHE B 7 6.22 -2.44 -9.41
C PHE B 7 6.57 -3.76 -8.72
N TYR B 8 6.82 -3.73 -7.43
CA TYR B 8 7.18 -5.01 -6.71
C TYR B 8 6.87 -4.88 -5.20
N CYS B 9 6.58 -5.98 -4.54
CA CYS B 9 6.32 -5.94 -3.07
C CYS B 9 7.67 -6.18 -2.38
N TRP B 10 8.10 -5.29 -1.54
CA TRP B 10 9.41 -5.47 -0.85
C TRP B 10 9.43 -6.75 -0.02
N VAL B 11 8.30 -7.27 0.37
CA VAL B 11 8.31 -8.51 1.20
C VAL B 11 8.68 -9.73 0.34
N CYS B 12 8.22 -9.79 -0.88
CA CYS B 12 8.55 -10.95 -1.75
C CYS B 12 9.40 -10.50 -2.93
N HIS B 13 9.44 -9.23 -3.19
CA HIS B 13 10.23 -8.77 -4.36
C HIS B 13 9.56 -9.29 -5.64
N ARG B 14 8.29 -9.61 -5.54
CA ARG B 14 7.55 -10.13 -6.72
C ARG B 14 6.34 -9.24 -7.00
N GLU B 15 5.95 -9.12 -8.24
CA GLU B 15 4.78 -8.27 -8.57
C GLU B 15 3.54 -9.14 -8.72
N GLY B 16 2.39 -8.65 -8.31
CA GLY B 16 1.14 -9.46 -8.43
C GLY B 16 0.25 -9.21 -7.21
N GLN B 17 -0.99 -8.92 -7.44
CA GLN B 17 -1.91 -8.66 -6.29
C GLN B 17 -1.30 -7.63 -5.35
N VAL B 18 -1.08 -6.43 -5.82
CA VAL B 18 -0.45 -5.39 -4.96
C VAL B 18 -1.37 -4.17 -4.87
N LEU B 19 -1.35 -3.47 -3.76
CA LEU B 19 -2.22 -2.28 -3.61
C LEU B 19 -1.35 -1.01 -3.67
N CYS B 20 -1.93 0.10 -4.04
CA CYS B 20 -1.13 1.36 -4.12
C CYS B 20 -1.23 2.14 -2.80
N CYS B 21 -0.14 2.70 -2.34
CA CYS B 21 -0.20 3.49 -1.07
C CYS B 21 -0.40 4.98 -1.41
N GLU B 22 -0.04 5.87 -0.53
CA GLU B 22 -0.25 7.32 -0.83
C GLU B 22 1.06 8.09 -0.65
N LEU B 23 1.74 7.86 0.44
CA LEU B 23 3.00 8.61 0.69
C LEU B 23 4.16 7.63 0.83
N CYS B 24 4.17 6.59 0.04
CA CYS B 24 5.27 5.60 0.10
C CYS B 24 5.31 4.78 -1.19
N PRO B 25 6.26 3.92 -1.31
CA PRO B 25 6.43 3.03 -2.48
C PRO B 25 5.15 2.95 -3.31
N ARG B 26 5.21 3.36 -4.55
CA ARG B 26 4.01 3.39 -5.42
C ARG B 26 3.13 2.13 -5.20
N VAL B 27 3.71 0.97 -5.07
CA VAL B 27 2.88 -0.26 -4.93
C VAL B 27 3.32 -1.07 -3.73
N TYR B 28 2.41 -1.76 -3.08
CA TYR B 28 2.80 -2.62 -1.94
C TYR B 28 1.87 -3.83 -1.85
N HIS B 29 2.30 -4.83 -1.14
CA HIS B 29 1.54 -6.11 -1.02
C HIS B 29 0.35 -6.02 -0.06
N ALA B 30 -0.73 -6.67 -0.41
CA ALA B 30 -1.91 -6.74 0.50
C ALA B 30 -1.92 -8.14 1.10
N LYS B 31 -1.29 -9.05 0.41
CA LYS B 31 -1.21 -10.47 0.88
C LYS B 31 -0.25 -10.49 2.06
N CYS B 32 0.96 -10.06 1.85
CA CYS B 32 1.95 -10.03 2.95
C CYS B 32 1.37 -9.20 4.10
N LEU B 33 0.49 -8.29 3.78
CA LEU B 33 -0.16 -7.48 4.85
C LEU B 33 -1.30 -8.29 5.43
N ARG B 34 -1.68 -9.35 4.76
CA ARG B 34 -2.79 -10.20 5.25
C ARG B 34 -4.12 -9.42 5.18
N LEU B 35 -4.35 -8.73 4.10
CA LEU B 35 -5.61 -7.97 3.96
C LEU B 35 -6.55 -8.72 3.02
N THR B 36 -7.77 -8.96 3.44
CA THR B 36 -8.73 -9.70 2.58
C THR B 36 -9.58 -8.70 1.79
N SER B 37 -9.84 -7.55 2.36
CA SER B 37 -10.67 -6.53 1.66
C SER B 37 -9.91 -5.21 1.60
N GLU B 38 -9.88 -4.58 0.46
CA GLU B 38 -9.17 -3.28 0.34
C GLU B 38 -10.15 -2.18 -0.05
N PRO B 39 -10.25 -1.16 0.76
CA PRO B 39 -11.15 0.00 0.49
C PRO B 39 -10.55 0.96 -0.55
N GLU B 40 -11.37 1.77 -1.16
CA GLU B 40 -10.84 2.72 -2.18
C GLU B 40 -10.42 4.02 -1.49
N GLY B 41 -9.19 4.42 -1.67
CA GLY B 41 -8.73 5.69 -1.03
C GLY B 41 -7.23 5.59 -0.74
N ASP B 42 -6.70 6.46 0.08
CA ASP B 42 -5.25 6.42 0.39
C ASP B 42 -4.97 5.30 1.42
N TRP B 43 -4.36 4.24 0.98
CA TRP B 43 -4.05 3.12 1.93
C TRP B 43 -2.69 3.39 2.58
N PHE B 44 -2.59 3.18 3.87
CA PHE B 44 -1.30 3.46 4.57
C PHE B 44 -0.63 2.14 4.98
N CYS B 45 0.39 1.73 4.28
CA CYS B 45 1.07 0.46 4.67
C CYS B 45 1.68 0.64 6.06
N PRO B 46 1.74 -0.41 6.83
CA PRO B 46 2.29 -0.36 8.20
C PRO B 46 3.50 0.58 8.26
N GLU B 47 4.24 0.69 7.19
CA GLU B 47 5.43 1.56 7.18
C GLU B 47 4.99 3.01 7.41
N CYS B 48 4.01 3.48 6.67
CA CYS B 48 3.57 4.90 6.87
C CYS B 48 2.80 5.00 8.20
N GLU B 49 1.96 4.05 8.49
CA GLU B 49 1.19 4.09 9.76
C GLU B 49 2.13 4.03 10.97
N LYS B 50 3.19 3.25 10.88
CA LYS B 50 4.13 3.14 12.04
C LYS B 50 4.71 4.52 12.37
N ILE B 51 5.16 5.24 11.38
CA ILE B 51 5.74 6.59 11.65
C ILE B 51 4.62 7.59 11.96
N THR B 52 3.42 7.30 11.53
CA THR B 52 2.29 8.24 11.80
C THR B 52 1.96 8.23 13.29
N VAL B 53 1.97 7.08 13.91
CA VAL B 53 1.66 7.00 15.35
C VAL B 53 2.79 7.64 16.16
N ALA B 54 4.01 7.44 15.74
CA ALA B 54 5.16 8.04 16.48
C ALA B 54 5.09 9.56 16.39
N GLU B 55 4.42 10.08 15.40
CA GLU B 55 4.31 11.56 15.26
C GLU B 55 5.71 12.16 15.10
N CYS B 56 6.01 13.19 15.86
CA CYS B 56 7.35 13.82 15.74
C CYS B 56 8.26 13.26 16.84
N ILE B 57 9.31 12.58 16.45
CA ILE B 57 10.24 12.02 17.46
C ILE B 57 11.57 12.78 17.43
N GLU B 58 12.08 13.15 18.57
CA GLU B 58 13.37 13.89 18.61
C GLU B 58 13.30 15.06 17.62
N THR B 59 12.95 16.23 18.08
CA THR B 59 12.87 17.41 17.17
C THR B 59 14.26 18.00 16.98
N GLN B 60 14.44 18.79 15.96
CA GLN B 60 15.78 19.40 15.71
C GLN B 60 15.84 20.78 16.36
N SER B 61 16.98 21.16 16.87
CA SER B 61 17.11 22.49 17.52
C SER B 61 15.97 22.67 18.53
N SER A 1 -4.30 -3.27 -20.09
CA SER A 1 -5.69 -3.27 -19.54
C SER A 1 -5.87 -4.48 -18.62
N THR A 2 -4.79 -5.09 -18.20
CA THR A 2 -4.91 -6.27 -17.29
C THR A 2 -5.11 -5.79 -15.85
N GLY A 3 -5.55 -6.66 -14.99
CA GLY A 3 -5.78 -6.26 -13.57
C GLY A 3 -4.43 -6.26 -12.82
N ARG A 4 -4.45 -5.96 -11.55
CA ARG A 4 -3.19 -5.95 -10.76
C ARG A 4 -3.51 -6.00 -9.27
N VAL A 5 -4.54 -5.31 -8.86
CA VAL A 5 -4.90 -5.31 -7.41
C VAL A 5 -6.36 -5.75 -7.25
N LYS A 6 -6.74 -6.16 -6.06
CA LYS A 6 -8.14 -6.60 -5.84
C LYS A 6 -9.03 -5.37 -5.60
N LYS A 7 -10.24 -5.39 -6.08
CA LYS A 7 -11.14 -4.23 -5.88
C LYS A 7 -12.59 -4.72 -5.79
N PRO A 8 -12.87 -5.58 -4.84
CA PRO A 8 -14.23 -6.13 -4.64
C PRO A 8 -15.23 -5.06 -4.15
N HIS A 9 -16.47 -5.18 -4.51
CA HIS A 9 -17.47 -4.17 -4.06
C HIS A 9 -18.16 -4.67 -2.80
N ARG A 10 -18.37 -3.81 -1.84
CA ARG A 10 -19.03 -4.25 -0.58
C ARG A 10 -20.41 -4.83 -0.91
N TYR A 11 -21.07 -4.30 -1.89
CA TYR A 11 -22.42 -4.83 -2.26
C TYR A 11 -22.27 -6.25 -2.81
N GLN B 1 -1.18 8.43 -19.15
CA GLN B 1 -1.46 6.97 -19.10
C GLN B 1 -1.74 6.55 -17.65
N ASP B 2 -2.07 5.31 -17.44
CA ASP B 2 -2.35 4.84 -16.05
C ASP B 2 -1.11 5.05 -15.18
N GLY B 3 0.06 4.89 -15.74
CA GLY B 3 1.30 5.10 -14.95
C GLY B 3 1.63 3.80 -14.20
N ARG B 4 1.09 2.69 -14.62
CA ARG B 4 1.37 1.41 -13.93
C ARG B 4 1.65 1.68 -12.45
N ASN B 5 0.62 1.88 -11.67
CA ASN B 5 0.83 2.14 -10.21
C ASN B 5 1.45 0.91 -9.55
N ASP B 6 1.23 -0.25 -10.12
CA ASP B 6 1.80 -1.49 -9.52
C ASP B 6 3.32 -1.49 -9.72
N PHE B 7 4.04 -2.20 -8.88
CA PHE B 7 5.52 -2.25 -9.04
C PHE B 7 6.07 -3.51 -8.33
N TYR B 8 6.44 -3.39 -7.08
CA TYR B 8 6.98 -4.58 -6.34
C TYR B 8 6.73 -4.44 -4.82
N CYS B 9 6.34 -5.52 -4.17
CA CYS B 9 6.11 -5.46 -2.69
C CYS B 9 7.47 -5.75 -2.03
N TRP B 10 7.96 -4.86 -1.21
CA TRP B 10 9.29 -5.08 -0.55
C TRP B 10 9.28 -6.37 0.28
N VAL B 11 8.15 -6.82 0.74
CA VAL B 11 8.15 -8.07 1.56
C VAL B 11 8.48 -9.29 0.70
N CYS B 12 8.01 -9.32 -0.52
CA CYS B 12 8.31 -10.49 -1.40
C CYS B 12 9.21 -10.06 -2.55
N HIS B 13 9.40 -8.78 -2.72
CA HIS B 13 10.25 -8.33 -3.86
C HIS B 13 9.59 -8.82 -5.15
N ARG B 14 8.34 -9.16 -5.08
CA ARG B 14 7.62 -9.65 -6.30
C ARG B 14 6.37 -8.79 -6.53
N GLU B 15 5.90 -8.72 -7.75
CA GLU B 15 4.70 -7.90 -8.03
C GLU B 15 3.45 -8.78 -8.02
N GLY B 16 2.35 -8.27 -7.55
CA GLY B 16 1.11 -9.09 -7.52
C GLY B 16 0.28 -8.74 -6.27
N GLN B 17 -0.97 -8.44 -6.44
CA GLN B 17 -1.82 -8.09 -5.27
C GLN B 17 -1.15 -6.98 -4.46
N VAL B 18 -1.30 -5.76 -4.87
CA VAL B 18 -0.66 -4.63 -4.13
C VAL B 18 -1.61 -3.43 -4.08
N LEU B 19 -1.31 -2.46 -3.27
CA LEU B 19 -2.20 -1.25 -3.18
C LEU B 19 -1.33 0.01 -3.22
N CYS B 20 -1.87 1.09 -3.70
CA CYS B 20 -1.07 2.36 -3.78
C CYS B 20 -1.13 3.10 -2.45
N CYS B 21 0.00 3.52 -1.92
CA CYS B 21 -0.01 4.28 -0.63
C CYS B 21 -0.03 5.78 -0.94
N GLU B 22 0.42 6.61 -0.05
CA GLU B 22 0.37 8.08 -0.32
C GLU B 22 1.73 8.71 -0.05
N LEU B 23 2.34 8.39 1.06
CA LEU B 23 3.66 9.01 1.39
C LEU B 23 4.72 7.91 1.49
N CYS B 24 4.63 6.91 0.66
CA CYS B 24 5.65 5.82 0.69
C CYS B 24 5.67 5.10 -0.66
N PRO B 25 6.60 4.21 -0.84
CA PRO B 25 6.74 3.42 -2.08
C PRO B 25 5.47 3.43 -2.91
N ARG B 26 5.57 3.79 -4.16
CA ARG B 26 4.37 3.90 -5.03
C ARG B 26 3.35 2.80 -4.73
N VAL B 27 3.78 1.58 -4.50
CA VAL B 27 2.79 0.49 -4.24
C VAL B 27 3.27 -0.41 -3.11
N TYR B 28 2.35 -1.06 -2.44
CA TYR B 28 2.76 -1.98 -1.34
C TYR B 28 1.82 -3.19 -1.28
N HIS B 29 2.23 -4.20 -0.57
CA HIS B 29 1.45 -5.47 -0.49
C HIS B 29 0.29 -5.40 0.51
N ALA B 30 -0.80 -6.04 0.18
CA ALA B 30 -1.95 -6.13 1.13
C ALA B 30 -2.00 -7.58 1.60
N LYS B 31 -1.45 -8.46 0.80
CA LYS B 31 -1.43 -9.91 1.15
C LYS B 31 -0.48 -10.09 2.32
N CYS B 32 0.74 -9.65 2.15
CA CYS B 32 1.74 -9.76 3.25
C CYS B 32 1.15 -9.15 4.51
N LEU B 33 0.42 -8.09 4.36
CA LEU B 33 -0.23 -7.45 5.53
C LEU B 33 -1.46 -8.28 5.90
N ARG B 34 -1.83 -9.18 5.04
CA ARG B 34 -3.01 -10.06 5.33
C ARG B 34 -4.28 -9.20 5.38
N LEU B 35 -4.44 -8.30 4.44
CA LEU B 35 -5.66 -7.46 4.42
C LEU B 35 -6.65 -8.02 3.39
N THR B 36 -7.89 -8.15 3.76
CA THR B 36 -8.90 -8.71 2.82
C THR B 36 -9.75 -7.56 2.25
N SER B 37 -9.51 -6.36 2.68
CA SER B 37 -10.29 -5.20 2.16
C SER B 37 -9.39 -4.30 1.34
N GLU B 38 -9.95 -3.53 0.45
CA GLU B 38 -9.12 -2.62 -0.39
C GLU B 38 -9.53 -1.17 -0.13
N PRO B 39 -8.88 -0.53 0.79
CA PRO B 39 -9.16 0.89 1.15
C PRO B 39 -9.05 1.82 -0.08
N GLU B 40 -9.79 2.87 -0.10
CA GLU B 40 -9.74 3.80 -1.27
C GLU B 40 -9.16 5.15 -0.83
N GLY B 41 -8.47 5.83 -1.70
CA GLY B 41 -7.88 7.15 -1.34
C GLY B 41 -6.48 6.94 -0.77
N ASP B 42 -5.96 7.90 -0.07
CA ASP B 42 -4.59 7.77 0.50
C ASP B 42 -4.60 6.75 1.63
N TRP B 43 -4.00 5.61 1.43
CA TRP B 43 -3.96 4.57 2.50
C TRP B 43 -2.57 4.58 3.15
N PHE B 44 -2.50 4.30 4.42
CA PHE B 44 -1.18 4.31 5.10
C PHE B 44 -0.73 2.88 5.43
N CYS B 45 0.26 2.37 4.74
CA CYS B 45 0.73 1.00 5.04
C CYS B 45 1.39 1.00 6.42
N PRO B 46 1.29 -0.08 7.14
CA PRO B 46 1.86 -0.19 8.49
C PRO B 46 3.19 0.56 8.59
N GLU B 47 3.91 0.64 7.50
CA GLU B 47 5.22 1.35 7.53
C GLU B 47 4.98 2.83 7.85
N CYS B 48 4.07 3.48 7.17
CA CYS B 48 3.83 4.91 7.46
C CYS B 48 3.10 5.03 8.81
N GLU B 49 2.12 4.21 9.06
CA GLU B 49 1.38 4.28 10.34
C GLU B 49 2.35 4.04 11.52
N LYS B 50 3.31 3.17 11.35
CA LYS B 50 4.25 2.88 12.48
C LYS B 50 5.01 4.16 12.86
N ILE B 51 5.51 4.87 11.90
CA ILE B 51 6.26 6.12 12.22
C ILE B 51 5.28 7.25 12.53
N THR B 52 4.06 7.13 12.09
CA THR B 52 3.06 8.20 12.35
C THR B 52 2.73 8.23 13.84
N VAL B 53 2.58 7.09 14.46
CA VAL B 53 2.25 7.06 15.91
C VAL B 53 3.53 7.26 16.72
N ALA B 54 4.64 6.77 16.23
CA ALA B 54 5.92 6.94 16.98
C ALA B 54 6.79 7.98 16.28
N GLU B 55 6.18 8.93 15.61
CA GLU B 55 6.96 9.98 14.90
C GLU B 55 8.03 10.53 15.84
N CYS B 56 7.80 10.48 17.12
CA CYS B 56 8.80 11.01 18.10
C CYS B 56 10.18 10.45 17.74
N ILE B 57 10.24 9.29 17.16
CA ILE B 57 11.56 8.70 16.79
C ILE B 57 12.31 9.68 15.89
N GLU B 58 11.62 10.35 15.02
CA GLU B 58 12.32 11.32 14.11
C GLU B 58 12.35 12.69 14.78
N THR B 59 13.37 13.46 14.51
CA THR B 59 13.46 14.82 15.12
C THR B 59 12.60 15.80 14.32
N GLN B 60 12.27 16.92 14.91
CA GLN B 60 11.43 17.92 14.18
C GLN B 60 12.12 18.30 12.87
N SER B 61 13.42 18.39 12.87
CA SER B 61 14.14 18.77 11.63
C SER B 61 15.65 18.57 11.83
N SER A 1 -2.91 -3.52 -19.89
CA SER A 1 -4.37 -3.28 -20.09
C SER A 1 -5.16 -4.08 -19.05
N THR A 2 -4.59 -4.27 -17.88
CA THR A 2 -5.31 -5.04 -16.83
C THR A 2 -5.05 -4.40 -15.47
N GLY A 3 -5.90 -4.65 -14.50
CA GLY A 3 -5.70 -4.06 -13.16
C GLY A 3 -4.71 -4.91 -12.36
N ARG A 4 -4.44 -4.53 -11.14
CA ARG A 4 -3.48 -5.31 -10.31
C ARG A 4 -3.81 -5.12 -8.83
N VAL A 5 -4.93 -4.52 -8.54
CA VAL A 5 -5.30 -4.30 -7.11
C VAL A 5 -6.78 -4.66 -6.91
N LYS A 6 -7.12 -5.16 -5.76
CA LYS A 6 -8.54 -5.54 -5.49
C LYS A 6 -9.34 -4.27 -5.15
N LYS A 7 -10.63 -4.31 -5.34
CA LYS A 7 -11.46 -3.11 -5.04
C LYS A 7 -12.94 -3.46 -5.19
N PRO A 8 -13.28 -4.17 -6.23
CA PRO A 8 -14.68 -4.58 -6.51
C PRO A 8 -15.24 -5.52 -5.45
N HIS A 9 -14.38 -6.13 -4.68
CA HIS A 9 -14.86 -7.06 -3.62
C HIS A 9 -15.90 -6.33 -2.76
N ARG A 10 -15.70 -5.07 -2.51
CA ARG A 10 -16.67 -4.31 -1.66
C ARG A 10 -18.07 -4.40 -2.29
N TYR A 11 -18.14 -4.42 -3.60
CA TYR A 11 -19.46 -4.51 -4.26
C TYR A 11 -19.95 -5.95 -4.25
N GLN B 1 -0.17 -3.25 -17.62
CA GLN B 1 0.90 -2.31 -18.03
C GLN B 1 0.33 -0.89 -18.13
N ASP B 2 -0.67 -0.59 -17.34
CA ASP B 2 -1.27 0.77 -17.40
C ASP B 2 -0.22 1.80 -17.03
N GLY B 3 0.68 1.46 -16.14
CA GLY B 3 1.73 2.43 -15.74
C GLY B 3 1.27 3.22 -14.52
N ARG B 4 0.07 3.00 -14.08
CA ARG B 4 -0.45 3.74 -12.89
C ARG B 4 -0.32 2.86 -11.65
N ASN B 5 0.38 3.31 -10.65
CA ASN B 5 0.53 2.49 -9.42
C ASN B 5 0.99 1.08 -9.79
N ASP B 6 1.92 0.98 -10.70
CA ASP B 6 2.42 -0.37 -11.11
C ASP B 6 3.89 -0.50 -10.74
N PHE B 7 4.26 -1.58 -10.10
CA PHE B 7 5.69 -1.76 -9.71
C PHE B 7 5.90 -3.18 -9.17
N TYR B 8 6.47 -3.30 -7.99
CA TYR B 8 6.72 -4.67 -7.41
C TYR B 8 6.57 -4.65 -5.88
N CYS B 9 6.12 -5.74 -5.30
CA CYS B 9 5.99 -5.81 -3.82
C CYS B 9 7.36 -6.27 -3.29
N TRP B 10 7.98 -5.51 -2.44
CA TRP B 10 9.32 -5.88 -1.92
C TRP B 10 9.27 -7.23 -1.18
N VAL B 11 8.14 -7.61 -0.64
CA VAL B 11 8.09 -8.90 0.11
C VAL B 11 8.26 -10.07 -0.87
N CYS B 12 7.67 -10.02 -2.03
CA CYS B 12 7.80 -11.14 -3.00
C CYS B 12 8.67 -10.71 -4.17
N HIS B 13 8.86 -9.45 -4.35
CA HIS B 13 9.66 -8.99 -5.51
C HIS B 13 8.88 -9.32 -6.78
N ARG B 14 7.62 -9.60 -6.64
CA ARG B 14 6.77 -9.94 -7.82
C ARG B 14 5.57 -8.98 -7.89
N GLU B 15 5.09 -8.69 -9.06
CA GLU B 15 3.93 -7.77 -9.19
C GLU B 15 2.63 -8.59 -9.18
N GLY B 16 1.60 -8.06 -8.59
CA GLY B 16 0.30 -8.80 -8.56
C GLY B 16 -0.44 -8.49 -7.25
N GLN B 17 -1.64 -8.00 -7.34
CA GLN B 17 -2.42 -7.68 -6.11
C GLN B 17 -1.60 -6.73 -5.23
N VAL B 18 -1.60 -5.46 -5.54
CA VAL B 18 -0.82 -4.49 -4.73
C VAL B 18 -1.69 -3.28 -4.40
N LEU B 19 -1.42 -2.63 -3.31
CA LEU B 19 -2.23 -1.42 -2.93
C LEU B 19 -1.35 -0.17 -3.03
N CYS B 20 -1.94 0.95 -3.31
CA CYS B 20 -1.12 2.20 -3.43
C CYS B 20 -1.08 2.96 -2.09
N CYS B 21 0.08 3.32 -1.62
CA CYS B 21 0.17 4.07 -0.33
C CYS B 21 0.45 5.55 -0.62
N GLU B 22 0.76 6.32 0.37
CA GLU B 22 1.03 7.77 0.12
C GLU B 22 2.26 8.21 0.91
N LEU B 23 2.56 7.56 1.99
CA LEU B 23 3.74 7.96 2.80
C LEU B 23 4.91 7.01 2.50
N CYS B 24 4.74 6.14 1.54
CA CYS B 24 5.82 5.18 1.21
C CYS B 24 5.67 4.72 -0.24
N PRO B 25 6.65 4.03 -0.74
CA PRO B 25 6.66 3.51 -2.13
C PRO B 25 5.26 3.50 -2.74
N ARG B 26 5.07 4.25 -3.79
CA ARG B 26 3.72 4.36 -4.42
C ARG B 26 3.02 2.98 -4.51
N VAL B 27 3.76 1.90 -4.52
CA VAL B 27 3.10 0.58 -4.66
C VAL B 27 3.56 -0.38 -3.56
N TYR B 28 2.66 -1.15 -3.00
CA TYR B 28 3.08 -2.14 -1.97
C TYR B 28 2.04 -3.27 -1.89
N HIS B 29 2.43 -4.36 -1.31
CA HIS B 29 1.55 -5.57 -1.22
C HIS B 29 0.52 -5.48 -0.10
N ALA B 30 -0.67 -5.96 -0.37
CA ALA B 30 -1.72 -6.04 0.69
C ALA B 30 -1.91 -7.52 0.99
N LYS B 31 -1.53 -8.35 0.06
CA LYS B 31 -1.66 -9.82 0.24
C LYS B 31 -0.65 -10.25 1.30
N CYS B 32 0.59 -9.90 1.09
CA CYS B 32 1.65 -10.25 2.07
C CYS B 32 1.22 -9.75 3.44
N LEU B 33 0.54 -8.63 3.48
CA LEU B 33 0.04 -8.10 4.77
C LEU B 33 -1.22 -8.88 5.15
N ARG B 34 -1.77 -9.60 4.20
CA ARG B 34 -3.01 -10.39 4.47
C ARG B 34 -4.19 -9.44 4.70
N LEU B 35 -4.31 -8.44 3.88
CA LEU B 35 -5.45 -7.49 4.04
C LEU B 35 -6.65 -8.00 3.24
N THR B 36 -7.80 -8.01 3.84
CA THR B 36 -9.01 -8.52 3.12
C THR B 36 -9.98 -7.37 2.85
N SER B 37 -9.76 -6.25 3.49
CA SER B 37 -10.67 -5.09 3.27
C SER B 37 -9.92 -4.00 2.51
N GLU B 38 -10.57 -3.37 1.57
CA GLU B 38 -9.89 -2.30 0.78
C GLU B 38 -10.17 -0.94 1.40
N PRO B 39 -9.16 -0.30 1.92
CA PRO B 39 -9.28 1.04 2.56
C PRO B 39 -9.41 2.16 1.53
N GLU B 40 -10.09 3.22 1.87
CA GLU B 40 -10.25 4.34 0.90
C GLU B 40 -9.42 5.54 1.36
N GLY B 41 -8.93 6.32 0.44
CA GLY B 41 -8.12 7.51 0.82
C GLY B 41 -6.65 7.10 0.98
N ASP B 42 -5.84 7.96 1.51
CA ASP B 42 -4.39 7.62 1.68
C ASP B 42 -4.24 6.50 2.72
N TRP B 43 -3.99 5.30 2.27
CA TRP B 43 -3.84 4.17 3.23
C TRP B 43 -2.38 4.11 3.68
N PHE B 44 -2.14 3.73 4.91
CA PHE B 44 -0.75 3.67 5.43
C PHE B 44 -0.37 2.23 5.77
N CYS B 45 0.58 1.66 5.08
CA CYS B 45 1.00 0.27 5.41
C CYS B 45 1.36 0.21 6.90
N PRO B 46 1.18 -0.92 7.52
CA PRO B 46 1.50 -1.11 8.95
C PRO B 46 2.80 -0.40 9.32
N GLU B 47 3.77 -0.46 8.43
CA GLU B 47 5.07 0.19 8.73
C GLU B 47 4.87 1.69 8.91
N CYS B 48 4.19 2.34 7.99
CA CYS B 48 3.99 3.82 8.14
C CYS B 48 2.97 4.07 9.26
N GLU B 49 1.95 3.27 9.34
CA GLU B 49 0.92 3.46 10.42
C GLU B 49 1.54 3.22 11.79
N LYS B 50 2.44 2.27 11.91
CA LYS B 50 3.07 1.98 13.23
C LYS B 50 3.80 3.23 13.74
N ILE B 51 4.55 3.88 12.91
CA ILE B 51 5.29 5.09 13.34
C ILE B 51 4.33 6.28 13.42
N THR B 52 3.23 6.22 12.70
CA THR B 52 2.27 7.36 12.72
C THR B 52 1.59 7.44 14.09
N VAL B 53 1.24 6.31 14.66
CA VAL B 53 0.57 6.32 15.99
C VAL B 53 1.61 6.58 17.09
N ALA B 54 2.82 6.13 16.88
CA ALA B 54 3.88 6.34 17.90
C ALA B 54 4.17 7.84 18.03
N GLU B 55 3.94 8.59 16.99
CA GLU B 55 4.21 10.05 17.05
C GLU B 55 5.68 10.29 17.42
N CYS B 56 5.92 11.01 18.48
CA CYS B 56 7.33 11.28 18.89
C CYS B 56 8.15 11.69 17.68
N ILE B 57 9.41 11.35 17.65
CA ILE B 57 10.26 11.73 16.49
C ILE B 57 10.09 13.22 16.20
N GLU B 58 10.95 14.04 16.72
CA GLU B 58 10.83 15.51 16.47
C GLU B 58 11.66 15.88 15.24
N THR B 59 11.14 16.74 14.41
CA THR B 59 11.90 17.15 13.19
C THR B 59 12.90 18.25 13.56
N GLN B 60 13.89 18.46 12.73
CA GLN B 60 14.90 19.51 13.04
C GLN B 60 14.48 20.83 12.37
N SER B 61 14.43 21.89 13.12
CA SER B 61 14.03 23.20 12.54
C SER B 61 14.84 23.46 11.26
N SER A 1 -6.61 -7.84 -19.54
CA SER A 1 -6.89 -6.92 -18.41
C SER A 1 -6.19 -7.44 -17.14
N THR A 2 -6.60 -8.58 -16.66
CA THR A 2 -5.96 -9.14 -15.43
C THR A 2 -5.85 -8.05 -14.37
N GLY A 3 -6.82 -7.96 -13.49
CA GLY A 3 -6.77 -6.91 -12.43
C GLY A 3 -5.54 -7.14 -11.55
N ARG A 4 -4.60 -6.24 -11.60
CA ARG A 4 -3.38 -6.40 -10.77
C ARG A 4 -3.77 -6.44 -9.29
N VAL A 5 -4.81 -5.73 -8.92
CA VAL A 5 -5.23 -5.73 -7.49
C VAL A 5 -6.69 -6.19 -7.40
N LYS A 6 -7.12 -6.59 -6.23
CA LYS A 6 -8.53 -7.04 -6.08
C LYS A 6 -9.44 -5.83 -5.88
N LYS A 7 -10.59 -5.84 -6.50
CA LYS A 7 -11.53 -4.69 -6.35
C LYS A 7 -12.97 -5.20 -6.35
N PRO A 8 -13.31 -6.04 -5.41
CA PRO A 8 -14.67 -6.61 -5.30
C PRO A 8 -15.70 -5.57 -4.85
N HIS A 9 -16.93 -5.69 -5.29
CA HIS A 9 -17.96 -4.71 -4.88
C HIS A 9 -18.06 -4.67 -3.35
N ARG A 10 -17.63 -3.60 -2.75
CA ARG A 10 -17.71 -3.52 -1.27
C ARG A 10 -19.15 -3.75 -0.81
N TYR A 11 -20.10 -3.28 -1.57
CA TYR A 11 -21.52 -3.47 -1.17
C TYR A 11 -22.42 -3.27 -2.40
N GLN B 1 -4.74 2.91 -20.77
CA GLN B 1 -3.65 2.73 -19.79
C GLN B 1 -4.08 3.31 -18.43
N ASP B 2 -4.12 2.48 -17.41
CA ASP B 2 -4.53 2.98 -16.07
C ASP B 2 -3.30 3.56 -15.35
N GLY B 3 -2.19 3.68 -16.03
CA GLY B 3 -0.97 4.24 -15.38
C GLY B 3 -0.21 3.10 -14.69
N ARG B 4 -0.60 1.88 -14.91
CA ARG B 4 0.10 0.74 -14.26
C ARG B 4 0.69 1.20 -12.92
N ASN B 5 -0.09 1.18 -11.88
CA ASN B 5 0.43 1.62 -10.56
C ASN B 5 1.16 0.46 -9.88
N ASP B 6 1.31 -0.64 -10.58
CA ASP B 6 2.01 -1.81 -9.98
C ASP B 6 3.52 -1.69 -10.21
N PHE B 7 4.31 -2.28 -9.37
CA PHE B 7 5.79 -2.21 -9.56
C PHE B 7 6.47 -3.37 -8.83
N TYR B 8 6.68 -3.24 -7.53
CA TYR B 8 7.34 -4.35 -6.76
C TYR B 8 7.02 -4.24 -5.26
N CYS B 9 6.74 -5.34 -4.61
CA CYS B 9 6.46 -5.31 -3.14
C CYS B 9 7.80 -5.57 -2.43
N TRP B 10 8.21 -4.70 -1.57
CA TRP B 10 9.50 -4.89 -0.85
C TRP B 10 9.49 -6.17 -0.02
N VAL B 11 8.35 -6.59 0.48
CA VAL B 11 8.34 -7.83 1.31
C VAL B 11 8.75 -9.05 0.47
N CYS B 12 8.31 -9.13 -0.76
CA CYS B 12 8.69 -10.29 -1.61
C CYS B 12 9.69 -9.84 -2.68
N HIS B 13 9.80 -8.56 -2.92
CA HIS B 13 10.72 -8.10 -3.97
C HIS B 13 10.16 -8.53 -5.33
N ARG B 14 8.90 -8.85 -5.36
CA ARG B 14 8.26 -9.30 -6.63
C ARG B 14 7.04 -8.41 -6.93
N GLU B 15 6.49 -8.52 -8.10
CA GLU B 15 5.31 -7.68 -8.44
C GLU B 15 4.05 -8.55 -8.47
N GLY B 16 2.93 -8.01 -8.06
CA GLY B 16 1.67 -8.80 -8.06
C GLY B 16 0.82 -8.42 -6.86
N GLN B 17 -0.42 -8.08 -7.07
CA GLN B 17 -1.32 -7.71 -5.95
C GLN B 17 -0.64 -6.65 -5.09
N VAL B 18 -0.69 -5.41 -5.51
CA VAL B 18 -0.06 -4.32 -4.70
C VAL B 18 -0.99 -3.11 -4.66
N LEU B 19 -1.02 -2.41 -3.55
CA LEU B 19 -1.91 -1.23 -3.44
C LEU B 19 -1.07 0.05 -3.51
N CYS B 20 -1.66 1.14 -3.95
CA CYS B 20 -0.88 2.41 -4.05
C CYS B 20 -0.95 3.18 -2.73
N CYS B 21 0.18 3.53 -2.16
CA CYS B 21 0.17 4.31 -0.89
C CYS B 21 0.35 5.81 -1.25
N GLU B 22 -0.42 6.69 -0.66
CA GLU B 22 -0.26 8.13 -0.99
C GLU B 22 0.66 8.81 0.01
N LEU B 23 1.47 8.04 0.70
CA LEU B 23 2.38 8.65 1.71
C LEU B 23 3.65 7.81 1.82
N CYS B 24 3.89 6.94 0.86
CA CYS B 24 5.09 6.08 0.91
C CYS B 24 5.31 5.41 -0.45
N PRO B 25 6.34 4.64 -0.57
CA PRO B 25 6.69 3.91 -1.81
C PRO B 25 5.51 3.86 -2.78
N ARG B 26 5.73 4.22 -4.01
CA ARG B 26 4.61 4.28 -5.01
C ARG B 26 3.63 3.10 -4.81
N VAL B 27 4.10 1.92 -4.58
CA VAL B 27 3.16 0.77 -4.44
C VAL B 27 3.64 -0.20 -3.35
N TYR B 28 2.74 -0.95 -2.78
CA TYR B 28 3.15 -1.93 -1.75
C TYR B 28 2.18 -3.12 -1.74
N HIS B 29 2.58 -4.19 -1.11
CA HIS B 29 1.78 -5.45 -1.09
C HIS B 29 0.58 -5.36 -0.14
N ALA B 30 -0.49 -6.01 -0.50
CA ALA B 30 -1.69 -6.09 0.39
C ALA B 30 -1.75 -7.54 0.87
N LYS B 31 -1.18 -8.43 0.11
CA LYS B 31 -1.18 -9.87 0.47
C LYS B 31 -0.25 -10.04 1.66
N CYS B 32 0.95 -9.54 1.55
CA CYS B 32 1.92 -9.65 2.67
C CYS B 32 1.28 -9.10 3.93
N LEU B 33 0.44 -8.10 3.78
CA LEU B 33 -0.26 -7.53 4.95
C LEU B 33 -1.45 -8.43 5.28
N ARG B 34 -1.73 -9.36 4.41
CA ARG B 34 -2.87 -10.30 4.65
C ARG B 34 -4.17 -9.50 4.76
N LEU B 35 -4.38 -8.56 3.89
CA LEU B 35 -5.64 -7.76 3.95
C LEU B 35 -6.69 -8.41 3.04
N THR B 36 -7.89 -8.55 3.52
CA THR B 36 -8.96 -9.17 2.68
C THR B 36 -10.01 -8.13 2.33
N SER B 37 -9.81 -6.91 2.74
CA SER B 37 -10.81 -5.85 2.44
C SER B 37 -10.15 -4.78 1.57
N GLU B 38 -10.89 -4.22 0.65
CA GLU B 38 -10.30 -3.17 -0.23
C GLU B 38 -11.04 -1.84 -0.02
N PRO B 39 -10.56 -1.05 0.90
CA PRO B 39 -11.18 0.27 1.22
C PRO B 39 -10.82 1.35 0.18
N GLU B 40 -11.69 2.30 -0.01
CA GLU B 40 -11.40 3.37 -1.01
C GLU B 40 -10.76 4.57 -0.31
N GLY B 41 -9.90 5.27 -0.99
CA GLY B 41 -9.24 6.45 -0.37
C GLY B 41 -7.74 6.18 -0.23
N ASP B 42 -7.00 7.10 0.33
CA ASP B 42 -5.54 6.91 0.50
C ASP B 42 -5.27 5.69 1.38
N TRP B 43 -4.42 4.80 0.94
CA TRP B 43 -4.11 3.59 1.76
C TRP B 43 -2.83 3.84 2.55
N PHE B 44 -2.87 3.67 3.85
CA PHE B 44 -1.66 3.91 4.68
C PHE B 44 -1.10 2.59 5.20
N CYS B 45 -0.05 2.07 4.60
CA CYS B 45 0.51 0.79 5.10
C CYS B 45 0.98 1.00 6.54
N PRO B 46 0.91 -0.02 7.35
CA PRO B 46 1.32 0.06 8.78
C PRO B 46 2.55 0.95 8.94
N GLU B 47 3.39 0.99 7.94
CA GLU B 47 4.62 1.81 8.03
C GLU B 47 4.23 3.29 8.16
N CYS B 48 3.35 3.78 7.33
CA CYS B 48 2.96 5.21 7.44
C CYS B 48 2.05 5.39 8.66
N GLU B 49 1.14 4.48 8.90
CA GLU B 49 0.23 4.60 10.08
C GLU B 49 1.05 4.55 11.38
N LYS B 50 2.08 3.73 11.42
CA LYS B 50 2.89 3.63 12.67
C LYS B 50 3.49 4.98 13.02
N ILE B 51 4.08 5.66 12.07
CA ILE B 51 4.68 6.98 12.36
C ILE B 51 3.58 8.04 12.51
N THR B 52 2.45 7.82 11.89
CA THR B 52 1.35 8.81 12.00
C THR B 52 0.79 8.82 13.43
N VAL B 53 0.66 7.67 14.03
CA VAL B 53 0.13 7.61 15.42
C VAL B 53 1.13 8.27 16.37
N ALA B 54 2.40 8.03 16.18
CA ALA B 54 3.42 8.64 17.08
C ALA B 54 3.88 9.98 16.49
N GLU B 55 3.22 10.45 15.48
CA GLU B 55 3.63 11.75 14.86
C GLU B 55 5.13 11.73 14.58
N CYS B 56 5.68 12.85 14.19
CA CYS B 56 7.14 12.89 13.90
C CYS B 56 7.91 13.08 15.20
N ILE B 57 8.88 12.24 15.46
CA ILE B 57 9.67 12.36 16.72
C ILE B 57 11.02 13.01 16.40
N GLU B 58 11.45 13.93 17.22
CA GLU B 58 12.76 14.59 16.97
C GLU B 58 13.55 14.69 18.28
N THR B 59 14.84 14.52 18.23
CA THR B 59 15.64 14.60 19.47
C THR B 59 16.98 15.27 19.17
N GLN B 60 17.65 15.80 20.16
CA GLN B 60 18.95 16.46 19.92
C GLN B 60 20.09 15.46 20.14
N SER B 61 21.16 15.58 19.39
CA SER B 61 22.29 14.63 19.56
C SER B 61 22.67 14.54 21.04
N SER A 1 -10.85 -3.86 -16.17
CA SER A 1 -10.15 -3.83 -14.85
C SER A 1 -9.00 -4.85 -14.87
N THR A 2 -7.79 -4.39 -14.65
CA THR A 2 -6.64 -5.33 -14.65
C THR A 2 -6.60 -6.11 -13.33
N GLY A 3 -6.29 -7.37 -13.38
CA GLY A 3 -6.25 -8.18 -12.13
C GLY A 3 -5.03 -7.75 -11.30
N ARG A 4 -4.43 -6.65 -11.63
CA ARG A 4 -3.25 -6.17 -10.86
C ARG A 4 -3.60 -6.10 -9.37
N VAL A 5 -4.71 -5.50 -9.05
CA VAL A 5 -5.12 -5.40 -7.62
C VAL A 5 -6.53 -5.96 -7.44
N LYS A 6 -6.88 -6.40 -6.26
CA LYS A 6 -8.24 -6.95 -6.03
C LYS A 6 -9.21 -5.80 -5.75
N LYS A 7 -10.40 -5.87 -6.29
CA LYS A 7 -11.39 -4.79 -6.05
C LYS A 7 -12.79 -5.39 -5.92
N PRO A 8 -13.07 -5.99 -4.79
CA PRO A 8 -14.40 -6.62 -4.53
C PRO A 8 -15.56 -5.65 -4.76
N HIS A 9 -16.67 -6.14 -5.24
CA HIS A 9 -17.83 -5.25 -5.49
C HIS A 9 -18.26 -4.59 -4.18
N ARG A 10 -17.86 -3.37 -3.95
CA ARG A 10 -18.26 -2.70 -2.68
C ARG A 10 -19.78 -2.71 -2.54
N TYR A 11 -20.48 -2.54 -3.63
CA TYR A 11 -21.97 -2.55 -3.55
C TYR A 11 -22.55 -2.81 -4.94
N GLN B 1 -6.46 6.19 -17.24
CA GLN B 1 -6.01 4.97 -17.96
C GLN B 1 -6.30 3.74 -17.10
N ASP B 2 -5.70 2.63 -17.43
CA ASP B 2 -5.95 1.39 -16.62
C ASP B 2 -5.54 1.63 -15.17
N GLY B 3 -4.58 2.50 -14.95
CA GLY B 3 -4.14 2.77 -13.55
C GLY B 3 -2.93 1.90 -13.22
N ARG B 4 -2.23 1.44 -14.22
CA ARG B 4 -1.04 0.57 -13.95
C ARG B 4 -0.23 1.16 -12.80
N ASN B 5 0.28 0.32 -11.94
CA ASN B 5 1.08 0.83 -10.78
C ASN B 5 1.81 -0.34 -10.11
N ASP B 6 1.96 -1.43 -10.80
CA ASP B 6 2.63 -2.60 -10.19
C ASP B 6 4.15 -2.38 -10.19
N PHE B 7 4.84 -2.96 -9.25
CA PHE B 7 6.32 -2.80 -9.21
C PHE B 7 6.95 -3.93 -8.38
N TYR B 8 7.06 -3.75 -7.09
CA TYR B 8 7.66 -4.82 -6.22
C TYR B 8 7.24 -4.64 -4.75
N CYS B 9 6.83 -5.70 -4.10
CA CYS B 9 6.43 -5.61 -2.66
C CYS B 9 7.73 -5.86 -1.86
N TRP B 10 8.10 -4.95 -1.01
CA TRP B 10 9.36 -5.12 -0.22
C TRP B 10 9.29 -6.38 0.66
N VAL B 11 8.11 -6.86 0.99
CA VAL B 11 8.04 -8.07 1.85
C VAL B 11 8.48 -9.32 1.08
N CYS B 12 8.13 -9.41 -0.19
CA CYS B 12 8.52 -10.61 -0.98
C CYS B 12 9.48 -10.20 -2.09
N HIS B 13 9.58 -8.93 -2.37
CA HIS B 13 10.47 -8.50 -3.47
C HIS B 13 9.87 -9.01 -4.78
N ARG B 14 8.61 -9.38 -4.76
CA ARG B 14 7.95 -9.89 -5.99
C ARG B 14 6.92 -8.88 -6.47
N GLU B 15 6.38 -9.07 -7.65
CA GLU B 15 5.36 -8.11 -8.16
C GLU B 15 4.04 -8.84 -8.39
N GLY B 16 2.93 -8.17 -8.18
CA GLY B 16 1.61 -8.83 -8.39
C GLY B 16 0.73 -8.62 -7.16
N GLN B 17 -0.53 -8.34 -7.36
CA GLN B 17 -1.45 -8.14 -6.20
C GLN B 17 -0.86 -7.09 -5.26
N VAL B 18 -0.69 -5.88 -5.72
CA VAL B 18 -0.11 -4.82 -4.85
C VAL B 18 -0.98 -3.56 -4.91
N LEU B 19 -1.08 -2.85 -3.83
CA LEU B 19 -1.92 -1.61 -3.82
C LEU B 19 -1.02 -0.38 -3.79
N CYS B 20 -1.56 0.78 -4.00
CA CYS B 20 -0.73 2.01 -3.99
C CYS B 20 -0.84 2.72 -2.63
N CYS B 21 0.26 3.24 -2.12
CA CYS B 21 0.20 3.96 -0.81
C CYS B 21 0.12 5.47 -1.08
N GLU B 22 0.54 6.30 -0.16
CA GLU B 22 0.45 7.77 -0.40
C GLU B 22 1.81 8.42 -0.16
N LEU B 23 2.45 8.10 0.93
CA LEU B 23 3.76 8.75 1.22
C LEU B 23 4.84 7.66 1.32
N CYS B 24 4.77 6.67 0.49
CA CYS B 24 5.80 5.59 0.51
C CYS B 24 5.81 4.87 -0.84
N PRO B 25 6.74 3.98 -1.01
CA PRO B 25 6.89 3.17 -2.25
C PRO B 25 5.62 3.19 -3.09
N ARG B 26 5.70 3.66 -4.31
CA ARG B 26 4.50 3.77 -5.18
C ARG B 26 3.54 2.59 -4.99
N VAL B 27 4.04 1.39 -4.85
CA VAL B 27 3.11 0.24 -4.72
C VAL B 27 3.48 -0.61 -3.50
N TYR B 28 2.54 -1.35 -2.96
CA TYR B 28 2.85 -2.20 -1.79
C TYR B 28 1.93 -3.44 -1.78
N HIS B 29 2.28 -4.40 -0.99
CA HIS B 29 1.52 -5.68 -0.92
C HIS B 29 0.28 -5.59 -0.02
N ALA B 30 -0.78 -6.24 -0.41
CA ALA B 30 -2.00 -6.31 0.44
C ALA B 30 -2.09 -7.74 0.96
N LYS B 31 -1.46 -8.65 0.26
CA LYS B 31 -1.46 -10.07 0.66
C LYS B 31 -0.59 -10.21 1.91
N CYS B 32 0.63 -9.74 1.82
CA CYS B 32 1.54 -9.81 2.97
C CYS B 32 0.86 -9.18 4.17
N LEU B 33 0.11 -8.14 3.95
CA LEU B 33 -0.63 -7.48 5.06
C LEU B 33 -1.83 -8.35 5.40
N ARG B 34 -2.15 -9.28 4.55
CA ARG B 34 -3.32 -10.18 4.80
C ARG B 34 -4.60 -9.36 4.83
N LEU B 35 -4.76 -8.47 3.90
CA LEU B 35 -6.01 -7.64 3.86
C LEU B 35 -7.10 -8.40 3.10
N THR B 36 -8.33 -8.24 3.49
CA THR B 36 -9.44 -8.94 2.79
C THR B 36 -10.25 -7.94 1.96
N SER B 37 -9.81 -6.70 1.93
CA SER B 37 -10.55 -5.68 1.14
C SER B 37 -9.55 -4.73 0.49
N GLU B 38 -10.01 -3.86 -0.38
CA GLU B 38 -9.10 -2.91 -1.05
C GLU B 38 -9.45 -1.48 -0.64
N PRO B 39 -8.75 -0.95 0.32
CA PRO B 39 -8.99 0.44 0.82
C PRO B 39 -8.98 1.47 -0.32
N GLU B 40 -9.72 2.53 -0.18
CA GLU B 40 -9.76 3.56 -1.26
C GLU B 40 -9.16 4.86 -0.73
N GLY B 41 -8.53 5.62 -1.59
CA GLY B 41 -7.92 6.91 -1.14
C GLY B 41 -6.47 6.67 -0.70
N ASP B 42 -5.94 7.54 0.10
CA ASP B 42 -4.53 7.37 0.56
C ASP B 42 -4.47 6.30 1.66
N TRP B 43 -3.91 5.16 1.34
CA TRP B 43 -3.79 4.08 2.37
C TRP B 43 -2.41 4.16 3.02
N PHE B 44 -2.32 3.87 4.28
CA PHE B 44 -1.00 3.95 4.97
C PHE B 44 -0.51 2.56 5.36
N CYS B 45 0.55 2.09 4.76
CA CYS B 45 1.08 0.75 5.15
C CYS B 45 1.78 0.87 6.51
N PRO B 46 1.77 -0.18 7.27
CA PRO B 46 2.40 -0.18 8.62
C PRO B 46 3.68 0.66 8.63
N GLU B 47 4.36 0.72 7.51
CA GLU B 47 5.62 1.51 7.45
C GLU B 47 5.29 2.99 7.70
N CYS B 48 4.32 3.53 7.01
CA CYS B 48 3.99 4.97 7.23
C CYS B 48 3.29 5.13 8.59
N GLU B 49 2.37 4.26 8.90
CA GLU B 49 1.65 4.34 10.20
C GLU B 49 2.64 4.25 11.35
N LYS B 50 3.68 3.46 11.22
CA LYS B 50 4.66 3.31 12.33
C LYS B 50 5.34 4.65 12.62
N ILE B 51 5.78 5.33 11.60
CA ILE B 51 6.46 6.64 11.82
C ILE B 51 5.41 7.73 12.07
N THR B 52 4.19 7.49 11.66
CA THR B 52 3.13 8.52 11.88
C THR B 52 2.81 8.63 13.37
N VAL B 53 2.75 7.52 14.06
CA VAL B 53 2.44 7.58 15.52
C VAL B 53 3.69 8.01 16.29
N ALA B 54 4.86 7.71 15.78
CA ALA B 54 6.10 8.11 16.49
C ALA B 54 6.19 9.63 16.55
N GLU B 55 5.66 10.31 15.57
CA GLU B 55 5.71 11.79 15.58
C GLU B 55 7.14 12.26 15.86
N CYS B 56 8.06 11.94 14.99
CA CYS B 56 9.47 12.35 15.20
C CYS B 56 9.94 11.87 16.58
N ILE B 57 10.70 10.80 16.61
CA ILE B 57 11.17 10.27 17.91
C ILE B 57 11.99 11.36 18.62
N GLU B 58 12.74 12.13 17.88
CA GLU B 58 13.56 13.20 18.52
C GLU B 58 12.76 14.51 18.55
N THR B 59 12.98 15.33 19.54
CA THR B 59 12.23 16.61 19.61
C THR B 59 12.86 17.63 18.67
N GLN B 60 12.06 18.36 17.94
CA GLN B 60 12.61 19.37 17.01
C GLN B 60 13.51 20.35 17.77
N SER B 61 13.12 20.72 18.96
CA SER B 61 13.94 21.67 19.76
C SER B 61 15.13 20.92 20.39
N SER A 1 -6.78 -4.80 -20.62
CA SER A 1 -6.88 -3.66 -19.65
C SER A 1 -7.74 -4.09 -18.46
N THR A 2 -7.14 -4.59 -17.42
CA THR A 2 -7.92 -5.03 -16.24
C THR A 2 -7.14 -4.68 -14.96
N GLY A 3 -7.81 -4.61 -13.85
CA GLY A 3 -7.12 -4.27 -12.57
C GLY A 3 -6.19 -5.42 -12.19
N ARG A 4 -5.02 -5.12 -11.71
CA ARG A 4 -4.07 -6.20 -11.31
C ARG A 4 -4.30 -6.56 -9.85
N VAL A 5 -5.28 -5.98 -9.23
CA VAL A 5 -5.56 -6.29 -7.79
C VAL A 5 -7.06 -6.45 -7.58
N LYS A 6 -7.47 -7.29 -6.68
CA LYS A 6 -8.92 -7.49 -6.43
C LYS A 6 -9.58 -6.14 -6.15
N LYS A 7 -10.76 -5.93 -6.67
CA LYS A 7 -11.45 -4.63 -6.44
C LYS A 7 -12.95 -4.86 -6.30
N PRO A 8 -13.34 -5.63 -5.32
CA PRO A 8 -14.78 -5.96 -5.07
C PRO A 8 -15.56 -4.74 -4.56
N HIS A 9 -15.05 -4.08 -3.56
CA HIS A 9 -15.77 -2.88 -3.02
C HIS A 9 -14.75 -1.86 -2.55
N ARG A 10 -15.06 -0.59 -2.65
CA ARG A 10 -14.11 0.46 -2.21
C ARG A 10 -13.74 0.24 -0.74
N TYR A 11 -14.67 -0.22 0.05
CA TYR A 11 -14.39 -0.45 1.49
C TYR A 11 -13.65 -1.78 1.65
N GLN B 1 -0.02 -4.27 -19.51
CA GLN B 1 0.81 -3.31 -18.73
C GLN B 1 0.16 -1.92 -18.77
N ASP B 2 -0.78 -1.68 -17.89
CA ASP B 2 -1.45 -0.35 -17.88
C ASP B 2 -0.42 0.74 -17.59
N GLY B 3 0.56 0.44 -16.79
CA GLY B 3 1.60 1.46 -16.46
C GLY B 3 1.18 2.24 -15.21
N ARG B 4 0.07 1.90 -14.64
CA ARG B 4 -0.40 2.61 -13.41
C ARG B 4 -0.26 1.69 -12.20
N ASN B 5 0.18 2.22 -11.09
CA ASN B 5 0.34 1.38 -9.88
C ASN B 5 1.12 0.11 -10.23
N ASP B 6 1.74 0.09 -11.38
CA ASP B 6 2.52 -1.12 -11.78
C ASP B 6 3.97 -0.97 -11.30
N PHE B 7 4.47 -1.95 -10.59
CA PHE B 7 5.88 -1.86 -10.09
C PHE B 7 6.27 -3.17 -9.40
N TYR B 8 6.54 -3.13 -8.12
CA TYR B 8 6.94 -4.39 -7.39
C TYR B 8 6.67 -4.26 -5.88
N CYS B 9 6.26 -5.33 -5.24
CA CYS B 9 6.01 -5.29 -3.77
C CYS B 9 7.37 -5.58 -3.11
N TRP B 10 7.83 -4.69 -2.27
CA TRP B 10 9.15 -4.89 -1.62
C TRP B 10 9.17 -6.18 -0.78
N VAL B 11 8.04 -6.68 -0.36
CA VAL B 11 8.06 -7.93 0.46
C VAL B 11 8.42 -9.14 -0.40
N CYS B 12 7.90 -9.23 -1.59
CA CYS B 12 8.22 -10.40 -2.46
C CYS B 12 9.17 -9.96 -3.56
N HIS B 13 9.29 -8.70 -3.81
CA HIS B 13 10.16 -8.25 -4.91
C HIS B 13 9.55 -8.72 -6.23
N ARG B 14 8.30 -9.10 -6.20
CA ARG B 14 7.61 -9.57 -7.43
C ARG B 14 6.34 -8.75 -7.65
N GLU B 15 5.94 -8.59 -8.88
CA GLU B 15 4.70 -7.79 -9.17
C GLU B 15 3.49 -8.72 -9.17
N GLY B 16 2.36 -8.24 -8.71
CA GLY B 16 1.14 -9.10 -8.69
C GLY B 16 0.25 -8.70 -7.51
N GLN B 17 -0.98 -8.33 -7.77
CA GLN B 17 -1.89 -7.94 -6.67
C GLN B 17 -1.20 -6.92 -5.77
N VAL B 18 -1.11 -5.69 -6.20
CA VAL B 18 -0.43 -4.66 -5.37
C VAL B 18 -1.32 -3.42 -5.26
N LEU B 19 -1.26 -2.72 -4.15
CA LEU B 19 -2.09 -1.50 -4.00
C LEU B 19 -1.17 -0.29 -3.80
N CYS B 20 -1.65 0.89 -4.09
CA CYS B 20 -0.79 2.11 -3.94
C CYS B 20 -1.00 2.73 -2.55
N CYS B 21 0.06 3.21 -1.94
CA CYS B 21 -0.10 3.87 -0.60
C CYS B 21 -0.26 5.38 -0.81
N GLU B 22 0.06 6.18 0.17
CA GLU B 22 -0.13 7.65 0.01
C GLU B 22 1.19 8.38 0.24
N LEU B 23 1.86 8.08 1.33
CA LEU B 23 3.13 8.80 1.64
C LEU B 23 4.29 7.81 1.59
N CYS B 24 4.09 6.67 0.99
CA CYS B 24 5.20 5.67 0.88
C CYS B 24 5.24 5.11 -0.55
N PRO B 25 6.26 4.37 -0.85
CA PRO B 25 6.45 3.74 -2.18
C PRO B 25 5.14 3.69 -2.97
N ARG B 26 5.09 4.35 -4.08
CA ARG B 26 3.84 4.41 -4.89
C ARG B 26 3.10 3.06 -4.90
N VAL B 27 3.82 1.96 -4.89
CA VAL B 27 3.12 0.64 -4.97
C VAL B 27 3.47 -0.22 -3.75
N TYR B 28 2.52 -0.98 -3.27
CA TYR B 28 2.82 -1.87 -2.11
C TYR B 28 1.87 -3.08 -2.12
N HIS B 29 2.22 -4.09 -1.39
CA HIS B 29 1.43 -5.36 -1.35
C HIS B 29 0.33 -5.34 -0.29
N ALA B 30 -0.80 -5.92 -0.62
CA ALA B 30 -1.91 -6.05 0.36
C ALA B 30 -2.00 -7.53 0.72
N LYS B 31 -1.52 -8.37 -0.18
CA LYS B 31 -1.56 -9.83 0.03
C LYS B 31 -0.55 -10.17 1.13
N CYS B 32 0.65 -9.66 0.99
CA CYS B 32 1.70 -9.93 2.01
C CYS B 32 1.15 -9.55 3.38
N LEU B 33 0.37 -8.50 3.43
CA LEU B 33 -0.23 -8.07 4.72
C LEU B 33 -1.47 -8.91 4.97
N ARG B 34 -1.84 -9.72 4.01
CA ARG B 34 -3.05 -10.58 4.17
C ARG B 34 -4.30 -9.70 4.23
N LEU B 35 -4.40 -8.74 3.36
CA LEU B 35 -5.61 -7.86 3.37
C LEU B 35 -6.71 -8.51 2.54
N THR B 36 -7.81 -8.86 3.17
CA THR B 36 -8.92 -9.51 2.42
C THR B 36 -9.80 -8.44 1.78
N SER B 37 -9.65 -7.21 2.19
CA SER B 37 -10.49 -6.12 1.61
C SER B 37 -9.59 -5.19 0.79
N GLU B 38 -10.17 -4.35 -0.03
CA GLU B 38 -9.35 -3.42 -0.84
C GLU B 38 -9.68 -1.97 -0.46
N PRO B 39 -8.94 -1.42 0.44
CA PRO B 39 -9.15 -0.02 0.92
C PRO B 39 -9.16 0.98 -0.23
N GLU B 40 -9.87 2.06 -0.10
CA GLU B 40 -9.92 3.07 -1.19
C GLU B 40 -9.42 4.42 -0.66
N GLY B 41 -8.78 5.19 -1.50
CA GLY B 41 -8.27 6.51 -1.05
C GLY B 41 -6.85 6.36 -0.50
N ASP B 42 -6.43 7.26 0.34
CA ASP B 42 -5.04 7.17 0.90
C ASP B 42 -4.99 6.08 1.96
N TRP B 43 -4.34 4.99 1.68
CA TRP B 43 -4.23 3.89 2.68
C TRP B 43 -2.83 3.92 3.31
N PHE B 44 -2.74 3.60 4.57
CA PHE B 44 -1.40 3.63 5.25
C PHE B 44 -0.93 2.21 5.54
N CYS B 45 0.07 1.74 4.84
CA CYS B 45 0.58 0.37 5.12
C CYS B 45 1.22 0.37 6.52
N PRO B 46 1.16 -0.74 7.19
CA PRO B 46 1.72 -0.87 8.56
C PRO B 46 3.03 -0.10 8.68
N GLU B 47 3.77 0.01 7.62
CA GLU B 47 5.06 0.74 7.67
C GLU B 47 4.79 2.22 7.97
N CYS B 48 3.91 2.85 7.26
CA CYS B 48 3.63 4.28 7.54
C CYS B 48 2.88 4.41 8.88
N GLU B 49 1.97 3.51 9.15
CA GLU B 49 1.22 3.57 10.44
C GLU B 49 2.20 3.47 11.63
N LYS B 50 3.22 2.66 11.50
CA LYS B 50 4.19 2.52 12.63
C LYS B 50 4.85 3.87 12.93
N ILE B 51 5.24 4.59 11.92
CA ILE B 51 5.89 5.91 12.14
C ILE B 51 4.92 6.83 12.90
N THR B 52 3.66 6.74 12.62
CA THR B 52 2.66 7.62 13.32
C THR B 52 2.56 7.20 14.79
N VAL B 53 2.64 5.93 15.07
CA VAL B 53 2.55 5.48 16.50
C VAL B 53 3.73 6.04 17.28
N ALA B 54 4.89 6.11 16.69
CA ALA B 54 6.07 6.65 17.41
C ALA B 54 7.02 7.31 16.42
N GLU B 55 6.60 8.38 15.79
CA GLU B 55 7.49 9.07 14.82
C GLU B 55 8.79 9.46 15.50
N CYS B 56 8.73 10.35 16.45
CA CYS B 56 9.97 10.78 17.15
C CYS B 56 10.85 11.59 16.20
N ILE B 57 10.73 11.34 14.93
CA ILE B 57 11.58 12.09 13.95
C ILE B 57 11.28 13.59 14.08
N GLU B 58 10.05 13.95 14.31
CA GLU B 58 9.70 15.39 14.44
C GLU B 58 9.73 15.79 15.91
N THR B 59 10.27 16.95 16.21
CA THR B 59 10.33 17.39 17.63
C THR B 59 10.04 18.90 17.71
N GLN B 60 9.64 19.38 18.85
CA GLN B 60 9.35 20.83 18.99
C GLN B 60 10.58 21.64 18.59
N SER B 61 11.75 21.16 18.91
CA SER B 61 12.99 21.90 18.56
C SER B 61 14.21 21.08 18.97
#